data_2E12
# 
_entry.id   2E12 
# 
_audit_conform.dict_name       mmcif_pdbx.dic 
_audit_conform.dict_version    5.388 
_audit_conform.dict_location   http://mmcif.pdb.org/dictionaries/ascii/mmcif_pdbx.dic 
# 
loop_
_database_2.database_id 
_database_2.database_code 
_database_2.pdbx_database_accession 
_database_2.pdbx_DOI 
PDB   2E12         pdb_00002e12 10.2210/pdb2e12/pdb 
RCSB  RCSB026092   ?            ?                   
WWPDB D_1000026092 ?            ?                   
# 
loop_
_pdbx_audit_revision_history.ordinal 
_pdbx_audit_revision_history.data_content_type 
_pdbx_audit_revision_history.major_revision 
_pdbx_audit_revision_history.minor_revision 
_pdbx_audit_revision_history.revision_date 
1 'Structure model' 1 0 2007-10-30 
2 'Structure model' 1 1 2011-07-13 
3 'Structure model' 1 2 2019-11-06 
4 'Structure model' 1 3 2024-03-13 
# 
_pdbx_audit_revision_details.ordinal             1 
_pdbx_audit_revision_details.revision_ordinal    1 
_pdbx_audit_revision_details.data_content_type   'Structure model' 
_pdbx_audit_revision_details.provider            repository 
_pdbx_audit_revision_details.type                'Initial release' 
_pdbx_audit_revision_details.description         ? 
_pdbx_audit_revision_details.details             ? 
# 
loop_
_pdbx_audit_revision_group.ordinal 
_pdbx_audit_revision_group.revision_ordinal 
_pdbx_audit_revision_group.data_content_type 
_pdbx_audit_revision_group.group 
1 2 'Structure model' 'Version format compliance' 
2 3 'Structure model' 'Data collection'           
3 4 'Structure model' 'Data collection'           
4 4 'Structure model' 'Database references'       
# 
loop_
_pdbx_audit_revision_category.ordinal 
_pdbx_audit_revision_category.revision_ordinal 
_pdbx_audit_revision_category.data_content_type 
_pdbx_audit_revision_category.category 
1 3 'Structure model' reflns_shell   
2 4 'Structure model' chem_comp_atom 
3 4 'Structure model' chem_comp_bond 
4 4 'Structure model' database_2     
# 
loop_
_pdbx_audit_revision_item.ordinal 
_pdbx_audit_revision_item.revision_ordinal 
_pdbx_audit_revision_item.data_content_type 
_pdbx_audit_revision_item.item 
1 3 'Structure model' '_reflns_shell.Rmerge_I_obs'          
2 4 'Structure model' '_database_2.pdbx_DOI'                
3 4 'Structure model' '_database_2.pdbx_database_accession' 
# 
_pdbx_database_status.status_code                     REL 
_pdbx_database_status.entry_id                        2E12 
_pdbx_database_status.recvd_initial_deposition_date   2006-10-17 
_pdbx_database_status.deposit_site                    PDBJ 
_pdbx_database_status.process_site                    PDBJ 
_pdbx_database_status.status_code_sf                  ? 
_pdbx_database_status.status_code_mr                  ? 
_pdbx_database_status.SG_entry                        ? 
_pdbx_database_status.pdb_format_compatible           Y 
_pdbx_database_status.status_code_cs                  ? 
_pdbx_database_status.methods_development_category    ? 
_pdbx_database_status.status_code_nmr_data            ? 
# 
loop_
_audit_author.name 
_audit_author.pdbx_ordinal 
'Chin, K.-H.'   1 
'Ruan, S.-K.'   2 
'Wang, A.H.-J.' 3 
'Chou, S.-H.'   4 
# 
_citation.id                        primary 
_citation.title                     'XC5848, an ORFan protein from Xanthomonas campestris, adopts a novel variant of Sm-like motif' 
_citation.journal_abbrev            Proteins 
_citation.journal_volume            68 
_citation.page_first                1006 
_citation.page_last                 1010 
_citation.year                      2007 
_citation.journal_id_ASTM           PSFGEY 
_citation.country                   US 
_citation.journal_id_ISSN           0887-3585 
_citation.journal_id_CSD            0867 
_citation.book_publisher            ? 
_citation.pdbx_database_id_PubMed   17546661 
_citation.pdbx_database_id_DOI      10.1002/prot.21375 
# 
loop_
_citation_author.citation_id 
_citation_author.name 
_citation_author.ordinal 
_citation_author.identifier_ORCID 
primary 'Chin, K.-H.'   1 ? 
primary 'Ruan, S.-K.'   2 ? 
primary 'Wang, A.H.-J.' 3 ? 
primary 'Chou, S.-H.'   4 ? 
# 
loop_
_entity.id 
_entity.type 
_entity.src_method 
_entity.pdbx_description 
_entity.formula_weight 
_entity.pdbx_number_of_molecules 
_entity.pdbx_ec 
_entity.pdbx_mutation 
_entity.pdbx_fragment 
_entity.details 
1 polymer man 'Hypothetical protein XCC3642' 11571.090 2   ? ? ? ? 
2 water   nat water                          18.015    122 ? ? ? ? 
# 
_entity_name_com.entity_id   1 
_entity_name_com.name        'Sm-like motif' 
# 
_entity_poly.entity_id                      1 
_entity_poly.type                           'polypeptide(L)' 
_entity_poly.nstd_linkage                   no 
_entity_poly.nstd_monomer                   no 
_entity_poly.pdbx_seq_one_letter_code       
;MPKYAPHVYTEQAQIATLEHWVKLLDGQERVRIELDDGSMIAGTVAVRPTIQTYRDEQEREGSNGQLRIDHLDASQEPQW
IWMDRIVAVHPMPLGAPQVMP
;
_entity_poly.pdbx_seq_one_letter_code_can   
;MPKYAPHVYTEQAQIATLEHWVKLLDGQERVRIELDDGSMIAGTVAVRPTIQTYRDEQEREGSNGQLRIDHLDASQEPQW
IWMDRIVAVHPMPLGAPQVMP
;
_entity_poly.pdbx_strand_id                 A,B 
_entity_poly.pdbx_target_identifier         ? 
# 
_pdbx_entity_nonpoly.entity_id   2 
_pdbx_entity_nonpoly.name        water 
_pdbx_entity_nonpoly.comp_id     HOH 
# 
loop_
_entity_poly_seq.entity_id 
_entity_poly_seq.num 
_entity_poly_seq.mon_id 
_entity_poly_seq.hetero 
1 1   MET n 
1 2   PRO n 
1 3   LYS n 
1 4   TYR n 
1 5   ALA n 
1 6   PRO n 
1 7   HIS n 
1 8   VAL n 
1 9   TYR n 
1 10  THR n 
1 11  GLU n 
1 12  GLN n 
1 13  ALA n 
1 14  GLN n 
1 15  ILE n 
1 16  ALA n 
1 17  THR n 
1 18  LEU n 
1 19  GLU n 
1 20  HIS n 
1 21  TRP n 
1 22  VAL n 
1 23  LYS n 
1 24  LEU n 
1 25  LEU n 
1 26  ASP n 
1 27  GLY n 
1 28  GLN n 
1 29  GLU n 
1 30  ARG n 
1 31  VAL n 
1 32  ARG n 
1 33  ILE n 
1 34  GLU n 
1 35  LEU n 
1 36  ASP n 
1 37  ASP n 
1 38  GLY n 
1 39  SER n 
1 40  MET n 
1 41  ILE n 
1 42  ALA n 
1 43  GLY n 
1 44  THR n 
1 45  VAL n 
1 46  ALA n 
1 47  VAL n 
1 48  ARG n 
1 49  PRO n 
1 50  THR n 
1 51  ILE n 
1 52  GLN n 
1 53  THR n 
1 54  TYR n 
1 55  ARG n 
1 56  ASP n 
1 57  GLU n 
1 58  GLN n 
1 59  GLU n 
1 60  ARG n 
1 61  GLU n 
1 62  GLY n 
1 63  SER n 
1 64  ASN n 
1 65  GLY n 
1 66  GLN n 
1 67  LEU n 
1 68  ARG n 
1 69  ILE n 
1 70  ASP n 
1 71  HIS n 
1 72  LEU n 
1 73  ASP n 
1 74  ALA n 
1 75  SER n 
1 76  GLN n 
1 77  GLU n 
1 78  PRO n 
1 79  GLN n 
1 80  TRP n 
1 81  ILE n 
1 82  TRP n 
1 83  MET n 
1 84  ASP n 
1 85  ARG n 
1 86  ILE n 
1 87  VAL n 
1 88  ALA n 
1 89  VAL n 
1 90  HIS n 
1 91  PRO n 
1 92  MET n 
1 93  PRO n 
1 94  LEU n 
1 95  GLY n 
1 96  ALA n 
1 97  PRO n 
1 98  GLN n 
1 99  VAL n 
1 100 MET n 
1 101 PRO n 
# 
_entity_src_gen.entity_id                          1 
_entity_src_gen.pdbx_src_id                        1 
_entity_src_gen.pdbx_alt_source_flag               sample 
_entity_src_gen.pdbx_seq_type                      ? 
_entity_src_gen.pdbx_beg_seq_num                   ? 
_entity_src_gen.pdbx_end_seq_num                   ? 
_entity_src_gen.gene_src_common_name               ? 
_entity_src_gen.gene_src_genus                     Xanthomonas 
_entity_src_gen.pdbx_gene_src_gene                 ? 
_entity_src_gen.gene_src_species                   'Xanthomonas campestris' 
_entity_src_gen.gene_src_strain                    'pv. campestris' 
_entity_src_gen.gene_src_tissue                    ? 
_entity_src_gen.gene_src_tissue_fraction           ? 
_entity_src_gen.gene_src_details                   ? 
_entity_src_gen.pdbx_gene_src_fragment             ? 
_entity_src_gen.pdbx_gene_src_scientific_name      'Xanthomonas campestris pv. campestris' 
_entity_src_gen.pdbx_gene_src_ncbi_taxonomy_id     340 
_entity_src_gen.pdbx_gene_src_variant              ? 
_entity_src_gen.pdbx_gene_src_cell_line            ? 
_entity_src_gen.pdbx_gene_src_atcc                 ? 
_entity_src_gen.pdbx_gene_src_organ                ? 
_entity_src_gen.pdbx_gene_src_organelle            ? 
_entity_src_gen.pdbx_gene_src_cell                 ? 
_entity_src_gen.pdbx_gene_src_cellular_location    ? 
_entity_src_gen.host_org_common_name               ? 
_entity_src_gen.pdbx_host_org_scientific_name      'Escherichia coli' 
_entity_src_gen.pdbx_host_org_ncbi_taxonomy_id     562 
_entity_src_gen.host_org_genus                     Escherichia 
_entity_src_gen.pdbx_host_org_gene                 ? 
_entity_src_gen.pdbx_host_org_organ                ? 
_entity_src_gen.host_org_species                   ? 
_entity_src_gen.pdbx_host_org_tissue               ? 
_entity_src_gen.pdbx_host_org_tissue_fraction      ? 
_entity_src_gen.pdbx_host_org_strain               ? 
_entity_src_gen.pdbx_host_org_variant              ? 
_entity_src_gen.pdbx_host_org_cell_line            ? 
_entity_src_gen.pdbx_host_org_atcc                 ? 
_entity_src_gen.pdbx_host_org_culture_collection   ? 
_entity_src_gen.pdbx_host_org_cell                 ? 
_entity_src_gen.pdbx_host_org_organelle            ? 
_entity_src_gen.pdbx_host_org_cellular_location    ? 
_entity_src_gen.pdbx_host_org_vector_type          ? 
_entity_src_gen.pdbx_host_org_vector               ? 
_entity_src_gen.host_org_details                   ? 
_entity_src_gen.expression_system_id               ? 
_entity_src_gen.plasmid_name                       ? 
_entity_src_gen.plasmid_details                    ? 
_entity_src_gen.pdbx_description                   ? 
# 
loop_
_chem_comp.id 
_chem_comp.type 
_chem_comp.mon_nstd_flag 
_chem_comp.name 
_chem_comp.pdbx_synonyms 
_chem_comp.formula 
_chem_comp.formula_weight 
ALA 'L-peptide linking' y ALANINE         ? 'C3 H7 N O2'     89.093  
ARG 'L-peptide linking' y ARGININE        ? 'C6 H15 N4 O2 1' 175.209 
ASN 'L-peptide linking' y ASPARAGINE      ? 'C4 H8 N2 O3'    132.118 
ASP 'L-peptide linking' y 'ASPARTIC ACID' ? 'C4 H7 N O4'     133.103 
GLN 'L-peptide linking' y GLUTAMINE       ? 'C5 H10 N2 O3'   146.144 
GLU 'L-peptide linking' y 'GLUTAMIC ACID' ? 'C5 H9 N O4'     147.129 
GLY 'peptide linking'   y GLYCINE         ? 'C2 H5 N O2'     75.067  
HIS 'L-peptide linking' y HISTIDINE       ? 'C6 H10 N3 O2 1' 156.162 
HOH non-polymer         . WATER           ? 'H2 O'           18.015  
ILE 'L-peptide linking' y ISOLEUCINE      ? 'C6 H13 N O2'    131.173 
LEU 'L-peptide linking' y LEUCINE         ? 'C6 H13 N O2'    131.173 
LYS 'L-peptide linking' y LYSINE          ? 'C6 H15 N2 O2 1' 147.195 
MET 'L-peptide linking' y METHIONINE      ? 'C5 H11 N O2 S'  149.211 
PRO 'L-peptide linking' y PROLINE         ? 'C5 H9 N O2'     115.130 
SER 'L-peptide linking' y SERINE          ? 'C3 H7 N O3'     105.093 
THR 'L-peptide linking' y THREONINE       ? 'C4 H9 N O3'     119.119 
TRP 'L-peptide linking' y TRYPTOPHAN      ? 'C11 H12 N2 O2'  204.225 
TYR 'L-peptide linking' y TYROSINE        ? 'C9 H11 N O3'    181.189 
VAL 'L-peptide linking' y VALINE          ? 'C5 H11 N O2'    117.146 
# 
loop_
_pdbx_poly_seq_scheme.asym_id 
_pdbx_poly_seq_scheme.entity_id 
_pdbx_poly_seq_scheme.seq_id 
_pdbx_poly_seq_scheme.mon_id 
_pdbx_poly_seq_scheme.ndb_seq_num 
_pdbx_poly_seq_scheme.pdb_seq_num 
_pdbx_poly_seq_scheme.auth_seq_num 
_pdbx_poly_seq_scheme.pdb_mon_id 
_pdbx_poly_seq_scheme.auth_mon_id 
_pdbx_poly_seq_scheme.pdb_strand_id 
_pdbx_poly_seq_scheme.pdb_ins_code 
_pdbx_poly_seq_scheme.hetero 
A 1 1   MET 1   1   1  MET MET A . n 
A 1 2   PRO 2   2   2  PRO PRO A . n 
A 1 3   LYS 3   3   3  LYS LYS A . n 
A 1 4   TYR 4   4   4  TYR TYR A . n 
A 1 5   ALA 5   5   5  ALA ALA A . n 
A 1 6   PRO 6   6   6  PRO PRO A . n 
A 1 7   HIS 7   7   7  HIS HIS A . n 
A 1 8   VAL 8   8   8  VAL VAL A . n 
A 1 9   TYR 9   9   9  TYR TYR A . n 
A 1 10  THR 10  10  10 THR THR A . n 
A 1 11  GLU 11  11  11 GLU GLU A . n 
A 1 12  GLN 12  12  12 GLN GLN A . n 
A 1 13  ALA 13  13  13 ALA ALA A . n 
A 1 14  GLN 14  14  14 GLN GLN A . n 
A 1 15  ILE 15  15  15 ILE ILE A . n 
A 1 16  ALA 16  16  16 ALA ALA A . n 
A 1 17  THR 17  17  17 THR THR A . n 
A 1 18  LEU 18  18  18 LEU LEU A . n 
A 1 19  GLU 19  19  19 GLU GLU A . n 
A 1 20  HIS 20  20  20 HIS HIS A . n 
A 1 21  TRP 21  21  21 TRP TRP A . n 
A 1 22  VAL 22  22  22 VAL VAL A . n 
A 1 23  LYS 23  23  23 LYS LYS A . n 
A 1 24  LEU 24  24  24 LEU LEU A . n 
A 1 25  LEU 25  25  25 LEU LEU A . n 
A 1 26  ASP 26  26  26 ASP ASP A . n 
A 1 27  GLY 27  27  27 GLY GLY A . n 
A 1 28  GLN 28  28  28 GLN GLN A . n 
A 1 29  GLU 29  29  29 GLU GLU A . n 
A 1 30  ARG 30  30  30 ARG ARG A . n 
A 1 31  VAL 31  31  31 VAL VAL A . n 
A 1 32  ARG 32  32  32 ARG ARG A . n 
A 1 33  ILE 33  33  33 ILE ILE A . n 
A 1 34  GLU 34  34  34 GLU GLU A . n 
A 1 35  LEU 35  35  35 LEU LEU A . n 
A 1 36  ASP 36  36  36 ASP ASP A . n 
A 1 37  ASP 37  37  37 ASP ASP A . n 
A 1 38  GLY 38  38  38 GLY GLY A . n 
A 1 39  SER 39  39  39 SER SER A . n 
A 1 40  MET 40  40  40 MET MET A . n 
A 1 41  ILE 41  41  41 ILE ILE A . n 
A 1 42  ALA 42  42  42 ALA ALA A . n 
A 1 43  GLY 43  43  43 GLY GLY A . n 
A 1 44  THR 44  44  44 THR THR A . n 
A 1 45  VAL 45  45  45 VAL VAL A . n 
A 1 46  ALA 46  46  46 ALA ALA A . n 
A 1 47  VAL 47  47  47 VAL VAL A . n 
A 1 48  ARG 48  48  48 ARG ARG A . n 
A 1 49  PRO 49  49  49 PRO PRO A . n 
A 1 50  THR 50  50  50 THR THR A . n 
A 1 51  ILE 51  51  51 ILE ILE A . n 
A 1 52  GLN 52  52  52 GLN GLN A . n 
A 1 53  THR 53  53  53 THR THR A . n 
A 1 54  TYR 54  54  54 TYR TYR A . n 
A 1 55  ARG 55  55  55 ARG ARG A . n 
A 1 56  ASP 56  56  56 ASP ASP A . n 
A 1 57  GLU 57  57  57 GLU GLU A . n 
A 1 58  GLN 58  58  58 GLN GLN A . n 
A 1 59  GLU 59  59  59 GLU GLU A . n 
A 1 60  ARG 60  60  60 ARG ARG A . n 
A 1 61  GLU 61  61  61 GLU GLU A . n 
A 1 62  GLY 62  62  62 GLY GLY A . n 
A 1 63  SER 63  63  63 SER SER A . n 
A 1 64  ASN 64  64  64 ASN ASN A . n 
A 1 65  GLY 65  65  65 GLY GLY A . n 
A 1 66  GLN 66  66  66 GLN GLN A . n 
A 1 67  LEU 67  67  67 LEU LEU A . n 
A 1 68  ARG 68  68  68 ARG ARG A . n 
A 1 69  ILE 69  69  69 ILE ILE A . n 
A 1 70  ASP 70  70  70 ASP ASP A . n 
A 1 71  HIS 71  71  71 HIS HIS A . n 
A 1 72  LEU 72  72  72 LEU LEU A . n 
A 1 73  ASP 73  73  73 ASP ASP A . n 
A 1 74  ALA 74  74  74 ALA ALA A . n 
A 1 75  SER 75  75  75 SER SER A . n 
A 1 76  GLN 76  76  76 GLN GLN A . n 
A 1 77  GLU 77  77  77 GLU GLU A . n 
A 1 78  PRO 78  78  78 PRO PRO A . n 
A 1 79  GLN 79  79  79 GLN GLN A . n 
A 1 80  TRP 80  80  80 TRP TRP A . n 
A 1 81  ILE 81  81  81 ILE ILE A . n 
A 1 82  TRP 82  82  82 TRP TRP A . n 
A 1 83  MET 83  83  83 MET MET A . n 
A 1 84  ASP 84  84  84 ASP ASP A . n 
A 1 85  ARG 85  85  85 ARG ARG A . n 
A 1 86  ILE 86  86  86 ILE ILE A . n 
A 1 87  VAL 87  87  87 VAL VAL A . n 
A 1 88  ALA 88  88  88 ALA ALA A . n 
A 1 89  VAL 89  89  89 VAL VAL A . n 
A 1 90  HIS 90  90  90 HIS HIS A . n 
A 1 91  PRO 91  91  91 PRO PRO A . n 
A 1 92  MET 92  92  92 MET MET A . n 
A 1 93  PRO 93  93  93 PRO PRO A . n 
A 1 94  LEU 94  94  ?  ?   ?   A . n 
A 1 95  GLY 95  95  ?  ?   ?   A . n 
A 1 96  ALA 96  96  ?  ?   ?   A . n 
A 1 97  PRO 97  97  ?  ?   ?   A . n 
A 1 98  GLN 98  98  ?  ?   ?   A . n 
A 1 99  VAL 99  99  ?  ?   ?   A . n 
A 1 100 MET 100 100 ?  ?   ?   A . n 
A 1 101 PRO 101 101 ?  ?   ?   A . n 
B 1 1   MET 1   1   1  MET MET B . n 
B 1 2   PRO 2   2   2  PRO PRO B . n 
B 1 3   LYS 3   3   3  LYS LYS B . n 
B 1 4   TYR 4   4   4  TYR TYR B . n 
B 1 5   ALA 5   5   5  ALA ALA B . n 
B 1 6   PRO 6   6   6  PRO PRO B . n 
B 1 7   HIS 7   7   7  HIS HIS B . n 
B 1 8   VAL 8   8   8  VAL VAL B . n 
B 1 9   TYR 9   9   9  TYR TYR B . n 
B 1 10  THR 10  10  10 THR THR B . n 
B 1 11  GLU 11  11  11 GLU GLU B . n 
B 1 12  GLN 12  12  12 GLN GLN B . n 
B 1 13  ALA 13  13  13 ALA ALA B . n 
B 1 14  GLN 14  14  14 GLN GLN B . n 
B 1 15  ILE 15  15  15 ILE ILE B . n 
B 1 16  ALA 16  16  16 ALA ALA B . n 
B 1 17  THR 17  17  17 THR THR B . n 
B 1 18  LEU 18  18  18 LEU LEU B . n 
B 1 19  GLU 19  19  19 GLU GLU B . n 
B 1 20  HIS 20  20  20 HIS HIS B . n 
B 1 21  TRP 21  21  21 TRP TRP B . n 
B 1 22  VAL 22  22  22 VAL VAL B . n 
B 1 23  LYS 23  23  23 LYS LYS B . n 
B 1 24  LEU 24  24  24 LEU LEU B . n 
B 1 25  LEU 25  25  25 LEU LEU B . n 
B 1 26  ASP 26  26  26 ASP ASP B . n 
B 1 27  GLY 27  27  27 GLY GLY B . n 
B 1 28  GLN 28  28  28 GLN GLN B . n 
B 1 29  GLU 29  29  29 GLU GLU B . n 
B 1 30  ARG 30  30  30 ARG ARG B . n 
B 1 31  VAL 31  31  31 VAL VAL B . n 
B 1 32  ARG 32  32  32 ARG ARG B . n 
B 1 33  ILE 33  33  33 ILE ILE B . n 
B 1 34  GLU 34  34  34 GLU GLU B . n 
B 1 35  LEU 35  35  35 LEU LEU B . n 
B 1 36  ASP 36  36  36 ASP ASP B . n 
B 1 37  ASP 37  37  37 ASP ASP B . n 
B 1 38  GLY 38  38  38 GLY GLY B . n 
B 1 39  SER 39  39  39 SER SER B . n 
B 1 40  MET 40  40  40 MET MET B . n 
B 1 41  ILE 41  41  41 ILE ILE B . n 
B 1 42  ALA 42  42  42 ALA ALA B . n 
B 1 43  GLY 43  43  43 GLY GLY B . n 
B 1 44  THR 44  44  44 THR THR B . n 
B 1 45  VAL 45  45  45 VAL VAL B . n 
B 1 46  ALA 46  46  46 ALA ALA B . n 
B 1 47  VAL 47  47  47 VAL VAL B . n 
B 1 48  ARG 48  48  48 ARG ARG B . n 
B 1 49  PRO 49  49  49 PRO PRO B . n 
B 1 50  THR 50  50  50 THR THR B . n 
B 1 51  ILE 51  51  51 ILE ILE B . n 
B 1 52  GLN 52  52  52 GLN GLN B . n 
B 1 53  THR 53  53  53 THR THR B . n 
B 1 54  TYR 54  54  54 TYR TYR B . n 
B 1 55  ARG 55  55  55 ARG ARG B . n 
B 1 56  ASP 56  56  56 ASP ASP B . n 
B 1 57  GLU 57  57  57 GLU GLU B . n 
B 1 58  GLN 58  58  58 GLN GLN B . n 
B 1 59  GLU 59  59  59 GLU GLU B . n 
B 1 60  ARG 60  60  60 ARG ARG B . n 
B 1 61  GLU 61  61  61 GLU GLU B . n 
B 1 62  GLY 62  62  62 GLY GLY B . n 
B 1 63  SER 63  63  63 SER SER B . n 
B 1 64  ASN 64  64  64 ASN ASN B . n 
B 1 65  GLY 65  65  65 GLY GLY B . n 
B 1 66  GLN 66  66  66 GLN GLN B . n 
B 1 67  LEU 67  67  67 LEU LEU B . n 
B 1 68  ARG 68  68  68 ARG ARG B . n 
B 1 69  ILE 69  69  69 ILE ILE B . n 
B 1 70  ASP 70  70  70 ASP ASP B . n 
B 1 71  HIS 71  71  71 HIS HIS B . n 
B 1 72  LEU 72  72  72 LEU LEU B . n 
B 1 73  ASP 73  73  73 ASP ASP B . n 
B 1 74  ALA 74  74  74 ALA ALA B . n 
B 1 75  SER 75  75  75 SER SER B . n 
B 1 76  GLN 76  76  76 GLN GLN B . n 
B 1 77  GLU 77  77  77 GLU GLU B . n 
B 1 78  PRO 78  78  78 PRO PRO B . n 
B 1 79  GLN 79  79  79 GLN GLN B . n 
B 1 80  TRP 80  80  80 TRP TRP B . n 
B 1 81  ILE 81  81  81 ILE ILE B . n 
B 1 82  TRP 82  82  82 TRP TRP B . n 
B 1 83  MET 83  83  83 MET MET B . n 
B 1 84  ASP 84  84  84 ASP ASP B . n 
B 1 85  ARG 85  85  85 ARG ARG B . n 
B 1 86  ILE 86  86  86 ILE ILE B . n 
B 1 87  VAL 87  87  87 VAL VAL B . n 
B 1 88  ALA 88  88  88 ALA ALA B . n 
B 1 89  VAL 89  89  89 VAL VAL B . n 
B 1 90  HIS 90  90  90 HIS HIS B . n 
B 1 91  PRO 91  91  91 PRO PRO B . n 
B 1 92  MET 92  92  92 MET MET B . n 
B 1 93  PRO 93  93  93 PRO PRO B . n 
B 1 94  LEU 94  94  ?  ?   ?   B . n 
B 1 95  GLY 95  95  ?  ?   ?   B . n 
B 1 96  ALA 96  96  ?  ?   ?   B . n 
B 1 97  PRO 97  97  ?  ?   ?   B . n 
B 1 98  GLN 98  98  ?  ?   ?   B . n 
B 1 99  VAL 99  99  ?  ?   ?   B . n 
B 1 100 MET 100 100 ?  ?   ?   B . n 
B 1 101 PRO 101 101 ?  ?   ?   B . n 
# 
loop_
_pdbx_nonpoly_scheme.asym_id 
_pdbx_nonpoly_scheme.entity_id 
_pdbx_nonpoly_scheme.mon_id 
_pdbx_nonpoly_scheme.ndb_seq_num 
_pdbx_nonpoly_scheme.pdb_seq_num 
_pdbx_nonpoly_scheme.auth_seq_num 
_pdbx_nonpoly_scheme.pdb_mon_id 
_pdbx_nonpoly_scheme.auth_mon_id 
_pdbx_nonpoly_scheme.pdb_strand_id 
_pdbx_nonpoly_scheme.pdb_ins_code 
C 2 HOH 1  102 2   HOH HOH A . 
C 2 HOH 2  103 9   HOH HOH A . 
C 2 HOH 3  104 12  HOH HOH A . 
C 2 HOH 4  105 16  HOH HOH A . 
C 2 HOH 5  106 17  HOH HOH A . 
C 2 HOH 6  107 20  HOH HOH A . 
C 2 HOH 7  108 24  HOH HOH A . 
C 2 HOH 8  109 25  HOH HOH A . 
C 2 HOH 9  110 27  HOH HOH A . 
C 2 HOH 10 111 28  HOH HOH A . 
C 2 HOH 11 112 29  HOH HOH A . 
C 2 HOH 12 113 30  HOH HOH A . 
C 2 HOH 13 114 32  HOH HOH A . 
C 2 HOH 14 115 34  HOH HOH A . 
C 2 HOH 15 116 35  HOH HOH A . 
C 2 HOH 16 117 50  HOH HOH A . 
C 2 HOH 17 118 58  HOH HOH A . 
C 2 HOH 18 119 60  HOH HOH A . 
C 2 HOH 19 120 72  HOH HOH A . 
C 2 HOH 20 121 75  HOH HOH A . 
C 2 HOH 21 122 78  HOH HOH A . 
C 2 HOH 22 123 79  HOH HOH A . 
C 2 HOH 23 124 86  HOH HOH A . 
C 2 HOH 24 125 102 HOH HOH A . 
C 2 HOH 25 126 128 HOH HOH A . 
C 2 HOH 26 127 151 HOH HOH A . 
C 2 HOH 27 128 165 HOH HOH A . 
C 2 HOH 28 129 180 HOH HOH A . 
C 2 HOH 29 130 197 HOH HOH A . 
C 2 HOH 30 131 201 HOH HOH A . 
C 2 HOH 31 132 202 HOH HOH A . 
C 2 HOH 32 133 203 HOH HOH A . 
C 2 HOH 33 134 204 HOH HOH A . 
C 2 HOH 34 135 206 HOH HOH A . 
C 2 HOH 35 136 207 HOH HOH A . 
C 2 HOH 36 137 208 HOH HOH A . 
C 2 HOH 37 138 209 HOH HOH A . 
C 2 HOH 38 139 210 HOH HOH A . 
C 2 HOH 39 140 211 HOH HOH A . 
C 2 HOH 40 141 212 HOH HOH A . 
C 2 HOH 41 142 213 HOH HOH A . 
C 2 HOH 42 143 214 HOH HOH A . 
C 2 HOH 43 144 215 HOH HOH A . 
C 2 HOH 44 145 216 HOH HOH A . 
C 2 HOH 45 146 218 HOH HOH A . 
C 2 HOH 46 147 219 HOH HOH A . 
C 2 HOH 47 148 220 HOH HOH A . 
C 2 HOH 48 149 221 HOH HOH A . 
C 2 HOH 49 150 228 HOH HOH A . 
C 2 HOH 50 151 229 HOH HOH A . 
C 2 HOH 51 152 230 HOH HOH A . 
C 2 HOH 52 153 231 HOH HOH A . 
C 2 HOH 53 154 232 HOH HOH A . 
C 2 HOH 54 155 238 HOH HOH A . 
C 2 HOH 55 156 239 HOH HOH A . 
C 2 HOH 56 157 240 HOH HOH A . 
D 2 HOH 1  102 1   HOH HOH B . 
D 2 HOH 2  103 3   HOH HOH B . 
D 2 HOH 3  104 4   HOH HOH B . 
D 2 HOH 4  105 5   HOH HOH B . 
D 2 HOH 5  106 6   HOH HOH B . 
D 2 HOH 6  107 7   HOH HOH B . 
D 2 HOH 7  108 8   HOH HOH B . 
D 2 HOH 8  109 10  HOH HOH B . 
D 2 HOH 9  110 11  HOH HOH B . 
D 2 HOH 10 111 13  HOH HOH B . 
D 2 HOH 11 112 14  HOH HOH B . 
D 2 HOH 12 113 15  HOH HOH B . 
D 2 HOH 13 114 18  HOH HOH B . 
D 2 HOH 14 115 19  HOH HOH B . 
D 2 HOH 15 116 21  HOH HOH B . 
D 2 HOH 16 117 22  HOH HOH B . 
D 2 HOH 17 118 23  HOH HOH B . 
D 2 HOH 18 119 26  HOH HOH B . 
D 2 HOH 19 120 33  HOH HOH B . 
D 2 HOH 20 121 36  HOH HOH B . 
D 2 HOH 21 122 37  HOH HOH B . 
D 2 HOH 22 123 38  HOH HOH B . 
D 2 HOH 23 124 39  HOH HOH B . 
D 2 HOH 24 125 41  HOH HOH B . 
D 2 HOH 25 126 42  HOH HOH B . 
D 2 HOH 26 127 43  HOH HOH B . 
D 2 HOH 27 128 44  HOH HOH B . 
D 2 HOH 28 129 45  HOH HOH B . 
D 2 HOH 29 130 46  HOH HOH B . 
D 2 HOH 30 131 49  HOH HOH B . 
D 2 HOH 31 132 52  HOH HOH B . 
D 2 HOH 32 133 54  HOH HOH B . 
D 2 HOH 33 134 55  HOH HOH B . 
D 2 HOH 34 135 57  HOH HOH B . 
D 2 HOH 35 136 67  HOH HOH B . 
D 2 HOH 36 137 69  HOH HOH B . 
D 2 HOH 37 138 70  HOH HOH B . 
D 2 HOH 38 139 73  HOH HOH B . 
D 2 HOH 39 140 74  HOH HOH B . 
D 2 HOH 40 141 76  HOH HOH B . 
D 2 HOH 41 142 81  HOH HOH B . 
D 2 HOH 42 143 82  HOH HOH B . 
D 2 HOH 43 144 83  HOH HOH B . 
D 2 HOH 44 145 84  HOH HOH B . 
D 2 HOH 45 146 92  HOH HOH B . 
D 2 HOH 46 147 99  HOH HOH B . 
D 2 HOH 47 148 104 HOH HOH B . 
D 2 HOH 48 149 112 HOH HOH B . 
D 2 HOH 49 150 138 HOH HOH B . 
D 2 HOH 50 151 158 HOH HOH B . 
D 2 HOH 51 152 159 HOH HOH B . 
D 2 HOH 52 153 168 HOH HOH B . 
D 2 HOH 53 154 173 HOH HOH B . 
D 2 HOH 54 155 189 HOH HOH B . 
D 2 HOH 55 156 205 HOH HOH B . 
D 2 HOH 56 157 222 HOH HOH B . 
D 2 HOH 57 158 223 HOH HOH B . 
D 2 HOH 58 159 224 HOH HOH B . 
D 2 HOH 59 160 225 HOH HOH B . 
D 2 HOH 60 161 227 HOH HOH B . 
D 2 HOH 61 162 233 HOH HOH B . 
D 2 HOH 62 163 234 HOH HOH B . 
D 2 HOH 63 164 235 HOH HOH B . 
D 2 HOH 64 165 236 HOH HOH B . 
D 2 HOH 65 166 241 HOH HOH B . 
D 2 HOH 66 167 242 HOH HOH B . 
# 
loop_
_software.name 
_software.classification 
_software.version 
_software.citation_id 
_software.pdbx_ordinal 
ADSC     'data collection' Quantum ? 1 
AMoRE    phasing           .       ? 2 
CNS      refinement        .       ? 3 
DENZO    'data reduction'  .       ? 4 
HKL-2000 'data scaling'    .       ? 5 
# 
_cell.entry_id           2E12 
_cell.length_a           49.942 
_cell.length_b           51.699 
_cell.length_c           82.120 
_cell.angle_alpha        90.00 
_cell.angle_beta         90.00 
_cell.angle_gamma        90.00 
_cell.Z_PDB              8 
_cell.pdbx_unique_axis   ? 
_cell.length_a_esd       ? 
_cell.length_b_esd       ? 
_cell.length_c_esd       ? 
_cell.angle_alpha_esd    ? 
_cell.angle_beta_esd     ? 
_cell.angle_gamma_esd    ? 
# 
_symmetry.entry_id                         2E12 
_symmetry.space_group_name_H-M             'P 21 21 21' 
_symmetry.pdbx_full_space_group_name_H-M   ? 
_symmetry.cell_setting                     ? 
_symmetry.Int_Tables_number                19 
_symmetry.space_group_name_Hall            ? 
# 
_exptl.entry_id          2E12 
_exptl.method            'X-RAY DIFFRACTION' 
_exptl.crystals_number   10 
# 
_exptl_crystal.id                    1 
_exptl_crystal.density_meas          ? 
_exptl_crystal.density_Matthews      2.29 
_exptl_crystal.density_percent_sol   46.26 
_exptl_crystal.description           ? 
_exptl_crystal.F_000                 ? 
_exptl_crystal.preparation           ? 
# 
_exptl_crystal_grow.crystal_id      1 
_exptl_crystal_grow.method          'VAPOR DIFFUSION, SITTING DROP' 
_exptl_crystal_grow.temp            298 
_exptl_crystal_grow.temp_details    ? 
_exptl_crystal_grow.pH              8.0 
_exptl_crystal_grow.pdbx_details    'pH 8.0, VAPOR DIFFUSION, SITTING DROP, temperature 298K' 
_exptl_crystal_grow.pdbx_pH_range   . 
# 
_diffrn.id                     1 
_diffrn.ambient_temp           100 
_diffrn.ambient_temp_details   ? 
_diffrn.crystal_id             1 
# 
_diffrn_detector.diffrn_id              1 
_diffrn_detector.detector               CCD 
_diffrn_detector.type                   'ADSC QUANTUM 315' 
_diffrn_detector.pdbx_collection_date   2006-07-28 
_diffrn_detector.details                ? 
# 
_diffrn_radiation.diffrn_id                        1 
_diffrn_radiation.wavelength_id                    1 
_diffrn_radiation.pdbx_monochromatic_or_laue_m_l   M 
_diffrn_radiation.monochromator                    ? 
_diffrn_radiation.pdbx_diffrn_protocol             MAD 
_diffrn_radiation.pdbx_scattering_type             x-ray 
# 
loop_
_diffrn_radiation_wavelength.id 
_diffrn_radiation_wavelength.wavelength 
_diffrn_radiation_wavelength.wt 
1 0.96437 1.0 
2 0.97983 1.0 
# 
_diffrn_source.diffrn_id                   1 
_diffrn_source.source                      SYNCHROTRON 
_diffrn_source.type                        'NSRRC BEAMLINE BL13B1' 
_diffrn_source.pdbx_synchrotron_site       NSRRC 
_diffrn_source.pdbx_synchrotron_beamline   BL13B1 
_diffrn_source.pdbx_wavelength             ? 
_diffrn_source.pdbx_wavelength_list        '0.96437, 0.97983' 
# 
_reflns.entry_id                     2E12 
_reflns.observed_criterion_sigma_F   5.0 
_reflns.observed_criterion_sigma_I   2.0 
_reflns.d_resolution_high            1.7 
_reflns.d_resolution_low             30 
_reflns.number_all                   ? 
_reflns.number_obs                   6937 
_reflns.percent_possible_obs         99.7 
_reflns.pdbx_Rmerge_I_obs            0.24 
_reflns.pdbx_Rsym_value              0.06 
_reflns.pdbx_netI_over_sigmaI        8 
_reflns.B_iso_Wilson_estimate        24 
_reflns.pdbx_redundancy              4.5 
_reflns.R_free_details               ? 
_reflns.limit_h_max                  ? 
_reflns.limit_h_min                  ? 
_reflns.limit_k_max                  ? 
_reflns.limit_k_min                  ? 
_reflns.limit_l_max                  ? 
_reflns.limit_l_min                  ? 
_reflns.observed_criterion_F_max     ? 
_reflns.observed_criterion_F_min     ? 
_reflns.pdbx_chi_squared             ? 
_reflns.pdbx_scaling_rejects         ? 
_reflns.pdbx_diffrn_id               1 
_reflns.pdbx_ordinal                 1 
_reflns.pdbx_CC_half                 ? 
_reflns.pdbx_Rpim_I_all              ? 
_reflns.pdbx_Rrim_I_all              ? 
# 
_reflns_shell.d_res_high             1.7 
_reflns_shell.d_res_low              ? 
_reflns_shell.percent_possible_all   97.5 
_reflns_shell.Rmerge_I_obs           0.24 
_reflns_shell.pdbx_Rsym_value        0.24 
_reflns_shell.meanI_over_sigI_obs    7.9 
_reflns_shell.pdbx_redundancy        4.5 
_reflns_shell.percent_possible_obs   ? 
_reflns_shell.number_unique_all      6937 
_reflns_shell.number_measured_all    ? 
_reflns_shell.number_measured_obs    ? 
_reflns_shell.number_unique_obs      ? 
_reflns_shell.pdbx_chi_squared       ? 
_reflns_shell.pdbx_diffrn_id         ? 
_reflns_shell.pdbx_ordinal           1 
_reflns_shell.pdbx_CC_half           ? 
_reflns_shell.pdbx_Rpim_I_all        ? 
_reflns_shell.pdbx_Rrim_I_all        ? 
# 
_refine.entry_id                                 2E12 
_refine.ls_d_res_high                            1.7 
_refine.ls_d_res_low                             30 
_refine.pdbx_ls_sigma_F                          5.0 
_refine.pdbx_ls_sigma_I                          2.0 
_refine.ls_number_reflns_all                     ? 
_refine.ls_number_reflns_obs                     6937 
_refine.ls_number_reflns_R_free                  ? 
_refine.ls_percent_reflns_obs                    99.1 
_refine.ls_R_factor_all                          0.27 
_refine.ls_R_factor_obs                          0.24 
_refine.ls_R_factor_R_work                       0.22 
_refine.ls_R_factor_R_free                       0.28 
_refine.ls_redundancy_reflns_obs                 ? 
_refine.pdbx_data_cutoff_high_absF               ? 
_refine.pdbx_data_cutoff_low_absF                ? 
_refine.ls_number_parameters                     ? 
_refine.ls_number_restraints                     ? 
_refine.ls_percent_reflns_R_free                 ? 
_refine.ls_R_factor_R_free_error                 ? 
_refine.ls_R_factor_R_free_error_details         ? 
_refine.pdbx_method_to_determine_struct          MAD 
_refine.pdbx_starting_model                      ? 
_refine.pdbx_ls_cross_valid_method               THROUGHOUT 
_refine.pdbx_R_Free_selection_details            random 
_refine.pdbx_stereochem_target_val_spec_case     ? 
_refine.pdbx_stereochemistry_target_values       ? 
_refine.solvent_model_details                    ? 
_refine.solvent_model_param_bsol                 ? 
_refine.solvent_model_param_ksol                 ? 
_refine.occupancy_max                            ? 
_refine.occupancy_min                            ? 
_refine.pdbx_isotropic_thermal_model             ? 
_refine.B_iso_mean                               ? 
_refine.aniso_B[1][1]                            ? 
_refine.aniso_B[1][2]                            ? 
_refine.aniso_B[1][3]                            ? 
_refine.aniso_B[2][2]                            ? 
_refine.aniso_B[2][3]                            ? 
_refine.aniso_B[3][3]                            ? 
_refine.details                                  ? 
_refine.B_iso_min                                ? 
_refine.B_iso_max                                ? 
_refine.correlation_coeff_Fo_to_Fc               ? 
_refine.correlation_coeff_Fo_to_Fc_free          ? 
_refine.pdbx_solvent_vdw_probe_radii             ? 
_refine.pdbx_solvent_ion_probe_radii             ? 
_refine.pdbx_solvent_shrinkage_radii             ? 
_refine.overall_SU_R_Cruickshank_DPI             ? 
_refine.overall_SU_R_free                        ? 
_refine.overall_SU_ML                            ? 
_refine.overall_SU_B                             ? 
_refine.pdbx_overall_ESU_R_Free                  ? 
_refine.pdbx_data_cutoff_high_rms_absF           ? 
_refine.pdbx_overall_ESU_R                       ? 
_refine.ls_wR_factor_R_free                      ? 
_refine.ls_wR_factor_R_work                      ? 
_refine.overall_FOM_free_R_set                   ? 
_refine.overall_FOM_work_R_set                   ? 
_refine.pdbx_refine_id                           'X-RAY DIFFRACTION' 
_refine.pdbx_diffrn_id                           1 
_refine.pdbx_TLS_residual_ADP_flag               ? 
_refine.pdbx_overall_phase_error                 ? 
_refine.pdbx_overall_SU_R_free_Cruickshank_DPI   ? 
_refine.pdbx_overall_SU_R_Blow_DPI               ? 
_refine.pdbx_overall_SU_R_free_Blow_DPI          ? 
# 
_refine_hist.pdbx_refine_id                   'X-RAY DIFFRACTION' 
_refine_hist.cycle_id                         LAST 
_refine_hist.pdbx_number_atoms_protein        1512 
_refine_hist.pdbx_number_atoms_nucleic_acid   0 
_refine_hist.pdbx_number_atoms_ligand         0 
_refine_hist.number_atoms_solvent             122 
_refine_hist.number_atoms_total               1634 
_refine_hist.d_res_high                       1.7 
_refine_hist.d_res_low                        30 
# 
loop_
_refine_ls_restr.type 
_refine_ls_restr.dev_ideal 
_refine_ls_restr.dev_ideal_target 
_refine_ls_restr.weight 
_refine_ls_restr.number 
_refine_ls_restr.pdbx_refine_id 
_refine_ls_restr.pdbx_restraint_function 
c_bond_d                0.006869 ? ? ? 'X-RAY DIFFRACTION' ? 
c_bond_d_na             ?        ? ? ? 'X-RAY DIFFRACTION' ? 
c_bond_d_prot           ?        ? ? ? 'X-RAY DIFFRACTION' ? 
c_angle_d               ?        ? ? ? 'X-RAY DIFFRACTION' ? 
c_angle_d_na            ?        ? ? ? 'X-RAY DIFFRACTION' ? 
c_angle_d_prot          ?        ? ? ? 'X-RAY DIFFRACTION' ? 
c_angle_deg             1.31537  ? ? ? 'X-RAY DIFFRACTION' ? 
c_angle_deg_na          ?        ? ? ? 'X-RAY DIFFRACTION' ? 
c_angle_deg_prot        ?        ? ? ? 'X-RAY DIFFRACTION' ? 
c_dihedral_angle_d      ?        ? ? ? 'X-RAY DIFFRACTION' ? 
c_dihedral_angle_d_na   ?        ? ? ? 'X-RAY DIFFRACTION' ? 
c_dihedral_angle_d_prot ?        ? ? ? 'X-RAY DIFFRACTION' ? 
c_improper_angle_d      ?        ? ? ? 'X-RAY DIFFRACTION' ? 
c_improper_angle_d_na   ?        ? ? ? 'X-RAY DIFFRACTION' ? 
c_improper_angle_d_prot ?        ? ? ? 'X-RAY DIFFRACTION' ? 
c_mcbond_it             ?        ? ? ? 'X-RAY DIFFRACTION' ? 
c_mcangle_it            ?        ? ? ? 'X-RAY DIFFRACTION' ? 
c_scbond_it             ?        ? ? ? 'X-RAY DIFFRACTION' ? 
c_scangle_it            ?        ? ? ? 'X-RAY DIFFRACTION' ? 
# 
_refine_ls_shell.pdbx_total_number_of_bins_used   ? 
_refine_ls_shell.d_res_high                       1.7 
_refine_ls_shell.d_res_low                        1.75 
_refine_ls_shell.number_reflns_R_work             ? 
_refine_ls_shell.R_factor_R_work                  0.24 
_refine_ls_shell.percent_reflns_obs               97 
_refine_ls_shell.R_factor_R_free                  0.22 
_refine_ls_shell.R_factor_R_free_error            0.012 
_refine_ls_shell.percent_reflns_R_free            ? 
_refine_ls_shell.number_reflns_R_free             ? 
_refine_ls_shell.number_reflns_all                ? 
_refine_ls_shell.R_factor_all                     ? 
_refine_ls_shell.number_reflns_obs                6937 
_refine_ls_shell.redundancy_reflns_obs            ? 
_refine_ls_shell.pdbx_refine_id                   'X-RAY DIFFRACTION' 
_refine_ls_shell.R_factor_obs                     ? 
# 
_struct.entry_id                  2E12 
_struct.title                     
'The crystal structure of XC5848 from Xanthomonas campestris adopting a novel variant of Sm-like motif' 
_struct.pdbx_model_details        ? 
_struct.pdbx_CASP_flag            ? 
_struct.pdbx_model_type_details   ? 
# 
_struct_keywords.entry_id        2E12 
_struct_keywords.pdbx_keywords   TRANSLATION 
_struct_keywords.text            'novel Sm-like motif, Lsm motif, Xanthomonas campestris, TRANSLATION' 
# 
loop_
_struct_asym.id 
_struct_asym.pdbx_blank_PDB_chainid_flag 
_struct_asym.pdbx_modified 
_struct_asym.entity_id 
_struct_asym.details 
A N N 1 ? 
B N N 1 ? 
C N N 2 ? 
D N N 2 ? 
# 
_struct_ref.id                         1 
_struct_ref.db_name                    UNP 
_struct_ref.db_code                    Q8P4R5_XANCP 
_struct_ref.pdbx_db_accession          Q8P4R5 
_struct_ref.entity_id                  1 
_struct_ref.pdbx_seq_one_letter_code   
;MPKYAPHVYTEQAQIATLEHWVKLLDGQERVRIELDDGSMIAGTVAVRPTIQTYRDEQEREGSNGQLRIDHLDASQEPQW
IWMDRIVAVHPMPLGAPQVMP
;
_struct_ref.pdbx_align_begin           1 
_struct_ref.pdbx_db_isoform            ? 
# 
loop_
_struct_ref_seq.align_id 
_struct_ref_seq.ref_id 
_struct_ref_seq.pdbx_PDB_id_code 
_struct_ref_seq.pdbx_strand_id 
_struct_ref_seq.seq_align_beg 
_struct_ref_seq.pdbx_seq_align_beg_ins_code 
_struct_ref_seq.seq_align_end 
_struct_ref_seq.pdbx_seq_align_end_ins_code 
_struct_ref_seq.pdbx_db_accession 
_struct_ref_seq.db_align_beg 
_struct_ref_seq.pdbx_db_align_beg_ins_code 
_struct_ref_seq.db_align_end 
_struct_ref_seq.pdbx_db_align_end_ins_code 
_struct_ref_seq.pdbx_auth_seq_align_beg 
_struct_ref_seq.pdbx_auth_seq_align_end 
1 1 2E12 A 1 ? 101 ? Q8P4R5 1 ? 101 ? 1 101 
2 1 2E12 B 1 ? 101 ? Q8P4R5 1 ? 101 ? 1 101 
# 
_pdbx_struct_assembly.id                   1 
_pdbx_struct_assembly.details              author_defined_assembly 
_pdbx_struct_assembly.method_details       ? 
_pdbx_struct_assembly.oligomeric_details   dimeric 
_pdbx_struct_assembly.oligomeric_count     2 
# 
_pdbx_struct_assembly_gen.assembly_id       1 
_pdbx_struct_assembly_gen.oper_expression   1 
_pdbx_struct_assembly_gen.asym_id_list      A,B,C,D 
# 
_pdbx_struct_oper_list.id                   1 
_pdbx_struct_oper_list.type                 'identity operation' 
_pdbx_struct_oper_list.name                 1_555 
_pdbx_struct_oper_list.symmetry_operation   x,y,z 
_pdbx_struct_oper_list.matrix[1][1]         1.0000000000 
_pdbx_struct_oper_list.matrix[1][2]         0.0000000000 
_pdbx_struct_oper_list.matrix[1][3]         0.0000000000 
_pdbx_struct_oper_list.vector[1]            0.0000000000 
_pdbx_struct_oper_list.matrix[2][1]         0.0000000000 
_pdbx_struct_oper_list.matrix[2][2]         1.0000000000 
_pdbx_struct_oper_list.matrix[2][3]         0.0000000000 
_pdbx_struct_oper_list.vector[2]            0.0000000000 
_pdbx_struct_oper_list.matrix[3][1]         0.0000000000 
_pdbx_struct_oper_list.matrix[3][2]         0.0000000000 
_pdbx_struct_oper_list.matrix[3][3]         1.0000000000 
_pdbx_struct_oper_list.vector[3]            0.0000000000 
# 
loop_
_struct_conf.conf_type_id 
_struct_conf.id 
_struct_conf.pdbx_PDB_helix_id 
_struct_conf.beg_label_comp_id 
_struct_conf.beg_label_asym_id 
_struct_conf.beg_label_seq_id 
_struct_conf.pdbx_beg_PDB_ins_code 
_struct_conf.end_label_comp_id 
_struct_conf.end_label_asym_id 
_struct_conf.end_label_seq_id 
_struct_conf.pdbx_end_PDB_ins_code 
_struct_conf.beg_auth_comp_id 
_struct_conf.beg_auth_asym_id 
_struct_conf.beg_auth_seq_id 
_struct_conf.end_auth_comp_id 
_struct_conf.end_auth_asym_id 
_struct_conf.end_auth_seq_id 
_struct_conf.pdbx_PDB_helix_class 
_struct_conf.details 
_struct_conf.pdbx_PDB_helix_length 
HELX_P HELX_P1 1 GLU A 11 ? LEU A 24 ? GLU A 11 LEU A 24 1 ? 14 
HELX_P HELX_P2 2 GLU B 11 ? LEU B 25 ? GLU B 11 LEU B 25 1 ? 15 
# 
_struct_conf_type.id          HELX_P 
_struct_conf_type.criteria    ? 
_struct_conf_type.reference   ? 
# 
loop_
_struct_sheet.id 
_struct_sheet.type 
_struct_sheet.number_strands 
_struct_sheet.details 
A ? 3 ? 
B ? 5 ? 
C ? 5 ? 
D ? 2 ? 
# 
loop_
_struct_sheet_order.sheet_id 
_struct_sheet_order.range_id_1 
_struct_sheet_order.range_id_2 
_struct_sheet_order.offset 
_struct_sheet_order.sense 
A 1 2 ? anti-parallel 
A 2 3 ? anti-parallel 
B 1 2 ? anti-parallel 
B 2 3 ? anti-parallel 
B 3 4 ? anti-parallel 
B 4 5 ? anti-parallel 
C 1 2 ? anti-parallel 
C 2 3 ? anti-parallel 
C 3 4 ? anti-parallel 
C 4 5 ? anti-parallel 
D 1 2 ? anti-parallel 
# 
loop_
_struct_sheet_range.sheet_id 
_struct_sheet_range.id 
_struct_sheet_range.beg_label_comp_id 
_struct_sheet_range.beg_label_asym_id 
_struct_sheet_range.beg_label_seq_id 
_struct_sheet_range.pdbx_beg_PDB_ins_code 
_struct_sheet_range.end_label_comp_id 
_struct_sheet_range.end_label_asym_id 
_struct_sheet_range.end_label_seq_id 
_struct_sheet_range.pdbx_end_PDB_ins_code 
_struct_sheet_range.beg_auth_comp_id 
_struct_sheet_range.beg_auth_asym_id 
_struct_sheet_range.beg_auth_seq_id 
_struct_sheet_range.end_auth_comp_id 
_struct_sheet_range.end_auth_asym_id 
_struct_sheet_range.end_auth_seq_id 
A 1 ILE A 51 ? ARG A 55 ? ILE A 51 ARG A 55 
A 2 GLU A 61 ? ASP A 70 ? GLU A 61 ASP A 70 
A 3 GLN A 79 ? TRP A 82 ? GLN A 79 TRP A 82 
B 1 ILE A 51 ? ARG A 55 ? ILE A 51 ARG A 55 
B 2 GLU A 61 ? ASP A 70 ? GLU A 61 ASP A 70 
B 3 MET A 40 ? VAL A 45 ? MET A 40 VAL A 45 
B 4 ARG A 30 ? LEU A 35 ? ARG A 30 LEU A 35 
B 5 ILE A 86 ? PRO A 91 ? ILE A 86 PRO A 91 
C 1 PRO B 78 ? TRP B 82 ? PRO B 78 TRP B 82 
C 2 GLN B 66 ? ASP B 70 ? GLN B 66 ASP B 70 
C 3 MET B 40 ? VAL B 47 ? MET B 40 VAL B 47 
C 4 VAL B 31 ? LEU B 35 ? VAL B 31 LEU B 35 
C 5 ILE B 86 ? HIS B 90 ? ILE B 86 HIS B 90 
D 1 GLN B 52 ? ARG B 55 ? GLN B 52 ARG B 55 
D 2 GLU B 61 ? ASN B 64 ? GLU B 61 ASN B 64 
# 
loop_
_pdbx_struct_sheet_hbond.sheet_id 
_pdbx_struct_sheet_hbond.range_id_1 
_pdbx_struct_sheet_hbond.range_id_2 
_pdbx_struct_sheet_hbond.range_1_label_atom_id 
_pdbx_struct_sheet_hbond.range_1_label_comp_id 
_pdbx_struct_sheet_hbond.range_1_label_asym_id 
_pdbx_struct_sheet_hbond.range_1_label_seq_id 
_pdbx_struct_sheet_hbond.range_1_PDB_ins_code 
_pdbx_struct_sheet_hbond.range_1_auth_atom_id 
_pdbx_struct_sheet_hbond.range_1_auth_comp_id 
_pdbx_struct_sheet_hbond.range_1_auth_asym_id 
_pdbx_struct_sheet_hbond.range_1_auth_seq_id 
_pdbx_struct_sheet_hbond.range_2_label_atom_id 
_pdbx_struct_sheet_hbond.range_2_label_comp_id 
_pdbx_struct_sheet_hbond.range_2_label_asym_id 
_pdbx_struct_sheet_hbond.range_2_label_seq_id 
_pdbx_struct_sheet_hbond.range_2_PDB_ins_code 
_pdbx_struct_sheet_hbond.range_2_auth_atom_id 
_pdbx_struct_sheet_hbond.range_2_auth_comp_id 
_pdbx_struct_sheet_hbond.range_2_auth_asym_id 
_pdbx_struct_sheet_hbond.range_2_auth_seq_id 
A 1 2 N GLN A 52 ? N GLN A 52 O ASN A 64 ? O ASN A 64 
A 2 3 N LEU A 67 ? N LEU A 67 O ILE A 81 ? O ILE A 81 
B 1 2 N GLN A 52 ? N GLN A 52 O ASN A 64 ? O ASN A 64 
B 2 3 O ASP A 70 ? O ASP A 70 N THR A 44 ? N THR A 44 
B 3 4 O ILE A 41 ? O ILE A 41 N ILE A 33 ? N ILE A 33 
B 4 5 N GLU A 34 ? N GLU A 34 O VAL A 87 ? O VAL A 87 
C 1 2 O GLN B 79 ? O GLN B 79 N ILE B 69 ? N ILE B 69 
C 2 3 O ARG B 68 ? O ARG B 68 N ALA B 46 ? N ALA B 46 
C 3 4 O ILE B 41 ? O ILE B 41 N ILE B 33 ? N ILE B 33 
C 4 5 N GLU B 34 ? N GLU B 34 O VAL B 87 ? O VAL B 87 
D 1 2 N GLN B 52 ? N GLN B 52 O ASN B 64 ? O ASN B 64 
# 
_pdbx_validate_close_contact.id               1 
_pdbx_validate_close_contact.PDB_model_num    1 
_pdbx_validate_close_contact.auth_atom_id_1   O 
_pdbx_validate_close_contact.auth_asym_id_1   A 
_pdbx_validate_close_contact.auth_comp_id_1   HOH 
_pdbx_validate_close_contact.auth_seq_id_1    127 
_pdbx_validate_close_contact.PDB_ins_code_1   ? 
_pdbx_validate_close_contact.label_alt_id_1   ? 
_pdbx_validate_close_contact.auth_atom_id_2   O 
_pdbx_validate_close_contact.auth_asym_id_2   A 
_pdbx_validate_close_contact.auth_comp_id_2   HOH 
_pdbx_validate_close_contact.auth_seq_id_2    149 
_pdbx_validate_close_contact.PDB_ins_code_2   ? 
_pdbx_validate_close_contact.label_alt_id_2   ? 
_pdbx_validate_close_contact.dist             2.05 
# 
loop_
_pdbx_validate_torsion.id 
_pdbx_validate_torsion.PDB_model_num 
_pdbx_validate_torsion.auth_comp_id 
_pdbx_validate_torsion.auth_asym_id 
_pdbx_validate_torsion.auth_seq_id 
_pdbx_validate_torsion.PDB_ins_code 
_pdbx_validate_torsion.label_alt_id 
_pdbx_validate_torsion.phi 
_pdbx_validate_torsion.psi 
1  1 ASN A 64 ? ? -178.56 -175.84 
2  1 HIS A 71 ? ? -164.33 -156.72 
3  1 LEU A 72 ? ? -135.73 -70.52  
4  1 ALA A 74 ? ? -29.45  -75.47  
5  1 SER A 75 ? ? -145.62 -5.54   
6  1 GLN A 76 ? ? 65.32   -178.36 
7  1 GLU A 77 ? ? 61.52   115.33  
8  1 MET A 92 ? ? 93.21   -36.89  
9  1 LEU B 25 ? ? -77.89  37.31   
10 1 GLN B 28 ? ? 32.85   37.09   
11 1 ARG B 30 ? ? -36.84  132.20  
12 1 ASN B 64 ? ? -175.93 -172.78 
13 1 GLN B 76 ? ? 34.46   67.64   
14 1 PRO B 91 ? ? -48.61  -156.99 
15 1 MET B 92 ? ? -160.44 -37.52  
# 
loop_
_pdbx_unobs_or_zero_occ_residues.id 
_pdbx_unobs_or_zero_occ_residues.PDB_model_num 
_pdbx_unobs_or_zero_occ_residues.polymer_flag 
_pdbx_unobs_or_zero_occ_residues.occupancy_flag 
_pdbx_unobs_or_zero_occ_residues.auth_asym_id 
_pdbx_unobs_or_zero_occ_residues.auth_comp_id 
_pdbx_unobs_or_zero_occ_residues.auth_seq_id 
_pdbx_unobs_or_zero_occ_residues.PDB_ins_code 
_pdbx_unobs_or_zero_occ_residues.label_asym_id 
_pdbx_unobs_or_zero_occ_residues.label_comp_id 
_pdbx_unobs_or_zero_occ_residues.label_seq_id 
1  1 Y 1 A LEU 94  ? A LEU 94  
2  1 Y 1 A GLY 95  ? A GLY 95  
3  1 Y 1 A ALA 96  ? A ALA 96  
4  1 Y 1 A PRO 97  ? A PRO 97  
5  1 Y 1 A GLN 98  ? A GLN 98  
6  1 Y 1 A VAL 99  ? A VAL 99  
7  1 Y 1 A MET 100 ? A MET 100 
8  1 Y 1 A PRO 101 ? A PRO 101 
9  1 Y 1 B LEU 94  ? B LEU 94  
10 1 Y 1 B GLY 95  ? B GLY 95  
11 1 Y 1 B ALA 96  ? B ALA 96  
12 1 Y 1 B PRO 97  ? B PRO 97  
13 1 Y 1 B GLN 98  ? B GLN 98  
14 1 Y 1 B VAL 99  ? B VAL 99  
15 1 Y 1 B MET 100 ? B MET 100 
16 1 Y 1 B PRO 101 ? B PRO 101 
# 
loop_
_chem_comp_atom.comp_id 
_chem_comp_atom.atom_id 
_chem_comp_atom.type_symbol 
_chem_comp_atom.pdbx_aromatic_flag 
_chem_comp_atom.pdbx_stereo_config 
_chem_comp_atom.pdbx_ordinal 
ALA N    N N N 1   
ALA CA   C N S 2   
ALA C    C N N 3   
ALA O    O N N 4   
ALA CB   C N N 5   
ALA OXT  O N N 6   
ALA H    H N N 7   
ALA H2   H N N 8   
ALA HA   H N N 9   
ALA HB1  H N N 10  
ALA HB2  H N N 11  
ALA HB3  H N N 12  
ALA HXT  H N N 13  
ARG N    N N N 14  
ARG CA   C N S 15  
ARG C    C N N 16  
ARG O    O N N 17  
ARG CB   C N N 18  
ARG CG   C N N 19  
ARG CD   C N N 20  
ARG NE   N N N 21  
ARG CZ   C N N 22  
ARG NH1  N N N 23  
ARG NH2  N N N 24  
ARG OXT  O N N 25  
ARG H    H N N 26  
ARG H2   H N N 27  
ARG HA   H N N 28  
ARG HB2  H N N 29  
ARG HB3  H N N 30  
ARG HG2  H N N 31  
ARG HG3  H N N 32  
ARG HD2  H N N 33  
ARG HD3  H N N 34  
ARG HE   H N N 35  
ARG HH11 H N N 36  
ARG HH12 H N N 37  
ARG HH21 H N N 38  
ARG HH22 H N N 39  
ARG HXT  H N N 40  
ASN N    N N N 41  
ASN CA   C N S 42  
ASN C    C N N 43  
ASN O    O N N 44  
ASN CB   C N N 45  
ASN CG   C N N 46  
ASN OD1  O N N 47  
ASN ND2  N N N 48  
ASN OXT  O N N 49  
ASN H    H N N 50  
ASN H2   H N N 51  
ASN HA   H N N 52  
ASN HB2  H N N 53  
ASN HB3  H N N 54  
ASN HD21 H N N 55  
ASN HD22 H N N 56  
ASN HXT  H N N 57  
ASP N    N N N 58  
ASP CA   C N S 59  
ASP C    C N N 60  
ASP O    O N N 61  
ASP CB   C N N 62  
ASP CG   C N N 63  
ASP OD1  O N N 64  
ASP OD2  O N N 65  
ASP OXT  O N N 66  
ASP H    H N N 67  
ASP H2   H N N 68  
ASP HA   H N N 69  
ASP HB2  H N N 70  
ASP HB3  H N N 71  
ASP HD2  H N N 72  
ASP HXT  H N N 73  
GLN N    N N N 74  
GLN CA   C N S 75  
GLN C    C N N 76  
GLN O    O N N 77  
GLN CB   C N N 78  
GLN CG   C N N 79  
GLN CD   C N N 80  
GLN OE1  O N N 81  
GLN NE2  N N N 82  
GLN OXT  O N N 83  
GLN H    H N N 84  
GLN H2   H N N 85  
GLN HA   H N N 86  
GLN HB2  H N N 87  
GLN HB3  H N N 88  
GLN HG2  H N N 89  
GLN HG3  H N N 90  
GLN HE21 H N N 91  
GLN HE22 H N N 92  
GLN HXT  H N N 93  
GLU N    N N N 94  
GLU CA   C N S 95  
GLU C    C N N 96  
GLU O    O N N 97  
GLU CB   C N N 98  
GLU CG   C N N 99  
GLU CD   C N N 100 
GLU OE1  O N N 101 
GLU OE2  O N N 102 
GLU OXT  O N N 103 
GLU H    H N N 104 
GLU H2   H N N 105 
GLU HA   H N N 106 
GLU HB2  H N N 107 
GLU HB3  H N N 108 
GLU HG2  H N N 109 
GLU HG3  H N N 110 
GLU HE2  H N N 111 
GLU HXT  H N N 112 
GLY N    N N N 113 
GLY CA   C N N 114 
GLY C    C N N 115 
GLY O    O N N 116 
GLY OXT  O N N 117 
GLY H    H N N 118 
GLY H2   H N N 119 
GLY HA2  H N N 120 
GLY HA3  H N N 121 
GLY HXT  H N N 122 
HIS N    N N N 123 
HIS CA   C N S 124 
HIS C    C N N 125 
HIS O    O N N 126 
HIS CB   C N N 127 
HIS CG   C Y N 128 
HIS ND1  N Y N 129 
HIS CD2  C Y N 130 
HIS CE1  C Y N 131 
HIS NE2  N Y N 132 
HIS OXT  O N N 133 
HIS H    H N N 134 
HIS H2   H N N 135 
HIS HA   H N N 136 
HIS HB2  H N N 137 
HIS HB3  H N N 138 
HIS HD1  H N N 139 
HIS HD2  H N N 140 
HIS HE1  H N N 141 
HIS HE2  H N N 142 
HIS HXT  H N N 143 
HOH O    O N N 144 
HOH H1   H N N 145 
HOH H2   H N N 146 
ILE N    N N N 147 
ILE CA   C N S 148 
ILE C    C N N 149 
ILE O    O N N 150 
ILE CB   C N S 151 
ILE CG1  C N N 152 
ILE CG2  C N N 153 
ILE CD1  C N N 154 
ILE OXT  O N N 155 
ILE H    H N N 156 
ILE H2   H N N 157 
ILE HA   H N N 158 
ILE HB   H N N 159 
ILE HG12 H N N 160 
ILE HG13 H N N 161 
ILE HG21 H N N 162 
ILE HG22 H N N 163 
ILE HG23 H N N 164 
ILE HD11 H N N 165 
ILE HD12 H N N 166 
ILE HD13 H N N 167 
ILE HXT  H N N 168 
LEU N    N N N 169 
LEU CA   C N S 170 
LEU C    C N N 171 
LEU O    O N N 172 
LEU CB   C N N 173 
LEU CG   C N N 174 
LEU CD1  C N N 175 
LEU CD2  C N N 176 
LEU OXT  O N N 177 
LEU H    H N N 178 
LEU H2   H N N 179 
LEU HA   H N N 180 
LEU HB2  H N N 181 
LEU HB3  H N N 182 
LEU HG   H N N 183 
LEU HD11 H N N 184 
LEU HD12 H N N 185 
LEU HD13 H N N 186 
LEU HD21 H N N 187 
LEU HD22 H N N 188 
LEU HD23 H N N 189 
LEU HXT  H N N 190 
LYS N    N N N 191 
LYS CA   C N S 192 
LYS C    C N N 193 
LYS O    O N N 194 
LYS CB   C N N 195 
LYS CG   C N N 196 
LYS CD   C N N 197 
LYS CE   C N N 198 
LYS NZ   N N N 199 
LYS OXT  O N N 200 
LYS H    H N N 201 
LYS H2   H N N 202 
LYS HA   H N N 203 
LYS HB2  H N N 204 
LYS HB3  H N N 205 
LYS HG2  H N N 206 
LYS HG3  H N N 207 
LYS HD2  H N N 208 
LYS HD3  H N N 209 
LYS HE2  H N N 210 
LYS HE3  H N N 211 
LYS HZ1  H N N 212 
LYS HZ2  H N N 213 
LYS HZ3  H N N 214 
LYS HXT  H N N 215 
MET N    N N N 216 
MET CA   C N S 217 
MET C    C N N 218 
MET O    O N N 219 
MET CB   C N N 220 
MET CG   C N N 221 
MET SD   S N N 222 
MET CE   C N N 223 
MET OXT  O N N 224 
MET H    H N N 225 
MET H2   H N N 226 
MET HA   H N N 227 
MET HB2  H N N 228 
MET HB3  H N N 229 
MET HG2  H N N 230 
MET HG3  H N N 231 
MET HE1  H N N 232 
MET HE2  H N N 233 
MET HE3  H N N 234 
MET HXT  H N N 235 
PRO N    N N N 236 
PRO CA   C N S 237 
PRO C    C N N 238 
PRO O    O N N 239 
PRO CB   C N N 240 
PRO CG   C N N 241 
PRO CD   C N N 242 
PRO OXT  O N N 243 
PRO H    H N N 244 
PRO HA   H N N 245 
PRO HB2  H N N 246 
PRO HB3  H N N 247 
PRO HG2  H N N 248 
PRO HG3  H N N 249 
PRO HD2  H N N 250 
PRO HD3  H N N 251 
PRO HXT  H N N 252 
SER N    N N N 253 
SER CA   C N S 254 
SER C    C N N 255 
SER O    O N N 256 
SER CB   C N N 257 
SER OG   O N N 258 
SER OXT  O N N 259 
SER H    H N N 260 
SER H2   H N N 261 
SER HA   H N N 262 
SER HB2  H N N 263 
SER HB3  H N N 264 
SER HG   H N N 265 
SER HXT  H N N 266 
THR N    N N N 267 
THR CA   C N S 268 
THR C    C N N 269 
THR O    O N N 270 
THR CB   C N R 271 
THR OG1  O N N 272 
THR CG2  C N N 273 
THR OXT  O N N 274 
THR H    H N N 275 
THR H2   H N N 276 
THR HA   H N N 277 
THR HB   H N N 278 
THR HG1  H N N 279 
THR HG21 H N N 280 
THR HG22 H N N 281 
THR HG23 H N N 282 
THR HXT  H N N 283 
TRP N    N N N 284 
TRP CA   C N S 285 
TRP C    C N N 286 
TRP O    O N N 287 
TRP CB   C N N 288 
TRP CG   C Y N 289 
TRP CD1  C Y N 290 
TRP CD2  C Y N 291 
TRP NE1  N Y N 292 
TRP CE2  C Y N 293 
TRP CE3  C Y N 294 
TRP CZ2  C Y N 295 
TRP CZ3  C Y N 296 
TRP CH2  C Y N 297 
TRP OXT  O N N 298 
TRP H    H N N 299 
TRP H2   H N N 300 
TRP HA   H N N 301 
TRP HB2  H N N 302 
TRP HB3  H N N 303 
TRP HD1  H N N 304 
TRP HE1  H N N 305 
TRP HE3  H N N 306 
TRP HZ2  H N N 307 
TRP HZ3  H N N 308 
TRP HH2  H N N 309 
TRP HXT  H N N 310 
TYR N    N N N 311 
TYR CA   C N S 312 
TYR C    C N N 313 
TYR O    O N N 314 
TYR CB   C N N 315 
TYR CG   C Y N 316 
TYR CD1  C Y N 317 
TYR CD2  C Y N 318 
TYR CE1  C Y N 319 
TYR CE2  C Y N 320 
TYR CZ   C Y N 321 
TYR OH   O N N 322 
TYR OXT  O N N 323 
TYR H    H N N 324 
TYR H2   H N N 325 
TYR HA   H N N 326 
TYR HB2  H N N 327 
TYR HB3  H N N 328 
TYR HD1  H N N 329 
TYR HD2  H N N 330 
TYR HE1  H N N 331 
TYR HE2  H N N 332 
TYR HH   H N N 333 
TYR HXT  H N N 334 
VAL N    N N N 335 
VAL CA   C N S 336 
VAL C    C N N 337 
VAL O    O N N 338 
VAL CB   C N N 339 
VAL CG1  C N N 340 
VAL CG2  C N N 341 
VAL OXT  O N N 342 
VAL H    H N N 343 
VAL H2   H N N 344 
VAL HA   H N N 345 
VAL HB   H N N 346 
VAL HG11 H N N 347 
VAL HG12 H N N 348 
VAL HG13 H N N 349 
VAL HG21 H N N 350 
VAL HG22 H N N 351 
VAL HG23 H N N 352 
VAL HXT  H N N 353 
# 
loop_
_chem_comp_bond.comp_id 
_chem_comp_bond.atom_id_1 
_chem_comp_bond.atom_id_2 
_chem_comp_bond.value_order 
_chem_comp_bond.pdbx_aromatic_flag 
_chem_comp_bond.pdbx_stereo_config 
_chem_comp_bond.pdbx_ordinal 
ALA N   CA   sing N N 1   
ALA N   H    sing N N 2   
ALA N   H2   sing N N 3   
ALA CA  C    sing N N 4   
ALA CA  CB   sing N N 5   
ALA CA  HA   sing N N 6   
ALA C   O    doub N N 7   
ALA C   OXT  sing N N 8   
ALA CB  HB1  sing N N 9   
ALA CB  HB2  sing N N 10  
ALA CB  HB3  sing N N 11  
ALA OXT HXT  sing N N 12  
ARG N   CA   sing N N 13  
ARG N   H    sing N N 14  
ARG N   H2   sing N N 15  
ARG CA  C    sing N N 16  
ARG CA  CB   sing N N 17  
ARG CA  HA   sing N N 18  
ARG C   O    doub N N 19  
ARG C   OXT  sing N N 20  
ARG CB  CG   sing N N 21  
ARG CB  HB2  sing N N 22  
ARG CB  HB3  sing N N 23  
ARG CG  CD   sing N N 24  
ARG CG  HG2  sing N N 25  
ARG CG  HG3  sing N N 26  
ARG CD  NE   sing N N 27  
ARG CD  HD2  sing N N 28  
ARG CD  HD3  sing N N 29  
ARG NE  CZ   sing N N 30  
ARG NE  HE   sing N N 31  
ARG CZ  NH1  sing N N 32  
ARG CZ  NH2  doub N N 33  
ARG NH1 HH11 sing N N 34  
ARG NH1 HH12 sing N N 35  
ARG NH2 HH21 sing N N 36  
ARG NH2 HH22 sing N N 37  
ARG OXT HXT  sing N N 38  
ASN N   CA   sing N N 39  
ASN N   H    sing N N 40  
ASN N   H2   sing N N 41  
ASN CA  C    sing N N 42  
ASN CA  CB   sing N N 43  
ASN CA  HA   sing N N 44  
ASN C   O    doub N N 45  
ASN C   OXT  sing N N 46  
ASN CB  CG   sing N N 47  
ASN CB  HB2  sing N N 48  
ASN CB  HB3  sing N N 49  
ASN CG  OD1  doub N N 50  
ASN CG  ND2  sing N N 51  
ASN ND2 HD21 sing N N 52  
ASN ND2 HD22 sing N N 53  
ASN OXT HXT  sing N N 54  
ASP N   CA   sing N N 55  
ASP N   H    sing N N 56  
ASP N   H2   sing N N 57  
ASP CA  C    sing N N 58  
ASP CA  CB   sing N N 59  
ASP CA  HA   sing N N 60  
ASP C   O    doub N N 61  
ASP C   OXT  sing N N 62  
ASP CB  CG   sing N N 63  
ASP CB  HB2  sing N N 64  
ASP CB  HB3  sing N N 65  
ASP CG  OD1  doub N N 66  
ASP CG  OD2  sing N N 67  
ASP OD2 HD2  sing N N 68  
ASP OXT HXT  sing N N 69  
GLN N   CA   sing N N 70  
GLN N   H    sing N N 71  
GLN N   H2   sing N N 72  
GLN CA  C    sing N N 73  
GLN CA  CB   sing N N 74  
GLN CA  HA   sing N N 75  
GLN C   O    doub N N 76  
GLN C   OXT  sing N N 77  
GLN CB  CG   sing N N 78  
GLN CB  HB2  sing N N 79  
GLN CB  HB3  sing N N 80  
GLN CG  CD   sing N N 81  
GLN CG  HG2  sing N N 82  
GLN CG  HG3  sing N N 83  
GLN CD  OE1  doub N N 84  
GLN CD  NE2  sing N N 85  
GLN NE2 HE21 sing N N 86  
GLN NE2 HE22 sing N N 87  
GLN OXT HXT  sing N N 88  
GLU N   CA   sing N N 89  
GLU N   H    sing N N 90  
GLU N   H2   sing N N 91  
GLU CA  C    sing N N 92  
GLU CA  CB   sing N N 93  
GLU CA  HA   sing N N 94  
GLU C   O    doub N N 95  
GLU C   OXT  sing N N 96  
GLU CB  CG   sing N N 97  
GLU CB  HB2  sing N N 98  
GLU CB  HB3  sing N N 99  
GLU CG  CD   sing N N 100 
GLU CG  HG2  sing N N 101 
GLU CG  HG3  sing N N 102 
GLU CD  OE1  doub N N 103 
GLU CD  OE2  sing N N 104 
GLU OE2 HE2  sing N N 105 
GLU OXT HXT  sing N N 106 
GLY N   CA   sing N N 107 
GLY N   H    sing N N 108 
GLY N   H2   sing N N 109 
GLY CA  C    sing N N 110 
GLY CA  HA2  sing N N 111 
GLY CA  HA3  sing N N 112 
GLY C   O    doub N N 113 
GLY C   OXT  sing N N 114 
GLY OXT HXT  sing N N 115 
HIS N   CA   sing N N 116 
HIS N   H    sing N N 117 
HIS N   H2   sing N N 118 
HIS CA  C    sing N N 119 
HIS CA  CB   sing N N 120 
HIS CA  HA   sing N N 121 
HIS C   O    doub N N 122 
HIS C   OXT  sing N N 123 
HIS CB  CG   sing N N 124 
HIS CB  HB2  sing N N 125 
HIS CB  HB3  sing N N 126 
HIS CG  ND1  sing Y N 127 
HIS CG  CD2  doub Y N 128 
HIS ND1 CE1  doub Y N 129 
HIS ND1 HD1  sing N N 130 
HIS CD2 NE2  sing Y N 131 
HIS CD2 HD2  sing N N 132 
HIS CE1 NE2  sing Y N 133 
HIS CE1 HE1  sing N N 134 
HIS NE2 HE2  sing N N 135 
HIS OXT HXT  sing N N 136 
HOH O   H1   sing N N 137 
HOH O   H2   sing N N 138 
ILE N   CA   sing N N 139 
ILE N   H    sing N N 140 
ILE N   H2   sing N N 141 
ILE CA  C    sing N N 142 
ILE CA  CB   sing N N 143 
ILE CA  HA   sing N N 144 
ILE C   O    doub N N 145 
ILE C   OXT  sing N N 146 
ILE CB  CG1  sing N N 147 
ILE CB  CG2  sing N N 148 
ILE CB  HB   sing N N 149 
ILE CG1 CD1  sing N N 150 
ILE CG1 HG12 sing N N 151 
ILE CG1 HG13 sing N N 152 
ILE CG2 HG21 sing N N 153 
ILE CG2 HG22 sing N N 154 
ILE CG2 HG23 sing N N 155 
ILE CD1 HD11 sing N N 156 
ILE CD1 HD12 sing N N 157 
ILE CD1 HD13 sing N N 158 
ILE OXT HXT  sing N N 159 
LEU N   CA   sing N N 160 
LEU N   H    sing N N 161 
LEU N   H2   sing N N 162 
LEU CA  C    sing N N 163 
LEU CA  CB   sing N N 164 
LEU CA  HA   sing N N 165 
LEU C   O    doub N N 166 
LEU C   OXT  sing N N 167 
LEU CB  CG   sing N N 168 
LEU CB  HB2  sing N N 169 
LEU CB  HB3  sing N N 170 
LEU CG  CD1  sing N N 171 
LEU CG  CD2  sing N N 172 
LEU CG  HG   sing N N 173 
LEU CD1 HD11 sing N N 174 
LEU CD1 HD12 sing N N 175 
LEU CD1 HD13 sing N N 176 
LEU CD2 HD21 sing N N 177 
LEU CD2 HD22 sing N N 178 
LEU CD2 HD23 sing N N 179 
LEU OXT HXT  sing N N 180 
LYS N   CA   sing N N 181 
LYS N   H    sing N N 182 
LYS N   H2   sing N N 183 
LYS CA  C    sing N N 184 
LYS CA  CB   sing N N 185 
LYS CA  HA   sing N N 186 
LYS C   O    doub N N 187 
LYS C   OXT  sing N N 188 
LYS CB  CG   sing N N 189 
LYS CB  HB2  sing N N 190 
LYS CB  HB3  sing N N 191 
LYS CG  CD   sing N N 192 
LYS CG  HG2  sing N N 193 
LYS CG  HG3  sing N N 194 
LYS CD  CE   sing N N 195 
LYS CD  HD2  sing N N 196 
LYS CD  HD3  sing N N 197 
LYS CE  NZ   sing N N 198 
LYS CE  HE2  sing N N 199 
LYS CE  HE3  sing N N 200 
LYS NZ  HZ1  sing N N 201 
LYS NZ  HZ2  sing N N 202 
LYS NZ  HZ3  sing N N 203 
LYS OXT HXT  sing N N 204 
MET N   CA   sing N N 205 
MET N   H    sing N N 206 
MET N   H2   sing N N 207 
MET CA  C    sing N N 208 
MET CA  CB   sing N N 209 
MET CA  HA   sing N N 210 
MET C   O    doub N N 211 
MET C   OXT  sing N N 212 
MET CB  CG   sing N N 213 
MET CB  HB2  sing N N 214 
MET CB  HB3  sing N N 215 
MET CG  SD   sing N N 216 
MET CG  HG2  sing N N 217 
MET CG  HG3  sing N N 218 
MET SD  CE   sing N N 219 
MET CE  HE1  sing N N 220 
MET CE  HE2  sing N N 221 
MET CE  HE3  sing N N 222 
MET OXT HXT  sing N N 223 
PRO N   CA   sing N N 224 
PRO N   CD   sing N N 225 
PRO N   H    sing N N 226 
PRO CA  C    sing N N 227 
PRO CA  CB   sing N N 228 
PRO CA  HA   sing N N 229 
PRO C   O    doub N N 230 
PRO C   OXT  sing N N 231 
PRO CB  CG   sing N N 232 
PRO CB  HB2  sing N N 233 
PRO CB  HB3  sing N N 234 
PRO CG  CD   sing N N 235 
PRO CG  HG2  sing N N 236 
PRO CG  HG3  sing N N 237 
PRO CD  HD2  sing N N 238 
PRO CD  HD3  sing N N 239 
PRO OXT HXT  sing N N 240 
SER N   CA   sing N N 241 
SER N   H    sing N N 242 
SER N   H2   sing N N 243 
SER CA  C    sing N N 244 
SER CA  CB   sing N N 245 
SER CA  HA   sing N N 246 
SER C   O    doub N N 247 
SER C   OXT  sing N N 248 
SER CB  OG   sing N N 249 
SER CB  HB2  sing N N 250 
SER CB  HB3  sing N N 251 
SER OG  HG   sing N N 252 
SER OXT HXT  sing N N 253 
THR N   CA   sing N N 254 
THR N   H    sing N N 255 
THR N   H2   sing N N 256 
THR CA  C    sing N N 257 
THR CA  CB   sing N N 258 
THR CA  HA   sing N N 259 
THR C   O    doub N N 260 
THR C   OXT  sing N N 261 
THR CB  OG1  sing N N 262 
THR CB  CG2  sing N N 263 
THR CB  HB   sing N N 264 
THR OG1 HG1  sing N N 265 
THR CG2 HG21 sing N N 266 
THR CG2 HG22 sing N N 267 
THR CG2 HG23 sing N N 268 
THR OXT HXT  sing N N 269 
TRP N   CA   sing N N 270 
TRP N   H    sing N N 271 
TRP N   H2   sing N N 272 
TRP CA  C    sing N N 273 
TRP CA  CB   sing N N 274 
TRP CA  HA   sing N N 275 
TRP C   O    doub N N 276 
TRP C   OXT  sing N N 277 
TRP CB  CG   sing N N 278 
TRP CB  HB2  sing N N 279 
TRP CB  HB3  sing N N 280 
TRP CG  CD1  doub Y N 281 
TRP CG  CD2  sing Y N 282 
TRP CD1 NE1  sing Y N 283 
TRP CD1 HD1  sing N N 284 
TRP CD2 CE2  doub Y N 285 
TRP CD2 CE3  sing Y N 286 
TRP NE1 CE2  sing Y N 287 
TRP NE1 HE1  sing N N 288 
TRP CE2 CZ2  sing Y N 289 
TRP CE3 CZ3  doub Y N 290 
TRP CE3 HE3  sing N N 291 
TRP CZ2 CH2  doub Y N 292 
TRP CZ2 HZ2  sing N N 293 
TRP CZ3 CH2  sing Y N 294 
TRP CZ3 HZ3  sing N N 295 
TRP CH2 HH2  sing N N 296 
TRP OXT HXT  sing N N 297 
TYR N   CA   sing N N 298 
TYR N   H    sing N N 299 
TYR N   H2   sing N N 300 
TYR CA  C    sing N N 301 
TYR CA  CB   sing N N 302 
TYR CA  HA   sing N N 303 
TYR C   O    doub N N 304 
TYR C   OXT  sing N N 305 
TYR CB  CG   sing N N 306 
TYR CB  HB2  sing N N 307 
TYR CB  HB3  sing N N 308 
TYR CG  CD1  doub Y N 309 
TYR CG  CD2  sing Y N 310 
TYR CD1 CE1  sing Y N 311 
TYR CD1 HD1  sing N N 312 
TYR CD2 CE2  doub Y N 313 
TYR CD2 HD2  sing N N 314 
TYR CE1 CZ   doub Y N 315 
TYR CE1 HE1  sing N N 316 
TYR CE2 CZ   sing Y N 317 
TYR CE2 HE2  sing N N 318 
TYR CZ  OH   sing N N 319 
TYR OH  HH   sing N N 320 
TYR OXT HXT  sing N N 321 
VAL N   CA   sing N N 322 
VAL N   H    sing N N 323 
VAL N   H2   sing N N 324 
VAL CA  C    sing N N 325 
VAL CA  CB   sing N N 326 
VAL CA  HA   sing N N 327 
VAL C   O    doub N N 328 
VAL C   OXT  sing N N 329 
VAL CB  CG1  sing N N 330 
VAL CB  CG2  sing N N 331 
VAL CB  HB   sing N N 332 
VAL CG1 HG11 sing N N 333 
VAL CG1 HG12 sing N N 334 
VAL CG1 HG13 sing N N 335 
VAL CG2 HG21 sing N N 336 
VAL CG2 HG22 sing N N 337 
VAL CG2 HG23 sing N N 338 
VAL OXT HXT  sing N N 339 
# 
_atom_sites.entry_id                    2E12 
_atom_sites.fract_transf_matrix[1][1]   0.01549545 
_atom_sites.fract_transf_matrix[1][2]   -0.00493853 
_atom_sites.fract_transf_matrix[1][3]   -0.01168000 
_atom_sites.fract_transf_matrix[2][1]   0.00629564 
_atom_sites.fract_transf_matrix[2][2]   -0.01228740 
_atom_sites.fract_transf_matrix[2][3]   0.01354756 
_atom_sites.fract_transf_matrix[3][1]   -0.00661574 
_atom_sites.fract_transf_matrix[3][2]   -0.00891204 
_atom_sites.fract_transf_matrix[3][3]   -0.00500869 
_atom_sites.fract_transf_vector[1]      0.535510 
_atom_sites.fract_transf_vector[2]      0.588922 
_atom_sites.fract_transf_vector[3]      0.392474 
# 
loop_
_atom_type.symbol 
C 
N 
O 
S 
# 
loop_
_atom_site.group_PDB 
_atom_site.id 
_atom_site.type_symbol 
_atom_site.label_atom_id 
_atom_site.label_alt_id 
_atom_site.label_comp_id 
_atom_site.label_asym_id 
_atom_site.label_entity_id 
_atom_site.label_seq_id 
_atom_site.pdbx_PDB_ins_code 
_atom_site.Cartn_x 
_atom_site.Cartn_y 
_atom_site.Cartn_z 
_atom_site.occupancy 
_atom_site.B_iso_or_equiv 
_atom_site.pdbx_formal_charge 
_atom_site.auth_seq_id 
_atom_site.auth_comp_id 
_atom_site.auth_asym_id 
_atom_site.auth_atom_id 
_atom_site.pdbx_PDB_model_num 
ATOM   1    N N   . MET A 1 1  ? 23.376  -15.062 -7.706  1.00 2.75  ? 1   MET A N   1 
ATOM   2    C CA  . MET A 1 1  ? 23.615  -14.069 -8.809  1.00 2.75  ? 1   MET A CA  1 
ATOM   3    C C   . MET A 1 1  ? 22.626  -12.909 -8.649  1.00 2.75  ? 1   MET A C   1 
ATOM   4    O O   . MET A 1 1  ? 21.455  -13.129 -8.355  1.00 2.75  ? 1   MET A O   1 
ATOM   5    C CB  . MET A 1 1  ? 23.421  -14.747 -10.167 1.00 2.75  ? 1   MET A CB  1 
ATOM   6    C CG  . MET A 1 1  ? 23.737  -13.868 -11.372 1.00 2.75  ? 1   MET A CG  1 
ATOM   7    S SD  . MET A 1 1  ? 23.391  -14.710 -12.943 1.00 2.75  ? 1   MET A SD  1 
ATOM   8    C CE  . MET A 1 1  ? 25.024  -15.164 -13.444 1.00 2.75  ? 1   MET A CE  1 
ATOM   9    N N   . PRO A 1 2  ? 23.091  -11.664 -8.825  1.00 6.58  ? 2   PRO A N   1 
ATOM   10   C CA  . PRO A 1 2  ? 22.212  -10.497 -8.683  1.00 6.58  ? 2   PRO A CA  1 
ATOM   11   C C   . PRO A 1 2  ? 21.495  -10.065 -9.961  1.00 6.58  ? 2   PRO A C   1 
ATOM   12   O O   . PRO A 1 2  ? 22.066  -10.096 -11.045 1.00 6.58  ? 2   PRO A O   1 
ATOM   13   C CB  . PRO A 1 2  ? 23.160  -9.390  -8.191  1.00 6.58  ? 2   PRO A CB  1 
ATOM   14   C CG  . PRO A 1 2  ? 24.464  -10.114 -7.842  1.00 17.56 ? 2   PRO A CG  1 
ATOM   15   C CD  . PRO A 1 2  ? 24.500  -11.244 -8.827  1.00 28.54 ? 2   PRO A CD  1 
ATOM   16   N N   . LYS A 1 3  ? 20.238  -9.664  -9.830  1.00 6.58  ? 3   LYS A N   1 
ATOM   17   C CA  . LYS A 1 3  ? 19.483  -9.170  -10.972 1.00 6.58  ? 3   LYS A CA  1 
ATOM   18   C C   . LYS A 1 3  ? 19.577  -7.656  -10.805 1.00 6.58  ? 3   LYS A C   1 
ATOM   19   O O   . LYS A 1 3  ? 19.431  -7.151  -9.691  1.00 6.58  ? 3   LYS A O   1 
ATOM   20   C CB  . LYS A 1 3  ? 18.026  -9.635  -10.901 1.00 6.58  ? 3   LYS A CB  1 
ATOM   21   C CG  . LYS A 1 3  ? 17.871  -11.144 -10.798 1.00 17.56 ? 3   LYS A CG  1 
ATOM   22   C CD  . LYS A 1 3  ? 16.408  -11.538 -10.831 1.00 28.54 ? 3   LYS A CD  1 
ATOM   23   C CE  . LYS A 1 3  ? 16.236  -13.047 -10.771 1.00 39.52 ? 3   LYS A CE  1 
ATOM   24   N NZ  . LYS A 1 3  ? 14.799  -13.438 -10.856 1.00 50.50 ? 3   LYS A NZ  1 
ATOM   25   N N   . TYR A 1 4  ? 19.857  -6.943  -11.890 1.00 2.75  ? 4   TYR A N   1 
ATOM   26   C CA  . TYR A 1 4  ? 19.998  -5.484  -11.831 1.00 2.75  ? 4   TYR A CA  1 
ATOM   27   C C   . TYR A 1 4  ? 18.807  -4.736  -12.426 1.00 2.75  ? 4   TYR A C   1 
ATOM   28   O O   . TYR A 1 4  ? 18.221  -5.160  -13.422 1.00 6.58  ? 4   TYR A O   1 
ATOM   29   C CB  . TYR A 1 4  ? 21.289  -5.046  -12.539 1.00 2.75  ? 4   TYR A CB  1 
ATOM   30   C CG  . TYR A 1 4  ? 22.556  -5.492  -11.825 1.00 2.75  ? 4   TYR A CG  1 
ATOM   31   C CD1 . TYR A 1 4  ? 22.961  -6.832  -11.842 1.00 2.75  ? 4   TYR A CD1 1 
ATOM   32   C CD2 . TYR A 1 4  ? 23.318  -4.585  -11.077 1.00 2.75  ? 4   TYR A CD2 1 
ATOM   33   C CE1 . TYR A 1 4  ? 24.091  -7.259  -11.118 1.00 2.75  ? 4   TYR A CE1 1 
ATOM   34   C CE2 . TYR A 1 4  ? 24.452  -5.004  -10.356 1.00 2.75  ? 4   TYR A CE2 1 
ATOM   35   C CZ  . TYR A 1 4  ? 24.829  -6.339  -10.376 1.00 2.75  ? 4   TYR A CZ  1 
ATOM   36   O OH  . TYR A 1 4  ? 25.921  -6.760  -9.632  1.00 2.75  ? 4   TYR A OH  1 
ATOM   37   N N   . ALA A 1 5  ? 18.439  -3.633  -11.784 1.00 6.58  ? 5   ALA A N   1 
ATOM   38   C CA  . ALA A 1 5  ? 17.323  -2.811  -12.240 1.00 6.58  ? 5   ALA A CA  1 
ATOM   39   C C   . ALA A 1 5  ? 17.784  -1.365  -12.285 1.00 6.58  ? 5   ALA A C   1 
ATOM   40   O O   . ALA A 1 5  ? 18.680  -0.971  -11.544 1.00 6.58  ? 5   ALA A O   1 
ATOM   41   C CB  . ALA A 1 5  ? 16.125  -2.960  -11.291 1.00 6.58  ? 5   ALA A CB  1 
ATOM   42   N N   . PRO A 1 6  ? 17.191  -0.563  -13.176 1.00 2.75  ? 6   PRO A N   1 
ATOM   43   C CA  . PRO A 1 6  ? 17.531  0.853   -13.323 1.00 2.75  ? 6   PRO A CA  1 
ATOM   44   C C   . PRO A 1 6  ? 17.392  1.670   -12.024 1.00 2.75  ? 6   PRO A C   1 
ATOM   45   O O   . PRO A 1 6  ? 18.168  2.595   -11.798 1.00 6.58  ? 6   PRO A O   1 
ATOM   46   C CB  . PRO A 1 6  ? 16.591  1.328   -14.443 1.00 2.75  ? 6   PRO A CB  1 
ATOM   47   C CG  . PRO A 1 6  ? 15.539  0.224   -14.553 1.00 2.75  ? 6   PRO A CG  1 
ATOM   48   C CD  . PRO A 1 6  ? 16.325  -1.007  -14.280 1.00 2.75  ? 6   PRO A CD  1 
ATOM   49   N N   . HIS A 1 7  ? 16.410  1.329   -11.186 1.00 6.58  ? 7   HIS A N   1 
ATOM   50   C CA  . HIS A 1 7  ? 16.191  2.016   -9.901  1.00 6.58  ? 7   HIS A CA  1 
ATOM   51   C C   . HIS A 1 7  ? 15.655  1.013   -8.876  1.00 6.58  ? 7   HIS A C   1 
ATOM   52   O O   . HIS A 1 7  ? 15.008  0.040   -9.256  1.00 6.58  ? 7   HIS A O   1 
ATOM   53   C CB  . HIS A 1 7  ? 15.156  3.151   -10.033 1.00 6.58  ? 7   HIS A CB  1 
ATOM   54   C CG  . HIS A 1 7  ? 15.441  4.126   -11.134 1.00 17.56 ? 7   HIS A CG  1 
ATOM   55   N ND1 . HIS A 1 7  ? 15.159  3.857   -12.456 1.00 28.54 ? 7   HIS A ND1 1 
ATOM   56   C CD2 . HIS A 1 7  ? 15.961  5.376   -11.106 1.00 28.54 ? 7   HIS A CD2 1 
ATOM   57   C CE1 . HIS A 1 7  ? 15.491  4.900   -13.196 1.00 39.52 ? 7   HIS A CE1 1 
ATOM   58   N NE2 . HIS A 1 7  ? 15.980  5.834   -12.401 1.00 39.52 ? 7   HIS A NE2 1 
ATOM   59   N N   . VAL A 1 8  ? 15.927  1.240   -7.587  1.00 6.58  ? 8   VAL A N   1 
ATOM   60   C CA  . VAL A 1 8  ? 15.434  0.354   -6.509  1.00 6.58  ? 8   VAL A CA  1 
ATOM   61   C C   . VAL A 1 8  ? 14.993  1.192   -5.289  1.00 6.58  ? 8   VAL A C   1 
ATOM   62   O O   . VAL A 1 8  ? 15.549  2.262   -5.043  1.00 6.58  ? 8   VAL A O   1 
ATOM   63   C CB  . VAL A 1 8  ? 16.506  -0.700  -6.069  1.00 6.58  ? 8   VAL A CB  1 
ATOM   64   C CG1 . VAL A 1 8  ? 16.742  -1.711  -7.184  1.00 17.56 ? 8   VAL A CG1 1 
ATOM   65   C CG2 . VAL A 1 8  ? 17.813  -0.005  -5.702  1.00 17.56 ? 8   VAL A CG2 1 
ATOM   66   N N   . TYR A 1 9  ? 14.022  0.689   -4.522  1.00 6.58  ? 9   TYR A N   1 
ATOM   67   C CA  . TYR A 1 9  ? 13.458  1.427   -3.368  1.00 6.58  ? 9   TYR A CA  1 
ATOM   68   C C   . TYR A 1 9  ? 13.465  0.737   -1.991  1.00 6.58  ? 9   TYR A C   1 
ATOM   69   O O   . TYR A 1 9  ? 13.187  -0.454  -1.877  1.00 6.58  ? 9   TYR A O   1 
ATOM   70   C CB  . TYR A 1 9  ? 12.017  1.828   -3.705  1.00 6.58  ? 9   TYR A CB  1 
ATOM   71   C CG  . TYR A 1 9  ? 11.909  2.594   -5.004  1.00 17.56 ? 9   TYR A CG  1 
ATOM   72   C CD1 . TYR A 1 9  ? 12.076  3.980   -5.035  1.00 28.54 ? 9   TYR A CD1 1 
ATOM   73   C CD2 . TYR A 1 9  ? 11.717  1.926   -6.212  1.00 28.54 ? 9   TYR A CD2 1 
ATOM   74   C CE1 . TYR A 1 9  ? 12.058  4.680   -6.235  1.00 39.52 ? 9   TYR A CE1 1 
ATOM   75   C CE2 . TYR A 1 9  ? 11.702  2.615   -7.415  1.00 39.52 ? 9   TYR A CE2 1 
ATOM   76   C CZ  . TYR A 1 9  ? 11.873  3.992   -7.421  1.00 50.50 ? 9   TYR A CZ  1 
ATOM   77   O OH  . TYR A 1 9  ? 11.866  4.681   -8.613  1.00 61.48 ? 9   TYR A OH  1 
ATOM   78   N N   . THR A 1 10 ? 13.739  1.514   -0.945  1.00 6.58  ? 10  THR A N   1 
ATOM   79   C CA  . THR A 1 10 ? 13.804  0.989   0.421   1.00 6.58  ? 10  THR A CA  1 
ATOM   80   C C   . THR A 1 10 ? 12.889  1.697   1.425   1.00 6.58  ? 10  THR A C   1 
ATOM   81   O O   . THR A 1 10 ? 12.776  1.270   2.573   1.00 6.58  ? 10  THR A O   1 
ATOM   82   C CB  . THR A 1 10 ? 15.247  1.069   0.977   1.00 6.58  ? 10  THR A CB  1 
ATOM   83   O OG1 . THR A 1 10 ? 15.639  2.441   1.104   1.00 17.56 ? 10  THR A OG1 1 
ATOM   84   C CG2 . THR A 1 10 ? 16.218  0.365   0.043   1.00 17.56 ? 10  THR A CG2 1 
ATOM   85   N N   . GLU A 1 11 ? 12.242  2.775   0.999   1.00 6.58  ? 11  GLU A N   1 
ATOM   86   C CA  . GLU A 1 11 ? 11.360  3.528   1.893   1.00 6.58  ? 11  GLU A CA  1 
ATOM   87   C C   . GLU A 1 11 ? 9.958   2.907   1.928   1.00 6.58  ? 11  GLU A C   1 
ATOM   88   O O   . GLU A 1 11 ? 9.363   2.636   0.884   1.00 6.58  ? 11  GLU A O   1 
ATOM   89   C CB  . GLU A 1 11 ? 11.283  4.988   1.435   1.00 6.58  ? 11  GLU A CB  1 
ATOM   90   C CG  . GLU A 1 11 ? 10.752  5.955   2.489   1.00 17.56 ? 11  GLU A CG  1 
ATOM   91   C CD  . GLU A 1 11 ? 11.728  6.159   3.638   1.00 28.54 ? 11  GLU A CD  1 
ATOM   92   O OE1 . GLU A 1 11 ? 12.934  6.356   3.368   1.00 39.52 ? 11  GLU A OE1 1 
ATOM   93   O OE2 . GLU A 1 11 ? 11.288  6.135   4.808   1.00 39.52 ? 11  GLU A OE2 1 
ATOM   94   N N   . GLN A 1 12 ? 9.437   2.692   3.136   1.00 6.58  ? 12  GLN A N   1 
ATOM   95   C CA  . GLN A 1 12 ? 8.127   2.075   3.319   1.00 6.58  ? 12  GLN A CA  1 
ATOM   96   C C   . GLN A 1 12 ? 6.964   2.706   2.557   1.00 6.58  ? 12  GLN A C   1 
ATOM   97   O O   . GLN A 1 12 ? 5.971   2.031   2.276   1.00 6.58  ? 12  GLN A O   1 
ATOM   98   C CB  . GLN A 1 12 ? 7.793   1.984   4.813   1.00 6.58  ? 12  GLN A CB  1 
ATOM   99   C CG  . GLN A 1 12 ? 8.743   1.055   5.564   1.00 17.56 ? 12  GLN A CG  1 
ATOM   100  C CD  . GLN A 1 12 ? 8.984   -0.247  4.810   1.00 28.54 ? 12  GLN A CD  1 
ATOM   101  O OE1 . GLN A 1 12 ? 8.088   -1.088  4.691   1.00 39.52 ? 12  GLN A OE1 1 
ATOM   102  N NE2 . GLN A 1 12 ? 10.196  -0.410  4.286   1.00 39.52 ? 12  GLN A NE2 1 
ATOM   103  N N   . ALA A 1 13 ? 7.081   3.985   2.211   1.00 6.58  ? 13  ALA A N   1 
ATOM   104  C CA  . ALA A 1 13 ? 6.025   4.655   1.465   1.00 6.58  ? 13  ALA A CA  1 
ATOM   105  C C   . ALA A 1 13 ? 6.012   4.189   0.012   1.00 6.58  ? 13  ALA A C   1 
ATOM   106  O O   . ALA A 1 13 ? 4.947   4.047   -0.588  1.00 6.58  ? 13  ALA A O   1 
ATOM   107  C CB  . ALA A 1 13 ? 6.209   6.160   1.522   1.00 6.58  ? 13  ALA A CB  1 
ATOM   108  N N   . GLN A 1 14 ? 7.199   3.965   -0.553  1.00 6.58  ? 14  GLN A N   1 
ATOM   109  C CA  . GLN A 1 14 ? 7.325   3.512   -1.931  1.00 6.58  ? 14  GLN A CA  1 
ATOM   110  C C   . GLN A 1 14 ? 7.020   2.026   -2.033  1.00 6.58  ? 14  GLN A C   1 
ATOM   111  O O   . GLN A 1 14 ? 6.532   1.561   -3.057  1.00 6.58  ? 14  GLN A O   1 
ATOM   112  C CB  . GLN A 1 14 ? 8.734   3.781   -2.482  1.00 6.58  ? 14  GLN A CB  1 
ATOM   113  C CG  . GLN A 1 14 ? 8.993   5.206   -2.950  1.00 17.56 ? 14  GLN A CG  1 
ATOM   114  C CD  . GLN A 1 14 ? 8.682   6.245   -1.889  1.00 28.54 ? 14  GLN A CD  1 
ATOM   115  O OE1 . GLN A 1 14 ? 7.519   6.553   -1.627  1.00 39.52 ? 14  GLN A OE1 1 
ATOM   116  N NE2 . GLN A 1 14 ? 9.724   6.787   -1.266  1.00 39.52 ? 14  GLN A NE2 1 
ATOM   117  N N   . ILE A 1 15 ? 7.319   1.279   -0.977  1.00 6.58  ? 15  ILE A N   1 
ATOM   118  C CA  . ILE A 1 15 ? 7.032   -0.141  -0.988  1.00 6.58  ? 15  ILE A CA  1 
ATOM   119  C C   . ILE A 1 15 ? 5.519   -0.299  -0.875  1.00 6.58  ? 15  ILE A C   1 
ATOM   120  O O   . ILE A 1 15 ? 4.926   -1.191  -1.502  1.00 6.58  ? 15  ILE A O   1 
ATOM   121  C CB  . ILE A 1 15 ? 7.716   -0.870  0.179   1.00 6.58  ? 15  ILE A CB  1 
ATOM   122  C CG1 . ILE A 1 15 ? 9.235   -0.733  0.063   1.00 17.56 ? 15  ILE A CG1 1 
ATOM   123  C CG2 . ILE A 1 15 ? 7.358   -2.341  0.141   1.00 17.56 ? 15  ILE A CG2 1 
ATOM   124  C CD1 . ILE A 1 15 ? 9.984   -1.420  1.170   1.00 28.54 ? 15  ILE A CD1 1 
ATOM   125  N N   . ALA A 1 16 ? 4.889   0.571   -0.084  1.00 6.58  ? 16  ALA A N   1 
ATOM   126  C CA  . ALA A 1 16 ? 3.432   0.534   0.083   1.00 6.58  ? 16  ALA A CA  1 
ATOM   127  C C   . ALA A 1 16 ? 2.756   0.804   -1.263  1.00 6.58  ? 16  ALA A C   1 
ATOM   128  O O   . ALA A 1 16 ? 1.761   0.166   -1.609  1.00 6.58  ? 16  ALA A O   1 
ATOM   129  C CB  . ALA A 1 16 ? 2.987   1.575   1.114   1.00 6.58  ? 16  ALA A CB  1 
ATOM   130  N N   . THR A 1 17 ? 3.304   1.751   -2.018  1.00 6.58  ? 17  THR A N   1 
ATOM   131  C CA  . THR A 1 17 ? 2.768   2.083   -3.332  1.00 6.58  ? 17  THR A CA  1 
ATOM   132  C C   . THR A 1 17 ? 2.959   0.883   -4.266  1.00 6.58  ? 17  THR A C   1 
ATOM   133  O O   . THR A 1 17 ? 2.005   0.424   -4.894  1.00 6.58  ? 17  THR A O   1 
ATOM   134  C CB  . THR A 1 17 ? 3.477   3.323   -3.939  1.00 6.58  ? 17  THR A CB  1 
ATOM   135  O OG1 . THR A 1 17 ? 4.880   3.069   -4.049  1.00 17.56 ? 17  THR A OG1 1 
ATOM   136  C CG2 . THR A 1 17 ? 3.282   4.534   -3.048  1.00 17.56 ? 17  THR A CG2 1 
ATOM   137  N N   . LEU A 1 18 ? 4.184   0.364   -4.330  1.00 6.58  ? 18  LEU A N   1 
ATOM   138  C CA  . LEU A 1 18 ? 4.484   -0.782  -5.181  1.00 6.58  ? 18  LEU A CA  1 
ATOM   139  C C   . LEU A 1 18 ? 3.569   -1.976  -4.927  1.00 6.58  ? 18  LEU A C   1 
ATOM   140  O O   . LEU A 1 18 ? 3.178   -2.671  -5.866  1.00 6.58  ? 18  LEU A O   1 
ATOM   141  C CB  . LEU A 1 18 ? 5.946   -1.212  -4.996  1.00 6.58  ? 18  LEU A CB  1 
ATOM   142  C CG  . LEU A 1 18 ? 7.016   -0.272  -5.564  1.00 17.56 ? 18  LEU A CG  1 
ATOM   143  C CD1 . LEU A 1 18 ? 8.398   -0.707  -5.098  1.00 28.54 ? 18  LEU A CD1 1 
ATOM   144  C CD2 . LEU A 1 18 ? 6.940   -0.281  -7.084  1.00 28.54 ? 18  LEU A CD2 1 
ATOM   145  N N   . GLU A 1 19 ? 3.222   -2.214  -3.664  1.00 6.58  ? 19  GLU A N   1 
ATOM   146  C CA  . GLU A 1 19 ? 2.364   -3.346  -3.318  1.00 6.58  ? 19  GLU A CA  1 
ATOM   147  C C   . GLU A 1 19 ? 0.901   -3.143  -3.692  1.00 6.58  ? 19  GLU A C   1 
ATOM   148  O O   . GLU A 1 19 ? 0.223   -4.092  -4.086  1.00 6.58  ? 19  GLU A O   1 
ATOM   149  C CB  . GLU A 1 19 ? 2.498   -3.670  -1.819  1.00 6.58  ? 19  GLU A CB  1 
ATOM   150  C CG  . GLU A 1 19 ? 3.849   -4.288  -1.466  1.00 17.56 ? 19  GLU A CG  1 
ATOM   151  C CD  . GLU A 1 19 ? 4.049   -4.486  0.027   1.00 28.54 ? 19  GLU A CD  1 
ATOM   152  O OE1 . GLU A 1 19 ? 3.961   -3.494  0.780   1.00 39.52 ? 19  GLU A OE1 1 
ATOM   153  O OE2 . GLU A 1 19 ? 4.307   -5.634  0.448   1.00 39.52 ? 19  GLU A OE2 1 
ATOM   154  N N   . HIS A 1 20 ? 0.413   -1.909  -3.576  1.00 6.58  ? 20  HIS A N   1 
ATOM   155  C CA  . HIS A 1 20 ? -0.977  -1.617  -3.926  1.00 6.58  ? 20  HIS A CA  1 
ATOM   156  C C   . HIS A 1 20 ? -1.211  -1.833  -5.429  1.00 6.58  ? 20  HIS A C   1 
ATOM   157  O O   . HIS A 1 20 ? -2.277  -2.276  -5.829  1.00 6.58  ? 20  HIS A O   1 
ATOM   158  C CB  . HIS A 1 20 ? -1.337  -0.175  -3.548  1.00 6.58  ? 20  HIS A CB  1 
ATOM   159  C CG  . HIS A 1 20 ? -2.755  0.195   -3.856  1.00 17.56 ? 20  HIS A CG  1 
ATOM   160  N ND1 . HIS A 1 20 ? -3.832  -0.432  -3.268  1.00 28.54 ? 20  HIS A ND1 1 
ATOM   161  C CD2 . HIS A 1 20 ? -3.271  1.123   -4.697  1.00 28.54 ? 20  HIS A CD2 1 
ATOM   162  C CE1 . HIS A 1 20 ? -4.953  0.093   -3.735  1.00 39.52 ? 20  HIS A CE1 1 
ATOM   163  N NE2 . HIS A 1 20 ? -4.639  1.038   -4.603  1.00 39.52 ? 20  HIS A NE2 1 
ATOM   164  N N   . TRP A 1 21 ? -0.203  -1.527  -6.247  1.00 6.58  ? 21  TRP A N   1 
ATOM   165  C CA  . TRP A 1 21 ? -0.305  -1.688  -7.699  1.00 6.58  ? 21  TRP A CA  1 
ATOM   166  C C   . TRP A 1 21 ? -0.527  -3.142  -8.088  1.00 6.58  ? 21  TRP A C   1 
ATOM   167  O O   . TRP A 1 21 ? -1.273  -3.437  -9.025  1.00 6.58  ? 21  TRP A O   1 
ATOM   168  C CB  . TRP A 1 21 ? 0.965   -1.177  -8.395  1.00 6.58  ? 21  TRP A CB  1 
ATOM   169  C CG  . TRP A 1 21 ? 1.140   0.324   -8.388  1.00 17.56 ? 21  TRP A CG  1 
ATOM   170  C CD1 . TRP A 1 21 ? 2.316   1.008   -8.521  1.00 28.54 ? 21  TRP A CD1 1 
ATOM   171  C CD2 . TRP A 1 21 ? 0.112   1.319   -8.264  1.00 28.54 ? 21  TRP A CD2 1 
ATOM   172  N NE1 . TRP A 1 21 ? 2.087   2.359   -8.486  1.00 39.52 ? 21  TRP A NE1 1 
ATOM   173  C CE2 . TRP A 1 21 ? 0.743   2.580   -8.330  1.00 39.52 ? 21  TRP A CE2 1 
ATOM   174  C CE3 . TRP A 1 21 ? -1.280  1.266   -8.104  1.00 39.52 ? 21  TRP A CE3 1 
ATOM   175  C CZ2 . TRP A 1 21 ? 0.031   3.780   -8.241  1.00 50.50 ? 21  TRP A CZ2 1 
ATOM   176  C CZ3 . TRP A 1 21 ? -1.988  2.460   -8.015  1.00 50.50 ? 21  TRP A CZ3 1 
ATOM   177  C CH2 . TRP A 1 21 ? -1.329  3.700   -8.085  1.00 61.48 ? 21  TRP A CH2 1 
ATOM   178  N N   . VAL A 1 22 ? 0.139   -4.049  -7.380  1.00 6.58  ? 22  VAL A N   1 
ATOM   179  C CA  . VAL A 1 22 ? -0.009  -5.473  -7.657  1.00 6.58  ? 22  VAL A CA  1 
ATOM   180  C C   . VAL A 1 22 ? -1.470  -5.874  -7.433  1.00 6.58  ? 22  VAL A C   1 
ATOM   181  O O   . VAL A 1 22 ? -2.059  -6.575  -8.241  1.00 6.58  ? 22  VAL A O   1 
ATOM   182  C CB  . VAL A 1 22 ? 0.923   -6.315  -6.745  1.00 6.58  ? 22  VAL A CB  1 
ATOM   183  C CG1 . VAL A 1 22 ? 0.746   -7.806  -7.021  1.00 17.56 ? 22  VAL A CG1 1 
ATOM   184  C CG2 . VAL A 1 22 ? 2.376   -5.901  -6.982  1.00 17.56 ? 22  VAL A CG2 1 
ATOM   185  N N   . LYS A 1 23 ? -2.039  -5.397  -6.332  1.00 6.58  ? 23  LYS A N   1 
ATOM   186  C CA  . LYS A 1 23 ? -3.428  -5.666  -5.979  1.00 6.58  ? 23  LYS A CA  1 
ATOM   187  C C   . LYS A 1 23 ? -4.383  -5.225  -7.087  1.00 6.58  ? 23  LYS A C   1 
ATOM   188  O O   . LYS A 1 23 ? -5.461  -5.794  -7.257  1.00 6.58  ? 23  LYS A O   1 
ATOM   189  C CB  . LYS A 1 23 ? -3.783  -4.929  -4.682  1.00 6.58  ? 23  LYS A CB  1 
ATOM   190  C CG  . LYS A 1 23 ? -3.185  -5.531  -3.420  1.00 17.56 ? 23  LYS A CG  1 
ATOM   191  C CD  . LYS A 1 23 ? -3.946  -6.773  -2.991  1.00 28.54 ? 23  LYS A CD  1 
ATOM   192  C CE  . LYS A 1 23 ? -5.439  -6.479  -2.926  1.00 39.52 ? 23  LYS A CE  1 
ATOM   193  N NZ  . LYS A 1 23 ? -5.704  -5.181  -2.241  1.00 50.50 ? 23  LYS A NZ  1 
ATOM   194  N N   . LEU A 1 24 ? -3.987  -4.200  -7.832  1.00 6.58  ? 24  LEU A N   1 
ATOM   195  C CA  . LEU A 1 24 ? -4.810  -3.685  -8.913  1.00 6.58  ? 24  LEU A CA  1 
ATOM   196  C C   . LEU A 1 24 ? -4.393  -4.232  -10.282 1.00 6.58  ? 24  LEU A C   1 
ATOM   197  O O   . LEU A 1 24 ? -5.009  -3.913  -11.293 1.00 6.58  ? 24  LEU A O   1 
ATOM   198  C CB  . LEU A 1 24 ? -4.746  -2.160  -8.924  1.00 6.58  ? 24  LEU A CB  1 
ATOM   199  C CG  . LEU A 1 24 ? -5.146  -1.480  -7.611  1.00 17.56 ? 24  LEU A CG  1 
ATOM   200  C CD1 . LEU A 1 24 ? -4.981  0.029   -7.759  1.00 28.54 ? 24  LEU A CD1 1 
ATOM   201  C CD2 . LEU A 1 24 ? -6.581  -1.832  -7.247  1.00 28.54 ? 24  LEU A CD2 1 
ATOM   202  N N   . LEU A 1 25 ? -3.351  -5.055  -10.317 1.00 6.58  ? 25  LEU A N   1 
ATOM   203  C CA  . LEU A 1 25 ? -2.878  -5.619  -11.579 1.00 6.58  ? 25  LEU A CA  1 
ATOM   204  C C   . LEU A 1 25 ? -2.894  -7.140  -11.561 1.00 6.58  ? 25  LEU A C   1 
ATOM   205  O O   . LEU A 1 25 ? -1.883  -7.785  -11.856 1.00 6.58  ? 25  LEU A O   1 
ATOM   206  C CB  . LEU A 1 25 ? -1.450  -5.140  -11.876 1.00 6.58  ? 25  LEU A CB  1 
ATOM   207  C CG  . LEU A 1 25 ? -1.255  -3.671  -12.257 1.00 17.56 ? 25  LEU A CG  1 
ATOM   208  C CD1 . LEU A 1 25 ? 0.221   -3.305  -12.217 1.00 28.54 ? 25  LEU A CD1 1 
ATOM   209  C CD2 . LEU A 1 25 ? -1.828  -3.433  -13.641 1.00 28.54 ? 25  LEU A CD2 1 
ATOM   210  N N   . ASP A 1 26 ? -4.039  -7.718  -11.222 1.00 2.75  ? 26  ASP A N   1 
ATOM   211  C CA  . ASP A 1 26 ? -4.130  -9.165  -11.171 1.00 2.75  ? 26  ASP A CA  1 
ATOM   212  C C   . ASP A 1 26 ? -3.930  -9.802  -12.556 1.00 2.75  ? 26  ASP A C   1 
ATOM   213  O O   . ASP A 1 26 ? -4.244  -9.206  -13.591 1.00 2.75  ? 26  ASP A O   1 
ATOM   214  C CB  . ASP A 1 26 ? -5.476  -9.592  -10.578 1.00 2.75  ? 26  ASP A CB  1 
ATOM   215  C CG  . ASP A 1 26 ? -5.504  -11.063 -10.218 1.00 2.75  ? 26  ASP A CG  1 
ATOM   216  O OD1 . ASP A 1 26 ? -6.615  -11.602 -10.004 1.00 2.75  ? 26  ASP A OD1 1 
ATOM   217  O OD2 . ASP A 1 26 ? -4.414  -11.688 -10.139 1.00 2.75  ? 26  ASP A OD2 1 
ATOM   218  N N   . GLY A 1 27 ? -3.397  -11.020 -12.562 1.00 2.75  ? 27  GLY A N   1 
ATOM   219  C CA  . GLY A 1 27 ? -3.164  -11.716 -13.816 1.00 2.75  ? 27  GLY A CA  1 
ATOM   220  C C   . GLY A 1 27 ? -4.372  -11.724 -14.738 1.00 2.75  ? 27  GLY A C   1 
ATOM   221  O O   . GLY A 1 27 ? -5.498  -12.017 -14.304 1.00 2.75  ? 27  GLY A O   1 
ATOM   222  N N   . GLN A 1 28 ? -4.128  -11.371 -16.005 1.00 2.75  ? 28  GLN A N   1 
ATOM   223  C CA  . GLN A 1 28 ? -5.138  -11.340 -17.073 1.00 2.75  ? 28  GLN A CA  1 
ATOM   224  C C   . GLN A 1 28 ? -6.197  -10.241 -17.004 1.00 2.75  ? 28  GLN A C   1 
ATOM   225  O O   . GLN A 1 28 ? -7.115  -10.229 -17.816 1.00 2.75  ? 28  GLN A O   1 
ATOM   226  C CB  . GLN A 1 28 ? -5.839  -12.708 -17.186 1.00 2.75  ? 28  GLN A CB  1 
ATOM   227  C CG  . GLN A 1 28 ? -4.945  -13.840 -17.681 1.00 2.75  ? 28  GLN A CG  1 
ATOM   228  C CD  . GLN A 1 28 ? -4.372  -13.582 -19.069 1.00 2.75  ? 28  GLN A CD  1 
ATOM   229  O OE1 . GLN A 1 28 ? -5.092  -13.593 -20.061 1.00 2.75  ? 28  GLN A OE1 1 
ATOM   230  N NE2 . GLN A 1 28 ? -3.068  -13.347 -19.140 1.00 2.75  ? 28  GLN A NE2 1 
ATOM   231  N N   . GLU A 1 29 ? -6.078  -9.314  -16.054 1.00 2.75  ? 29  GLU A N   1 
ATOM   232  C CA  . GLU A 1 29 ? -7.061  -8.240  -15.932 1.00 2.75  ? 29  GLU A CA  1 
ATOM   233  C C   . GLU A 1 29 ? -6.771  -7.145  -16.953 1.00 2.75  ? 29  GLU A C   1 
ATOM   234  O O   . GLU A 1 29 ? -5.612  -6.813  -17.212 1.00 2.75  ? 29  GLU A O   1 
ATOM   235  C CB  . GLU A 1 29 ? -7.025  -7.658  -14.514 1.00 2.75  ? 29  GLU A CB  1 
ATOM   236  C CG  . GLU A 1 29 ? -8.178  -6.729  -14.154 1.00 2.75  ? 29  GLU A CG  1 
ATOM   237  C CD  . GLU A 1 29 ? -9.460  -7.461  -13.772 1.00 2.75  ? 29  GLU A CD  1 
ATOM   238  O OE1 . GLU A 1 29 ? -10.457 -7.331  -14.526 1.00 2.75  ? 29  GLU A OE1 1 
ATOM   239  O OE2 . GLU A 1 29 ? -9.486  -8.158  -12.724 1.00 2.75  ? 29  GLU A OE2 1 
ATOM   240  N N   . ARG A 1 30 ? -7.825  -6.596  -17.541 1.00 2.75  ? 30  ARG A N   1 
ATOM   241  C CA  . ARG A 1 30 ? -7.671  -5.533  -18.532 1.00 2.75  ? 30  ARG A CA  1 
ATOM   242  C C   . ARG A 1 30 ? -7.676  -4.197  -17.810 1.00 2.75  ? 30  ARG A C   1 
ATOM   243  O O   . ARG A 1 30 ? -8.603  -3.891  -17.055 1.00 2.75  ? 30  ARG A O   1 
ATOM   244  C CB  . ARG A 1 30 ? -8.807  -5.594  -19.542 1.00 2.75  ? 30  ARG A CB  1 
ATOM   245  C CG  . ARG A 1 30 ? -8.674  -6.726  -20.550 1.00 2.75  ? 30  ARG A CG  1 
ATOM   246  C CD  . ARG A 1 30 ? -9.952  -6.893  -21.348 1.00 2.75  ? 30  ARG A CD  1 
ATOM   247  N NE  . ARG A 1 30 ? -10.254 -5.738  -22.191 1.00 2.75  ? 30  ARG A NE  1 
ATOM   248  C CZ  . ARG A 1 30 ? -11.483 -5.406  -22.564 1.00 2.75  ? 30  ARG A CZ  1 
ATOM   249  N NH1 . ARG A 1 30 ? -12.508 -6.144  -22.163 1.00 2.75  ? 30  ARG A NH1 1 
ATOM   250  N NH2 . ARG A 1 30 ? -11.687 -4.342  -23.332 1.00 2.75  ? 30  ARG A NH2 1 
ATOM   251  N N   . VAL A 1 31 ? -6.630  -3.406  -18.026 1.00 6.58  ? 31  VAL A N   1 
ATOM   252  C CA  . VAL A 1 31 ? -6.530  -2.122  -17.356 1.00 6.58  ? 31  VAL A CA  1 
ATOM   253  C C   . VAL A 1 31 ? -5.875  -1.065  -18.230 1.00 6.58  ? 31  VAL A C   1 
ATOM   254  O O   . VAL A 1 31 ? -5.332  -1.364  -19.296 1.00 6.58  ? 31  VAL A O   1 
ATOM   255  C CB  . VAL A 1 31 ? -5.696  -2.250  -16.065 1.00 6.58  ? 31  VAL A CB  1 
ATOM   256  C CG1 . VAL A 1 31 ? -6.306  -3.292  -15.143 1.00 17.56 ? 31  VAL A CG1 1 
ATOM   257  C CG2 . VAL A 1 31 ? -4.269  -2.641  -16.417 1.00 17.56 ? 31  VAL A CG2 1 
ATOM   258  N N   . ARG A 1 32 ? -5.964  0.178   -17.779 1.00 6.58  ? 32  ARG A N   1 
ATOM   259  C CA  . ARG A 1 32 ? -5.335  1.296   -18.469 1.00 6.58  ? 32  ARG A CA  1 
ATOM   260  C C   . ARG A 1 32 ? -4.425  1.835   -17.381 1.00 6.58  ? 32  ARG A C   1 
ATOM   261  O O   . ARG A 1 32 ? -4.857  2.007   -16.239 1.00 6.58  ? 32  ARG A O   1 
ATOM   262  C CB  . ARG A 1 32 ? -6.357  2.353   -18.872 1.00 6.58  ? 32  ARG A CB  1 
ATOM   263  C CG  . ARG A 1 32 ? -5.992  3.142   -20.125 1.00 17.56 ? 32  ARG A CG  1 
ATOM   264  C CD  . ARG A 1 32 ? -7.243  3.768   -20.740 1.00 28.54 ? 32  ARG A CD  1 
ATOM   265  N NE  . ARG A 1 32 ? -8.095  4.403   -19.735 1.00 39.52 ? 32  ARG A NE  1 
ATOM   266  C CZ  . ARG A 1 32 ? -7.734  5.444   -18.989 1.00 50.50 ? 32  ARG A CZ  1 
ATOM   267  N NH1 . ARG A 1 32 ? -6.530  5.983   -19.132 1.00 61.48 ? 32  ARG A NH1 1 
ATOM   268  N NH2 . ARG A 1 32 ? -8.573  5.941   -18.093 1.00 61.48 ? 32  ARG A NH2 1 
ATOM   269  N N   . ILE A 1 33 ? -3.172  2.090   -17.735 1.00 6.58  ? 33  ILE A N   1 
ATOM   270  C CA  . ILE A 1 33 ? -2.183  2.554   -16.773 1.00 6.58  ? 33  ILE A CA  1 
ATOM   271  C C   . ILE A 1 33 ? -1.646  3.953   -17.030 1.00 6.58  ? 33  ILE A C   1 
ATOM   272  O O   . ILE A 1 33 ? -1.389  4.318   -18.170 1.00 6.58  ? 33  ILE A O   1 
ATOM   273  C CB  . ILE A 1 33 ? -0.990  1.583   -16.764 1.00 6.58  ? 33  ILE A CB  1 
ATOM   274  C CG1 . ILE A 1 33 ? -1.498  0.161   -16.504 1.00 17.56 ? 33  ILE A CG1 1 
ATOM   275  C CG2 . ILE A 1 33 ? 0.033   2.005   -15.716 1.00 17.56 ? 33  ILE A CG2 1 
ATOM   276  C CD1 . ILE A 1 33 ? -0.438  -0.911  -16.665 1.00 28.54 ? 33  ILE A CD1 1 
ATOM   277  N N   . GLU A 1 34 ? -1.483  4.726   -15.958 1.00 6.58  ? 34  GLU A N   1 
ATOM   278  C CA  . GLU A 1 34 ? -0.924  6.071   -16.054 1.00 6.58  ? 34  GLU A CA  1 
ATOM   279  C C   . GLU A 1 34 ? 0.538   5.981   -15.598 1.00 6.58  ? 34  GLU A C   1 
ATOM   280  O O   . GLU A 1 34 ? 0.817   5.513   -14.492 1.00 6.58  ? 34  GLU A O   1 
ATOM   281  C CB  . GLU A 1 34 ? -1.687  7.060   -15.161 1.00 6.58  ? 34  GLU A CB  1 
ATOM   282  C CG  . GLU A 1 34 ? -3.130  7.319   -15.587 1.00 17.56 ? 34  GLU A CG  1 
ATOM   283  C CD  . GLU A 1 34 ? -3.738  8.530   -14.890 1.00 28.54 ? 34  GLU A CD  1 
ATOM   284  O OE1 . GLU A 1 34 ? -4.956  8.771   -15.050 1.00 39.52 ? 34  GLU A OE1 1 
ATOM   285  O OE2 . GLU A 1 34 ? -2.992  9.247   -14.187 1.00 39.52 ? 34  GLU A OE2 1 
ATOM   286  N N   . LEU A 1 35 ? 1.455   6.431   -16.458 1.00 6.58  ? 35  LEU A N   1 
ATOM   287  C CA  . LEU A 1 35 ? 2.898   6.407   -16.191 1.00 6.58  ? 35  LEU A CA  1 
ATOM   288  C C   . LEU A 1 35 ? 3.427   7.802   -15.851 1.00 6.58  ? 35  LEU A C   1 
ATOM   289  O O   . LEU A 1 35 ? 2.865   8.797   -16.294 1.00 6.58  ? 35  LEU A O   1 
ATOM   290  C CB  . LEU A 1 35 ? 3.639   5.868   -17.416 1.00 6.58  ? 35  LEU A CB  1 
ATOM   291  C CG  . LEU A 1 35 ? 3.302   4.438   -17.852 1.00 17.56 ? 35  LEU A CG  1 
ATOM   292  C CD1 . LEU A 1 35 ? 3.779   4.208   -19.270 1.00 28.54 ? 35  LEU A CD1 1 
ATOM   293  C CD2 . LEU A 1 35 ? 3.933   3.443   -16.892 1.00 28.54 ? 35  LEU A CD2 1 
ATOM   294  N N   . ASP A 1 36 ? 4.527   7.865   -15.098 1.00 6.58  ? 36  ASP A N   1 
ATOM   295  C CA  . ASP A 1 36 ? 5.107   9.151   -14.681 1.00 6.58  ? 36  ASP A CA  1 
ATOM   296  C C   . ASP A 1 36 ? 5.786   10.006  -15.756 1.00 6.58  ? 36  ASP A C   1 
ATOM   297  O O   . ASP A 1 36 ? 6.352   11.052  -15.448 1.00 6.58  ? 36  ASP A O   1 
ATOM   298  C CB  . ASP A 1 36 ? 6.078   8.939   -13.505 1.00 6.58  ? 36  ASP A CB  1 
ATOM   299  C CG  . ASP A 1 36 ? 7.323   8.153   -13.891 1.00 17.56 ? 36  ASP A CG  1 
ATOM   300  O OD1 . ASP A 1 36 ? 7.506   7.855   -15.085 1.00 28.54 ? 36  ASP A OD1 1 
ATOM   301  O OD2 . ASP A 1 36 ? 8.128   7.840   -12.989 1.00 28.54 ? 36  ASP A OD2 1 
ATOM   302  N N   . ASP A 1 37 ? 5.725   9.563   -17.010 1.00 6.58  ? 37  ASP A N   1 
ATOM   303  C CA  . ASP A 1 37 ? 6.312   10.310  -18.123 1.00 6.58  ? 37  ASP A CA  1 
ATOM   304  C C   . ASP A 1 37 ? 5.188   10.956  -18.944 1.00 6.58  ? 37  ASP A C   1 
ATOM   305  O O   . ASP A 1 37 ? 5.423   11.541  -20.006 1.00 6.58  ? 37  ASP A O   1 
ATOM   306  C CB  . ASP A 1 37 ? 7.122   9.371   -19.008 1.00 6.58  ? 37  ASP A CB  1 
ATOM   307  C CG  . ASP A 1 37 ? 6.248   8.461   -19.831 1.00 17.56 ? 37  ASP A CG  1 
ATOM   308  O OD1 . ASP A 1 37 ? 5.207   8.013   -19.302 1.00 28.54 ? 37  ASP A OD1 1 
ATOM   309  O OD2 . ASP A 1 37 ? 6.609   8.192   -20.997 1.00 28.54 ? 37  ASP A OD2 1 
ATOM   310  N N   . GLY A 1 38 ? 3.963   10.842  -18.436 1.00 6.58  ? 38  GLY A N   1 
ATOM   311  C CA  . GLY A 1 38 ? 2.810   11.410  -19.102 1.00 6.58  ? 38  GLY A CA  1 
ATOM   312  C C   . GLY A 1 38 ? 2.107   10.419  -20.014 1.00 6.58  ? 38  GLY A C   1 
ATOM   313  O O   . GLY A 1 38 ? 0.951   10.614  -20.392 1.00 6.58  ? 38  GLY A O   1 
ATOM   314  N N   . SER A 1 39 ? 2.806   9.348   -20.369 1.00 6.58  ? 39  SER A N   1 
ATOM   315  C CA  . SER A 1 39 ? 2.235   8.343   -21.254 1.00 6.58  ? 39  SER A CA  1 
ATOM   316  C C   . SER A 1 39 ? 1.292   7.393   -20.518 1.00 6.58  ? 39  SER A C   1 
ATOM   317  O O   . SER A 1 39 ? 1.149   7.436   -19.291 1.00 6.58  ? 39  SER A O   1 
ATOM   318  C CB  . SER A 1 39 ? 3.350   7.549   -21.945 1.00 6.58  ? 39  SER A CB  1 
ATOM   319  O OG  . SER A 1 39 ? 4.090   6.789   -21.003 1.00 17.56 ? 39  SER A OG  1 
ATOM   320  N N   . MET A 1 40 ? 0.644   6.532   -21.288 1.00 6.58  ? 40  MET A N   1 
ATOM   321  C CA  . MET A 1 40 ? -0.294  5.582   -20.731 1.00 6.58  ? 40  MET A CA  1 
ATOM   322  C C   . MET A 1 40 ? -0.402  4.400   -21.663 1.00 6.58  ? 40  MET A C   1 
ATOM   323  O O   . MET A 1 40 ? -0.473  4.559   -22.880 1.00 6.58  ? 40  MET A O   1 
ATOM   324  C CB  . MET A 1 40 ? -1.659  6.248   -20.536 1.00 6.58  ? 40  MET A CB  1 
ATOM   325  C CG  . MET A 1 40 ? -2.127  7.111   -21.699 1.00 17.56 ? 40  MET A CG  1 
ATOM   326  S SD  . MET A 1 40 ? -2.633  6.186   -23.167 1.00 28.54 ? 40  MET A SD  1 
ATOM   327  C CE  . MET A 1 40 ? -4.407  6.015   -22.873 1.00 39.52 ? 40  MET A CE  1 
ATOM   328  N N   . ILE A 1 41 ? -0.380  3.208   -21.080 1.00 6.58  ? 41  ILE A N   1 
ATOM   329  C CA  . ILE A 1 41 ? -0.485  1.974   -21.846 1.00 6.58  ? 41  ILE A CA  1 
ATOM   330  C C   . ILE A 1 41 ? -1.719  1.223   -21.387 1.00 6.58  ? 41  ILE A C   1 
ATOM   331  O O   . ILE A 1 41 ? -2.060  1.232   -20.207 1.00 6.58  ? 41  ILE A O   1 
ATOM   332  C CB  . ILE A 1 41 ? 0.764   1.080   -21.648 1.00 6.58  ? 41  ILE A CB  1 
ATOM   333  C CG1 . ILE A 1 41 ? 0.623   -0.197  -22.482 1.00 17.56 ? 41  ILE A CG1 1 
ATOM   334  C CG2 . ILE A 1 41 ? 0.933   0.730   -20.171 1.00 17.56 ? 41  ILE A CG2 1 
ATOM   335  C CD1 . ILE A 1 41 ? 1.883   -1.039  -22.555 1.00 28.54 ? 41  ILE A CD1 1 
ATOM   336  N N   . ALA A 1 42 ? -2.400  0.582   -22.324 1.00 6.58  ? 42  ALA A N   1 
ATOM   337  C CA  . ALA A 1 42 ? -3.597  -0.173  -21.998 1.00 6.58  ? 42  ALA A CA  1 
ATOM   338  C C   . ALA A 1 42 ? -3.446  -1.563  -22.578 1.00 6.58  ? 42  ALA A C   1 
ATOM   339  O O   . ALA A 1 42 ? -2.809  -1.738  -23.614 1.00 6.58  ? 42  ALA A O   1 
ATOM   340  C CB  . ALA A 1 42 ? -4.810  0.499   -22.580 1.00 6.58  ? 42  ALA A CB  1 
ATOM   341  N N   . GLY A 1 43 ? -4.019  -2.548  -21.899 1.00 6.58  ? 43  GLY A N   1 
ATOM   342  C CA  . GLY A 1 43 ? -3.925  -3.904  -22.385 1.00 6.58  ? 43  GLY A CA  1 
ATOM   343  C C   . GLY A 1 43 ? -4.230  -4.931  -21.331 1.00 6.58  ? 43  GLY A C   1 
ATOM   344  O O   . GLY A 1 43 ? -4.913  -4.641  -20.337 1.00 6.58  ? 43  GLY A O   1 
ATOM   345  N N   . THR A 1 44 ? -3.720  -6.139  -21.538 1.00 2.75  ? 44  THR A N   1 
ATOM   346  C CA  . THR A 1 44 ? -3.950  -7.205  -20.578 1.00 2.75  ? 44  THR A CA  1 
ATOM   347  C C   . THR A 1 44 ? -2.693  -7.551  -19.786 1.00 2.75  ? 44  THR A C   1 
ATOM   348  O O   . THR A 1 44 ? -1.608  -7.706  -20.348 1.00 2.75  ? 44  THR A O   1 
ATOM   349  C CB  . THR A 1 44 ? -4.460  -8.485  -21.276 1.00 2.75  ? 44  THR A CB  1 
ATOM   350  O OG1 . THR A 1 44 ? -5.488  -8.150  -22.214 1.00 2.75  ? 44  THR A OG1 1 
ATOM   351  C CG2 . THR A 1 44 ? -5.051  -9.441  -20.247 1.00 2.75  ? 44  THR A CG2 1 
ATOM   352  N N   . VAL A 1 45 ? -2.851  -7.640  -18.469 1.00 2.75  ? 45  VAL A N   1 
ATOM   353  C CA  . VAL A 1 45 ? -1.763  -8.024  -17.570 1.00 2.75  ? 45  VAL A CA  1 
ATOM   354  C C   . VAL A 1 45 ? -1.427  -9.474  -17.928 1.00 2.75  ? 45  VAL A C   1 
ATOM   355  O O   . VAL A 1 45 ? -2.220  -10.368 -17.665 1.00 2.75  ? 45  VAL A O   1 
ATOM   356  C CB  . VAL A 1 45 ? -2.219  -7.999  -16.093 1.00 2.75  ? 45  VAL A CB  1 
ATOM   357  C CG1 . VAL A 1 45 ? -1.051  -8.411  -15.175 1.00 2.75  ? 45  VAL A CG1 1 
ATOM   358  C CG2 . VAL A 1 45 ? -2.729  -6.607  -15.721 1.00 2.75  ? 45  VAL A CG2 1 
ATOM   359  N N   . ALA A 1 46 ? -0.254  -9.706  -18.516 1.00 2.75  ? 46  ALA A N   1 
ATOM   360  C CA  . ALA A 1 46 ? 0.139   -11.062 -18.906 1.00 2.75  ? 46  ALA A CA  1 
ATOM   361  C C   . ALA A 1 46 ? 0.184   -12.028 -17.724 1.00 2.75  ? 46  ALA A C   1 
ATOM   362  O O   . ALA A 1 46 ? -0.323  -13.137 -17.801 1.00 2.75  ? 46  ALA A O   1 
ATOM   363  C CB  . ALA A 1 46 ? 1.500   -11.034 -19.609 1.00 2.75  ? 46  ALA A CB  1 
ATOM   364  N N   . VAL A 1 47 ? 0.797   -11.599 -16.627 1.00 2.75  ? 47  VAL A N   1 
ATOM   365  C CA  . VAL A 1 47 ? 0.910   -12.437 -15.443 1.00 2.75  ? 47  VAL A CA  1 
ATOM   366  C C   . VAL A 1 47 ? 0.977   -11.513 -14.222 1.00 2.75  ? 47  VAL A C   1 
ATOM   367  O O   . VAL A 1 47 ? 1.566   -10.437 -14.302 1.00 2.75  ? 47  VAL A O   1 
ATOM   368  C CB  . VAL A 1 47 ? 2.178   -13.325 -15.540 1.00 2.75  ? 47  VAL A CB  1 
ATOM   369  C CG1 . VAL A 1 47 ? 3.435   -12.459 -15.511 1.00 2.75  ? 47  VAL A CG1 1 
ATOM   370  C CG2 . VAL A 1 47 ? 2.200   -14.352 -14.424 1.00 2.75  ? 47  VAL A CG2 1 
ATOM   371  N N   . ARG A 1 48 ? 0.360   -11.907 -13.106 1.00 6.58  ? 48  ARG A N   1 
ATOM   372  C CA  . ARG A 1 48 ? 0.389   -11.060 -11.912 1.00 6.58  ? 48  ARG A CA  1 
ATOM   373  C C   . ARG A 1 48 ? 1.849   -10.783 -11.588 1.00 6.58  ? 48  ARG A C   1 
ATOM   374  O O   . ARG A 1 48 ? 2.646   -11.711 -11.450 1.00 6.58  ? 48  ARG A O   1 
ATOM   375  C CB  . ARG A 1 48 ? -0.284  -11.750 -10.716 1.00 6.58  ? 48  ARG A CB  1 
ATOM   376  C CG  . ARG A 1 48 ? -0.242  -10.910 -9.433  1.00 17.56 ? 48  ARG A CG  1 
ATOM   377  C CD  . ARG A 1 48 ? -0.781  -11.664 -8.215  1.00 28.54 ? 48  ARG A CD  1 
ATOM   378  N NE  . ARG A 1 48 ? -2.225  -11.877 -8.273  1.00 39.52 ? 48  ARG A NE  1 
ATOM   379  C CZ  . ARG A 1 48 ? -2.935  -12.464 -7.314  1.00 50.50 ? 48  ARG A CZ  1 
ATOM   380  N NH1 . ARG A 1 48 ? -2.339  -12.902 -6.215  1.00 61.48 ? 48  ARG A NH1 1 
ATOM   381  N NH2 . ARG A 1 48 ? -4.245  -12.616 -7.454  1.00 61.48 ? 48  ARG A NH2 1 
ATOM   382  N N   . PRO A 1 49 ? 2.225   -9.498  -11.482 1.00 6.58  ? 49  PRO A N   1 
ATOM   383  C CA  . PRO A 1 49 ? 3.617   -9.148  -11.176 1.00 6.58  ? 49  PRO A CA  1 
ATOM   384  C C   . PRO A 1 49 ? 3.957   -9.356  -9.706  1.00 6.58  ? 49  PRO A C   1 
ATOM   385  O O   . PRO A 1 49 ? 3.067   -9.508  -8.866  1.00 6.58  ? 49  PRO A O   1 
ATOM   386  C CB  . PRO A 1 49 ? 3.698   -7.685  -11.591 1.00 6.58  ? 49  PRO A CB  1 
ATOM   387  C CG  . PRO A 1 49 ? 2.330   -7.179  -11.265 1.00 17.56 ? 49  PRO A CG  1 
ATOM   388  C CD  . PRO A 1 49 ? 1.433   -8.289  -11.778 1.00 28.54 ? 49  PRO A CD  1 
ATOM   389  N N   . THR A 1 50 ? 5.251   -9.367  -9.403  1.00 6.58  ? 50  THR A N   1 
ATOM   390  C CA  . THR A 1 50 ? 5.708   -9.564  -8.032  1.00 6.58  ? 50  THR A CA  1 
ATOM   391  C C   . THR A 1 50 ? 6.769   -8.529  -7.691  1.00 6.58  ? 50  THR A C   1 
ATOM   392  O O   . THR A 1 50 ? 7.548   -8.128  -8.557  1.00 6.58  ? 50  THR A O   1 
ATOM   393  C CB  . THR A 1 50 ? 6.328   -10.962 -7.861  1.00 6.58  ? 50  THR A CB  1 
ATOM   394  O OG1 . THR A 1 50 ? 7.512   -11.054 -8.661  1.00 17.56 ? 50  THR A OG1 1 
ATOM   395  C CG2 . THR A 1 50 ? 5.344   -12.036 -8.306  1.00 17.56 ? 50  THR A CG2 1 
ATOM   396  N N   . ILE A 1 51 ? 6.791   -8.085  -6.440  1.00 6.58  ? 51  ILE A N   1 
ATOM   397  C CA  . ILE A 1 51 ? 7.793   -7.114  -6.011  1.00 6.58  ? 51  ILE A CA  1 
ATOM   398  C C   . ILE A 1 51 ? 8.992   -7.920  -5.519  1.00 6.58  ? 51  ILE A C   1 
ATOM   399  O O   . ILE A 1 51 ? 8.826   -8.867  -4.741  1.00 6.58  ? 51  ILE A O   1 
ATOM   400  C CB  . ILE A 1 51 ? 7.259   -6.221  -4.862  1.00 6.58  ? 51  ILE A CB  1 
ATOM   401  C CG1 . ILE A 1 51 ? 5.991   -5.490  -5.319  1.00 17.56 ? 51  ILE A CG1 1 
ATOM   402  C CG2 . ILE A 1 51 ? 8.320   -5.216  -4.446  1.00 17.56 ? 51  ILE A CG2 1 
ATOM   403  C CD1 . ILE A 1 51 ? 6.168   -4.630  -6.565  1.00 28.54 ? 51  ILE A CD1 1 
ATOM   404  N N   . GLN A 1 52 ? 10.187  -7.568  -5.993  1.00 6.58  ? 52  GLN A N   1 
ATOM   405  C CA  . GLN A 1 52 ? 11.406  -8.282  -5.617  1.00 6.58  ? 52  GLN A CA  1 
ATOM   406  C C   . GLN A 1 52 ? 12.571  -7.363  -5.271  1.00 6.58  ? 52  GLN A C   1 
ATOM   407  O O   . GLN A 1 52 ? 12.457  -6.137  -5.316  1.00 6.58  ? 52  GLN A O   1 
ATOM   408  C CB  . GLN A 1 52 ? 11.858  -9.192  -6.759  1.00 6.58  ? 52  GLN A CB  1 
ATOM   409  C CG  . GLN A 1 52 ? 10.802  -10.130 -7.302  1.00 17.56 ? 52  GLN A CG  1 
ATOM   410  C CD  . GLN A 1 52 ? 11.200  -10.735 -8.634  1.00 28.54 ? 52  GLN A CD  1 
ATOM   411  O OE1 . GLN A 1 52 ? 12.302  -11.261 -8.786  1.00 39.52 ? 52  GLN A OE1 1 
ATOM   412  N NE2 . GLN A 1 52 ? 10.301  -10.668 -9.606  1.00 39.52 ? 52  GLN A NE2 1 
ATOM   413  N N   . THR A 1 53 ? 13.699  -7.986  -4.940  1.00 6.58  ? 53  THR A N   1 
ATOM   414  C CA  . THR A 1 53 ? 14.937  -7.278  -4.602  1.00 6.58  ? 53  THR A CA  1 
ATOM   415  C C   . THR A 1 53 ? 15.900  -7.259  -5.798  1.00 6.58  ? 53  THR A C   1 
ATOM   416  O O   . THR A 1 53 ? 16.146  -8.289  -6.437  1.00 6.58  ? 53  THR A O   1 
ATOM   417  C CB  . THR A 1 53 ? 15.659  -7.956  -3.423  1.00 6.58  ? 53  THR A CB  1 
ATOM   418  O OG1 . THR A 1 53 ? 14.785  -8.011  -2.288  1.00 17.56 ? 53  THR A OG1 1 
ATOM   419  C CG2 . THR A 1 53 ? 16.917  -7.180  -3.063  1.00 17.56 ? 53  THR A CG2 1 
ATOM   420  N N   . TYR A 1 54 ? 16.467  -6.092  -6.079  1.00 6.58  ? 54  TYR A N   1 
ATOM   421  C CA  . TYR A 1 54 ? 17.409  -5.939  -7.199  1.00 6.58  ? 54  TYR A CA  1 
ATOM   422  C C   . TYR A 1 54 ? 18.577  -5.063  -6.759  1.00 6.58  ? 54  TYR A C   1 
ATOM   423  O O   . TYR A 1 54 ? 18.595  -4.580  -5.632  1.00 6.58  ? 54  TYR A O   1 
ATOM   424  C CB  . TYR A 1 54 ? 16.720  -5.253  -8.385  1.00 6.58  ? 54  TYR A CB  1 
ATOM   425  C CG  . TYR A 1 54 ? 15.557  -6.008  -9.000  1.00 17.56 ? 54  TYR A CG  1 
ATOM   426  C CD1 . TYR A 1 54 ? 15.774  -7.035  -9.917  1.00 28.54 ? 54  TYR A CD1 1 
ATOM   427  C CD2 . TYR A 1 54 ? 14.239  -5.672  -8.688  1.00 28.54 ? 54  TYR A CD2 1 
ATOM   428  C CE1 . TYR A 1 54 ? 14.707  -7.702  -10.513 1.00 39.52 ? 54  TYR A CE1 1 
ATOM   429  C CE2 . TYR A 1 54 ? 13.170  -6.333  -9.274  1.00 39.52 ? 54  TYR A CE2 1 
ATOM   430  C CZ  . TYR A 1 54 ? 13.409  -7.346  -10.186 1.00 50.50 ? 54  TYR A CZ  1 
ATOM   431  O OH  . TYR A 1 54 ? 12.349  -7.997  -10.774 1.00 61.48 ? 54  TYR A OH  1 
ATOM   432  N N   . ARG A 1 55 ? 19.544  -4.882  -7.658  1.00 2.75  ? 55  ARG A N   1 
ATOM   433  C CA  . ARG A 1 55 ? 20.716  -4.022  -7.440  1.00 2.75  ? 55  ARG A CA  1 
ATOM   434  C C   . ARG A 1 55 ? 20.760  -2.983  -8.554  1.00 2.75  ? 55  ARG A C   1 
ATOM   435  O O   . ARG A 1 55 ? 20.460  -3.296  -9.718  1.00 2.75  ? 55  ARG A O   1 
ATOM   436  C CB  . ARG A 1 55 ? 22.050  -4.777  -7.544  1.00 2.75  ? 55  ARG A CB  1 
ATOM   437  C CG  . ARG A 1 55 ? 22.459  -5.627  -6.379  1.00 2.75  ? 55  ARG A CG  1 
ATOM   438  C CD  . ARG A 1 55 ? 23.941  -5.962  -6.544  1.00 2.75  ? 55  ARG A CD  1 
ATOM   439  N NE  . ARG A 1 55 ? 24.392  -7.029  -5.659  1.00 2.75  ? 55  ARG A NE  1 
ATOM   440  C CZ  . ARG A 1 55 ? 25.602  -7.571  -5.702  1.00 2.75  ? 55  ARG A CZ  1 
ATOM   441  N NH1 . ARG A 1 55 ? 26.495  -7.140  -6.583  1.00 2.75  ? 55  ARG A NH1 1 
ATOM   442  N NH2 . ARG A 1 55 ? 25.907  -8.577  -4.892  1.00 2.75  ? 55  ARG A NH2 1 
ATOM   443  N N   . ASP A 1 56 ? 21.150  -1.759  -8.214  1.00 2.75  ? 56  ASP A N   1 
ATOM   444  C CA  . ASP A 1 56 ? 21.301  -0.738  -9.241  1.00 2.75  ? 56  ASP A CA  1 
ATOM   445  C C   . ASP A 1 56 ? 22.784  -0.721  -9.635  1.00 2.75  ? 56  ASP A C   1 
ATOM   446  O O   . ASP A 1 56 ? 23.582  -1.517  -9.126  1.00 2.75  ? 56  ASP A O   1 
ATOM   447  C CB  . ASP A 1 56 ? 20.852  0.647   -8.753  1.00 2.75  ? 56  ASP A CB  1 
ATOM   448  C CG  . ASP A 1 56 ? 21.504  1.065   -7.439  1.00 2.75  ? 56  ASP A CG  1 
ATOM   449  O OD1 . ASP A 1 56 ? 22.648  0.661   -7.147  1.00 2.75  ? 56  ASP A OD1 1 
ATOM   450  O OD2 . ASP A 1 56 ? 20.864  1.843   -6.701  1.00 2.75  ? 56  ASP A OD2 1 
ATOM   451  N N   . GLU A 1 57 ? 23.150  0.180   -10.540 1.00 2.75  ? 57  GLU A N   1 
ATOM   452  C CA  . GLU A 1 57 ? 24.521  0.265   -11.002 1.00 2.75  ? 57  GLU A CA  1 
ATOM   453  C C   . GLU A 1 57 ? 25.556  0.540   -9.917  1.00 2.75  ? 57  GLU A C   1 
ATOM   454  O O   . GLU A 1 57 ? 26.690  0.072   -10.023 1.00 2.75  ? 57  GLU A O   1 
ATOM   455  C CB  . GLU A 1 57 ? 24.644  1.327   -12.087 1.00 2.75  ? 57  GLU A CB  1 
ATOM   456  C CG  . GLU A 1 57 ? 25.994  1.294   -12.761 1.00 2.75  ? 57  GLU A CG  1 
ATOM   457  C CD  . GLU A 1 57 ? 26.157  2.371   -13.784 1.00 2.75  ? 57  GLU A CD  1 
ATOM   458  O OE1 . GLU A 1 57 ? 25.202  2.599   -14.562 1.00 2.75  ? 57  GLU A OE1 1 
ATOM   459  O OE2 . GLU A 1 57 ? 27.254  2.982   -13.826 1.00 2.75  ? 57  GLU A OE2 1 
ATOM   460  N N   . GLN A 1 58 ? 25.185  1.322   -8.902  1.00 2.75  ? 58  GLN A N   1 
ATOM   461  C CA  . GLN A 1 58 ? 26.086  1.651   -7.794  1.00 2.75  ? 58  GLN A CA  1 
ATOM   462  C C   . GLN A 1 58 ? 26.161  0.477   -6.823  1.00 2.75  ? 58  GLN A C   1 
ATOM   463  O O   . GLN A 1 58 ? 26.832  0.552   -5.801  1.00 2.75  ? 58  GLN A O   1 
ATOM   464  C CB  . GLN A 1 58 ? 25.591  2.908   -7.057  1.00 2.75  ? 58  GLN A CB  1 
ATOM   465  C CG  . GLN A 1 58 ? 26.003  4.227   -7.708  1.00 2.75  ? 58  GLN A CG  1 
ATOM   466  C CD  . GLN A 1 58 ? 25.237  5.438   -7.170  1.00 2.75  ? 58  GLN A CD  1 
ATOM   467  O OE1 . GLN A 1 58 ? 25.083  5.614   -5.951  1.00 2.75  ? 58  GLN A OE1 1 
ATOM   468  N NE2 . GLN A 1 58 ? 24.766  6.287   -8.081  1.00 2.75  ? 58  GLN A NE2 1 
ATOM   469  N N   . GLU A 1 59 ? 25.451  -0.599  -7.163  1.00 2.75  ? 59  GLU A N   1 
ATOM   470  C CA  . GLU A 1 59 ? 25.391  -1.831  -6.380  1.00 2.75  ? 59  GLU A CA  1 
ATOM   471  C C   . GLU A 1 59 ? 24.561  -1.791  -5.085  1.00 2.75  ? 59  GLU A C   1 
ATOM   472  O O   . GLU A 1 59 ? 24.815  -2.574  -4.177  1.00 2.75  ? 59  GLU A O   1 
ATOM   473  C CB  . GLU A 1 59 ? 26.806  -2.324  -6.054  1.00 2.75  ? 59  GLU A CB  1 
ATOM   474  C CG  . GLU A 1 59 ? 27.739  -2.461  -7.254  1.00 2.75  ? 59  GLU A CG  1 
ATOM   475  C CD  . GLU A 1 59 ? 27.336  -3.570  -8.210  1.00 2.75  ? 59  GLU A CD  1 
ATOM   476  O OE1 . GLU A 1 59 ? 26.663  -4.521  -7.779  1.00 2.75  ? 59  GLU A OE1 1 
ATOM   477  O OE2 . GLU A 1 59 ? 27.712  -3.501  -9.398  1.00 2.75  ? 59  GLU A OE2 1 
ATOM   478  N N   . ARG A 1 60 ? 23.576  -0.896  -5.011  1.00 2.75  ? 60  ARG A N   1 
ATOM   479  C CA  . ARG A 1 60 ? 22.692  -0.775  -3.847  1.00 2.75  ? 60  ARG A CA  1 
ATOM   480  C C   . ARG A 1 60 ? 21.433  -1.651  -4.052  1.00 2.75  ? 60  ARG A C   1 
ATOM   481  O O   . ARG A 1 60 ? 20.875  -1.686  -5.151  1.00 2.75  ? 60  ARG A O   1 
ATOM   482  C CB  . ARG A 1 60 ? 22.269  0.697   -3.644  1.00 2.75  ? 60  ARG A CB  1 
ATOM   483  C CG  . ARG A 1 60 ? 23.414  1.731   -3.688  1.00 2.75  ? 60  ARG A CG  1 
ATOM   484  C CD  . ARG A 1 60 ? 22.846  3.167   -3.641  1.00 2.75  ? 60  ARG A CD  1 
ATOM   485  N NE  . ARG A 1 60 ? 23.862  4.231   -3.616  1.00 2.75  ? 60  ARG A NE  1 
ATOM   486  C CZ  . ARG A 1 60 ? 24.685  4.461   -2.598  1.00 2.75  ? 60  ARG A CZ  1 
ATOM   487  N NH1 . ARG A 1 60 ? 24.626  3.710   -1.503  1.00 2.75  ? 60  ARG A NH1 1 
ATOM   488  N NH2 . ARG A 1 60 ? 25.584  5.432   -2.679  1.00 2.75  ? 60  ARG A NH2 1 
ATOM   489  N N   . GLU A 1 61 ? 20.988  -2.342  -3.002  1.00 2.75  ? 61  GLU A N   1 
ATOM   490  C CA  . GLU A 1 61 ? 19.806  -3.222  -3.072  1.00 2.75  ? 61  GLU A CA  1 
ATOM   491  C C   . GLU A 1 61 ? 18.490  -2.553  -2.645  1.00 2.75  ? 61  GLU A C   1 
ATOM   492  O O   . GLU A 1 61 ? 18.459  -1.761  -1.696  1.00 2.75  ? 61  GLU A O   1 
ATOM   493  C CB  . GLU A 1 61 ? 20.026  -4.464  -2.209  1.00 2.75  ? 61  GLU A CB  1 
ATOM   494  C CG  . GLU A 1 61 ? 21.158  -5.341  -2.676  1.00 2.75  ? 61  GLU A CG  1 
ATOM   495  C CD  . GLU A 1 61 ? 21.131  -6.717  -2.032  1.00 2.75  ? 61  GLU A CD  1 
ATOM   496  O OE1 . GLU A 1 61 ? 21.610  -7.661  -2.689  1.00 2.75  ? 61  GLU A OE1 1 
ATOM   497  O OE2 . GLU A 1 61 ? 20.638  -6.857  -0.884  1.00 2.75  ? 61  GLU A OE2 1 
ATOM   498  N N   . GLY A 1 62 ? 17.403  -2.895  -3.333  1.00 2.75  ? 62  GLY A N   1 
ATOM   499  C CA  . GLY A 1 62 ? 16.106  -2.307  -3.014  1.00 2.75  ? 62  GLY A CA  1 
ATOM   500  C C   . GLY A 1 62 ? 14.956  -3.018  -3.716  1.00 2.75  ? 62  GLY A C   1 
ATOM   501  O O   . GLY A 1 62 ? 15.166  -4.015  -4.404  1.00 2.75  ? 62  GLY A O   1 
ATOM   502  N N   . SER A 1 63 ? 13.739  -2.506  -3.556  1.00 2.75  ? 63  SER A N   1 
ATOM   503  C CA  . SER A 1 63 ? 12.580  -3.139  -4.172  1.00 2.75  ? 63  SER A CA  1 
ATOM   504  C C   . SER A 1 63 ? 12.109  -2.493  -5.467  1.00 2.75  ? 63  SER A C   1 
ATOM   505  O O   . SER A 1 63 ? 12.332  -1.313  -5.710  1.00 2.75  ? 63  SER A O   1 
ATOM   506  C CB  . SER A 1 63 ? 11.421  -3.176  -3.177  1.00 2.75  ? 63  SER A CB  1 
ATOM   507  O OG  . SER A 1 63 ? 11.736  -4.019  -2.086  1.00 2.75  ? 63  SER A OG  1 
ATOM   508  N N   . ASN A 1 64 ? 11.453  -3.302  -6.294  1.00 2.75  ? 64  ASN A N   1 
ATOM   509  C CA  . ASN A 1 64 ? 10.897  -2.871  -7.573  1.00 2.75  ? 64  ASN A CA  1 
ATOM   510  C C   . ASN A 1 64 ? 10.197  -4.079  -8.198  1.00 2.75  ? 64  ASN A C   1 
ATOM   511  O O   . ASN A 1 64 ? 10.119  -5.137  -7.581  1.00 2.75  ? 64  ASN A O   1 
ATOM   512  C CB  . ASN A 1 64 ? 12.000  -2.382  -8.505  1.00 2.75  ? 64  ASN A CB  1 
ATOM   513  C CG  . ASN A 1 64 ? 11.500  -1.363  -9.512  1.00 2.75  ? 64  ASN A CG  1 
ATOM   514  O OD1 . ASN A 1 64 ? 10.317  -1.331  -9.850  1.00 2.75  ? 64  ASN A OD1 1 
ATOM   515  N ND2 . ASN A 1 64 ? 12.404  -0.544  -10.013 1.00 2.75  ? 64  ASN A ND2 1 
ATOM   516  N N   . GLY A 1 65 ? 9.692   -3.916  -9.418  1.00 2.75  ? 65  GLY A N   1 
ATOM   517  C CA  . GLY A 1 65 ? 9.015   -5.016  -10.092 1.00 2.75  ? 65  GLY A CA  1 
ATOM   518  C C   . GLY A 1 65 ? 8.883   -4.805  -11.592 1.00 2.75  ? 65  GLY A C   1 
ATOM   519  O O   . GLY A 1 65 ? 8.973   -3.680  -12.087 1.00 2.75  ? 65  GLY A O   1 
ATOM   520  N N   . GLN A 1 66 ? 8.664   -5.897  -12.322 1.00 2.75  ? 66  GLN A N   1 
ATOM   521  C CA  . GLN A 1 66 ? 8.524   -5.832  -13.768 1.00 2.75  ? 66  GLN A CA  1 
ATOM   522  C C   . GLN A 1 66 ? 7.147   -6.316  -14.173 1.00 2.75  ? 66  GLN A C   1 
ATOM   523  O O   . GLN A 1 66 ? 6.695   -7.367  -13.724 1.00 6.58  ? 66  GLN A O   1 
ATOM   524  C CB  . GLN A 1 66 ? 9.612   -6.680  -14.443 1.00 2.75  ? 66  GLN A CB  1 
ATOM   525  C CG  . GLN A 1 66 ? 11.031  -6.163  -14.159 1.00 2.75  ? 66  GLN A CG  1 
ATOM   526  C CD  . GLN A 1 66 ? 12.117  -7.028  -14.778 1.00 2.75  ? 66  GLN A CD  1 
ATOM   527  O OE1 . GLN A 1 66 ? 12.299  -7.030  -15.991 1.00 2.75  ? 66  GLN A OE1 1 
ATOM   528  N NE2 . GLN A 1 66 ? 12.831  -7.777  -13.945 1.00 2.75  ? 66  GLN A NE2 1 
ATOM   529  N N   . LEU A 1 67 ? 6.497   -5.530  -15.028 1.00 2.75  ? 67  LEU A N   1 
ATOM   530  C CA  . LEU A 1 67 ? 5.151   -5.806  -15.531 1.00 2.75  ? 67  LEU A CA  1 
ATOM   531  C C   . LEU A 1 67 ? 5.172   -6.012  -17.042 1.00 2.75  ? 67  LEU A C   1 
ATOM   532  O O   . LEU A 1 67 ? 5.825   -5.265  -17.773 1.00 6.58  ? 67  LEU A O   1 
ATOM   533  C CB  . LEU A 1 67 ? 4.234   -4.626  -15.209 1.00 2.75  ? 67  LEU A CB  1 
ATOM   534  C CG  . LEU A 1 67 ? 2.803   -4.579  -15.747 1.00 2.75  ? 67  LEU A CG  1 
ATOM   535  C CD1 . LEU A 1 67 ? 1.967   -5.652  -15.091 1.00 2.75  ? 67  LEU A CD1 1 
ATOM   536  C CD2 . LEU A 1 67 ? 2.203   -3.210  -15.460 1.00 2.75  ? 67  LEU A CD2 1 
ATOM   537  N N   . ARG A 1 68 ? 4.469   -7.048  -17.487 1.00 2.75  ? 68  ARG A N   1 
ATOM   538  C CA  . ARG A 1 68 ? 4.352   -7.371  -18.901 1.00 2.75  ? 68  ARG A CA  1 
ATOM   539  C C   . ARG A 1 68 ? 2.889   -7.183  -19.293 1.00 2.75  ? 68  ARG A C   1 
ATOM   540  O O   . ARG A 1 68 ? 1.985   -7.708  -18.632 1.00 6.58  ? 68  ARG A O   1 
ATOM   541  C CB  . ARG A 1 68 ? 4.765   -8.822  -19.166 1.00 2.75  ? 68  ARG A CB  1 
ATOM   542  C CG  . ARG A 1 68 ? 4.666   -9.238  -20.631 1.00 2.75  ? 68  ARG A CG  1 
ATOM   543  C CD  . ARG A 1 68 ? 4.878   -10.749 -20.788 1.00 2.75  ? 68  ARG A CD  1 
ATOM   544  N NE  . ARG A 1 68 ? 3.925   -11.339 -21.718 1.00 2.75  ? 68  ARG A NE  1 
ATOM   545  C CZ  . ARG A 1 68 ? 3.762   -12.643 -21.910 1.00 2.75  ? 68  ARG A CZ  1 
ATOM   546  N NH1 . ARG A 1 68 ? 4.496   -13.528 -21.237 1.00 2.75  ? 68  ARG A NH1 1 
ATOM   547  N NH2 . ARG A 1 68 ? 2.837   -13.067 -22.755 1.00 2.75  ? 68  ARG A NH2 1 
ATOM   548  N N   . ILE A 1 69 ? 2.659   -6.422  -20.356 1.00 2.75  ? 69  ILE A N   1 
ATOM   549  C CA  . ILE A 1 69 ? 1.312   -6.162  -20.845 1.00 2.75  ? 69  ILE A CA  1 
ATOM   550  C C   . ILE A 1 69 ? 1.276   -6.666  -22.281 1.00 2.75  ? 69  ILE A C   1 
ATOM   551  O O   . ILE A 1 69 ? 2.192   -6.392  -23.050 1.00 6.58  ? 69  ILE A O   1 
ATOM   552  C CB  . ILE A 1 69 ? 1.001   -4.640  -20.870 1.00 2.75  ? 69  ILE A CB  1 
ATOM   553  C CG1 . ILE A 1 69 ? 1.275   -4.034  -19.502 1.00 2.75  ? 69  ILE A CG1 1 
ATOM   554  C CG2 . ILE A 1 69 ? -0.455  -4.392  -21.273 1.00 2.75  ? 69  ILE A CG2 1 
ATOM   555  C CD1 . ILE A 1 69 ? 0.484   -4.698  -18.396 1.00 2.75  ? 69  ILE A CD1 1 
ATOM   556  N N   . ASP A 1 70 ? 0.236   -7.409  -22.631 1.00 2.75  ? 70  ASP A N   1 
ATOM   557  C CA  . ASP A 1 70 ? 0.088   -7.891  -23.992 1.00 2.75  ? 70  ASP A CA  1 
ATOM   558  C C   . ASP A 1 70 ? -1.222  -7.331  -24.507 1.00 2.75  ? 70  ASP A C   1 
ATOM   559  O O   . ASP A 1 70 ? -2.017  -6.775  -23.757 1.00 6.58  ? 70  ASP A O   1 
ATOM   560  C CB  . ASP A 1 70 ? -0.026  -9.413  -24.076 1.00 2.75  ? 70  ASP A CB  1 
ATOM   561  C CG  . ASP A 1 70 ? 0.992   -10.144 -23.240 1.00 2.75  ? 70  ASP A CG  1 
ATOM   562  O OD1 . ASP A 1 70 ? 2.106   -9.621  -23.008 1.00 2.75  ? 70  ASP A OD1 1 
ATOM   563  O OD2 . ASP A 1 70 ? 0.666   -11.276 -22.823 1.00 2.75  ? 70  ASP A OD2 1 
ATOM   564  N N   . HIS A 1 71 ? -1.442  -7.475  -25.803 1.00 2.75  ? 71  HIS A N   1 
ATOM   565  C CA  . HIS A 1 71 ? -2.693  -7.048  -26.402 1.00 2.75  ? 71  HIS A CA  1 
ATOM   566  C C   . HIS A 1 71 ? -2.865  -7.647  -27.775 1.00 2.75  ? 71  HIS A C   1 
ATOM   567  O O   . HIS A 1 71 ? -2.276  -8.694  -28.085 1.00 2.75  ? 71  HIS A O   1 
ATOM   568  C CB  . HIS A 1 71 ? -2.863  -5.515  -26.482 1.00 2.75  ? 71  HIS A CB  1 
ATOM   569  C CG  . HIS A 1 71 ? -1.594  -4.727  -26.376 1.00 2.75  ? 71  HIS A CG  1 
ATOM   570  N ND1 . HIS A 1 71 ? -0.368  -5.207  -26.788 1.00 2.75  ? 71  HIS A ND1 1 
ATOM   571  C CD2 . HIS A 1 71 ? -1.372  -3.464  -25.935 1.00 2.75  ? 71  HIS A CD2 1 
ATOM   572  C CE1 . HIS A 1 71 ? 0.552   -4.279  -26.601 1.00 2.75  ? 71  HIS A CE1 1 
ATOM   573  N NE2 . HIS A 1 71 ? -0.029  -3.212  -26.083 1.00 2.75  ? 71  HIS A NE2 1 
ATOM   574  N N   . LEU A 1 72 ? -3.676  -6.993  -28.595 1.00 6.58  ? 72  LEU A N   1 
ATOM   575  C CA  . LEU A 1 72 ? -3.925  -7.471  -29.937 1.00 6.58  ? 72  LEU A CA  1 
ATOM   576  C C   . LEU A 1 72 ? -3.880  -6.349  -30.964 1.00 6.58  ? 72  LEU A C   1 
ATOM   577  O O   . LEU A 1 72 ? -2.946  -6.268  -31.769 1.00 6.58  ? 72  LEU A O   1 
ATOM   578  C CB  . LEU A 1 72 ? -5.289  -8.160  -29.991 1.00 6.58  ? 72  LEU A CB  1 
ATOM   579  C CG  . LEU A 1 72 ? -5.643  -8.914  -31.283 1.00 17.56 ? 72  LEU A CG  1 
ATOM   580  C CD1 . LEU A 1 72 ? -6.080  -7.948  -32.378 1.00 28.54 ? 72  LEU A CD1 1 
ATOM   581  C CD2 . LEU A 1 72 ? -4.440  -9.742  -31.719 1.00 28.54 ? 72  LEU A CD2 1 
ATOM   582  N N   . ASP A 1 73 ? -4.900  -5.494  -30.906 1.00 6.58  ? 73  ASP A N   1 
ATOM   583  C CA  . ASP A 1 73 ? -5.089  -4.354  -31.814 1.00 6.58  ? 73  ASP A CA  1 
ATOM   584  C C   . ASP A 1 73 ? -4.280  -3.106  -31.429 1.00 6.58  ? 73  ASP A C   1 
ATOM   585  O O   . ASP A 1 73 ? -3.654  -2.484  -32.293 1.00 6.58  ? 73  ASP A O   1 
ATOM   586  C CB  . ASP A 1 73 ? -6.601  -4.043  -31.883 1.00 6.58  ? 73  ASP A CB  1 
ATOM   587  C CG  . ASP A 1 73 ? -6.925  -2.722  -32.578 1.00 17.56 ? 73  ASP A CG  1 
ATOM   588  O OD1 . ASP A 1 73 ? -6.476  -2.507  -33.720 1.00 28.54 ? 73  ASP A OD1 1 
ATOM   589  O OD2 . ASP A 1 73 ? -7.654  -1.899  -31.980 1.00 28.54 ? 73  ASP A OD2 1 
ATOM   590  N N   . ALA A 1 74 ? -4.283  -2.773  -30.140 1.00 6.58  ? 74  ALA A N   1 
ATOM   591  C CA  . ALA A 1 74 ? -3.570  -1.611  -29.589 1.00 6.58  ? 74  ALA A CA  1 
ATOM   592  C C   . ALA A 1 74 ? -2.314  -1.224  -30.361 1.00 6.58  ? 74  ALA A C   1 
ATOM   593  O O   . ALA A 1 74 ? -2.304  -0.226  -31.099 1.00 6.58  ? 74  ALA A O   1 
ATOM   594  C CB  . ALA A 1 74 ? -3.214  -1.875  -28.138 1.00 6.58  ? 74  ALA A CB  1 
ATOM   595  N N   . SER A 1 75 ? -1.253  -2.008  -30.176 1.00 6.58  ? 75  SER A N   1 
ATOM   596  C CA  . SER A 1 75 ? 0.022   -1.778  -30.847 1.00 6.58  ? 75  SER A CA  1 
ATOM   597  C C   . SER A 1 75 ? 0.742   -3.077  -31.183 1.00 6.58  ? 75  SER A C   1 
ATOM   598  O O   . SER A 1 75 ? 1.786   -3.064  -31.837 1.00 6.58  ? 75  SER A O   1 
ATOM   599  C CB  . SER A 1 75 ? 0.940   -0.931  -29.958 1.00 6.58  ? 75  SER A CB  1 
ATOM   600  O OG  . SER A 1 75 ? 2.311   -1.135  -30.281 1.00 17.56 ? 75  SER A OG  1 
ATOM   601  N N   . GLN A 1 76 ? 0.194   -4.199  -30.735 1.00 6.58  ? 76  GLN A N   1 
ATOM   602  C CA  . GLN A 1 76 ? 0.848   -5.479  -30.964 1.00 6.58  ? 76  GLN A CA  1 
ATOM   603  C C   . GLN A 1 76 ? 2.153   -5.406  -30.168 1.00 6.58  ? 76  GLN A C   1 
ATOM   604  O O   . GLN A 1 76 ? 2.416   -4.404  -29.496 1.00 6.58  ? 76  GLN A O   1 
ATOM   605  C CB  . GLN A 1 76 ? 1.169   -5.690  -32.445 1.00 6.58  ? 76  GLN A CB  1 
ATOM   606  C CG  . GLN A 1 76 ? -0.028  -5.901  -33.342 1.00 17.56 ? 76  GLN A CG  1 
ATOM   607  C CD  . GLN A 1 76 ? 0.385   -6.369  -34.717 1.00 28.54 ? 76  GLN A CD  1 
ATOM   608  O OE1 . GLN A 1 76 ? 0.954   -7.449  -34.865 1.00 39.52 ? 76  GLN A OE1 1 
ATOM   609  N NE2 . GLN A 1 76 ? 0.110   -5.558  -35.731 1.00 39.52 ? 76  GLN A NE2 1 
ATOM   610  N N   . GLU A 1 77 ? 2.965   -6.454  -30.236 1.00 2.75  ? 77  GLU A N   1 
ATOM   611  C CA  . GLU A 1 77 ? 4.234   -6.475  -29.501 1.00 2.75  ? 77  GLU A CA  1 
ATOM   612  C C   . GLU A 1 77 ? 4.052   -6.379  -27.995 1.00 2.75  ? 77  GLU A C   1 
ATOM   613  O O   . GLU A 1 77 ? 3.574   -5.354  -27.483 1.00 2.75  ? 77  GLU A O   1 
ATOM   614  C CB  . GLU A 1 77 ? 5.135   -5.322  -29.924 1.00 2.75  ? 77  GLU A CB  1 
ATOM   615  C CG  . GLU A 1 77 ? 5.675   -5.401  -31.336 1.00 2.75  ? 77  GLU A CG  1 
ATOM   616  C CD  . GLU A 1 77 ? 6.959   -4.594  -31.503 1.00 2.75  ? 77  GLU A CD  1 
ATOM   617  O OE1 . GLU A 1 77 ? 7.140   -3.582  -30.784 1.00 2.75  ? 77  GLU A OE1 1 
ATOM   618  O OE2 . GLU A 1 77 ? 7.786   -4.965  -32.367 1.00 2.75  ? 77  GLU A OE2 1 
ATOM   619  N N   . PRO A 1 78 ? 4.431   -7.439  -27.259 1.00 2.75  ? 78  PRO A N   1 
ATOM   620  C CA  . PRO A 1 78 ? 4.276   -7.374  -25.801 1.00 2.75  ? 78  PRO A CA  1 
ATOM   621  C C   . PRO A 1 78 ? 5.208   -6.297  -25.228 1.00 2.75  ? 78  PRO A C   1 
ATOM   622  O O   . PRO A 1 78 ? 6.270   -6.037  -25.790 1.00 2.75  ? 78  PRO A O   1 
ATOM   623  C CB  . PRO A 1 78 ? 4.642   -8.786  -25.362 1.00 2.75  ? 78  PRO A CB  1 
ATOM   624  C CG  . PRO A 1 78 ? 5.694   -9.187  -26.381 1.00 2.75  ? 78  PRO A CG  1 
ATOM   625  C CD  . PRO A 1 78 ? 5.061   -8.708  -27.671 1.00 2.75  ? 78  PRO A CD  1 
ATOM   626  N N   . GLN A 1 79 ? 4.823   -5.677  -24.116 1.00 2.75  ? 79  GLN A N   1 
ATOM   627  C CA  . GLN A 1 79 ? 5.636   -4.615  -23.521 1.00 2.75  ? 79  GLN A CA  1 
ATOM   628  C C   . GLN A 1 79 ? 5.974   -4.889  -22.060 1.00 2.75  ? 79  GLN A C   1 
ATOM   629  O O   . GLN A 1 79 ? 5.118   -5.336  -21.309 1.00 2.75  ? 79  GLN A O   1 
ATOM   630  C CB  . GLN A 1 79 ? 4.882   -3.279  -23.610 1.00 2.75  ? 79  GLN A CB  1 
ATOM   631  C CG  . GLN A 1 79 ? 3.704   -3.306  -24.568 1.00 2.75  ? 79  GLN A CG  1 
ATOM   632  C CD  . GLN A 1 79 ? 3.776   -2.196  -25.594 1.00 2.75  ? 79  GLN A CD  1 
ATOM   633  O OE1 . GLN A 1 79 ? 3.054   -2.204  -26.598 1.00 2.75  ? 79  GLN A OE1 1 
ATOM   634  N NE2 . GLN A 1 79 ? 4.652   -1.226  -25.348 1.00 2.75  ? 79  GLN A NE2 1 
ATOM   635  N N   . TRP A 1 80 ? 7.224   -4.631  -21.676 1.00 6.58  ? 80  TRP A N   1 
ATOM   636  C CA  . TRP A 1 80 ? 7.680   -4.807  -20.297 1.00 6.58  ? 80  TRP A CA  1 
ATOM   637  C C   . TRP A 1 80 ? 8.006   -3.437  -19.731 1.00 6.58  ? 80  TRP A C   1 
ATOM   638  O O   . TRP A 1 80 ? 8.690   -2.640  -20.377 1.00 6.58  ? 80  TRP A O   1 
ATOM   639  C CB  . TRP A 1 80 ? 8.940   -5.680  -20.226 1.00 6.58  ? 80  TRP A CB  1 
ATOM   640  C CG  . TRP A 1 80 ? 8.688   -7.142  -20.414 1.00 17.56 ? 80  TRP A CG  1 
ATOM   641  C CD1 . TRP A 1 80 ? 8.529   -7.804  -21.599 1.00 28.54 ? 80  TRP A CD1 1 
ATOM   642  C CD2 . TRP A 1 80 ? 8.570   -8.128  -19.385 1.00 28.54 ? 80  TRP A CD2 1 
ATOM   643  N NE1 . TRP A 1 80 ? 8.323   -9.143  -21.369 1.00 39.52 ? 80  TRP A NE1 1 
ATOM   644  C CE2 . TRP A 1 80 ? 8.343   -9.369  -20.018 1.00 39.52 ? 80  TRP A CE2 1 
ATOM   645  C CE3 . TRP A 1 80 ? 8.633   -8.085  -17.986 1.00 39.52 ? 80  TRP A CE3 1 
ATOM   646  C CZ2 . TRP A 1 80 ? 8.180   -10.559 -19.298 1.00 50.50 ? 80  TRP A CZ2 1 
ATOM   647  C CZ3 . TRP A 1 80 ? 8.470   -9.270  -17.271 1.00 50.50 ? 80  TRP A CZ3 1 
ATOM   648  C CH2 . TRP A 1 80 ? 8.248   -10.487 -17.930 1.00 61.48 ? 80  TRP A CH2 1 
ATOM   649  N N   . ILE A 1 81 ? 7.519   -3.166  -18.522 1.00 6.58  ? 81  ILE A N   1 
ATOM   650  C CA  . ILE A 1 81 ? 7.757   -1.883  -17.875 1.00 6.58  ? 81  ILE A CA  1 
ATOM   651  C C   . ILE A 1 81 ? 8.144   -2.083  -16.416 1.00 6.58  ? 81  ILE A C   1 
ATOM   652  O O   . ILE A 1 81 ? 7.704   -3.042  -15.786 1.00 6.58  ? 81  ILE A O   1 
ATOM   653  C CB  . ILE A 1 81 ? 6.486   -1.012  -17.909 1.00 6.58  ? 81  ILE A CB  1 
ATOM   654  C CG1 . ILE A 1 81 ? 6.077   -0.733  -19.356 1.00 17.56 ? 81  ILE A CG1 1 
ATOM   655  C CG2 . ILE A 1 81 ? 6.718   0.285   -17.149 1.00 17.56 ? 81  ILE A CG2 1 
ATOM   656  C CD1 . ILE A 1 81 ? 4.833   0.133   -19.489 1.00 28.54 ? 81  ILE A CD1 1 
ATOM   657  N N   . TRP A 1 82 ? 8.977   -1.197  -15.883 1.00 6.58  ? 82  TRP A N   1 
ATOM   658  C CA  . TRP A 1 82 ? 9.336   -1.293  -14.476 1.00 6.58  ? 82  TRP A CA  1 
ATOM   659  C C   . TRP A 1 82 ? 8.206   -0.568  -13.752 1.00 6.58  ? 82  TRP A C   1 
ATOM   660  O O   . TRP A 1 82 ? 7.800   0.526   -14.152 1.00 6.58  ? 82  TRP A O   1 
ATOM   661  C CB  . TRP A 1 82 ? 10.693  -0.637  -14.195 1.00 6.58  ? 82  TRP A CB  1 
ATOM   662  C CG  . TRP A 1 82 ? 11.840  -1.411  -14.771 1.00 17.56 ? 82  TRP A CG  1 
ATOM   663  C CD1 . TRP A 1 82 ? 12.403  -1.249  -16.001 1.00 28.54 ? 82  TRP A CD1 1 
ATOM   664  C CD2 . TRP A 1 82 ? 12.515  -2.521  -14.166 1.00 28.54 ? 82  TRP A CD2 1 
ATOM   665  N NE1 . TRP A 1 82 ? 13.386  -2.188  -16.205 1.00 39.52 ? 82  TRP A NE1 1 
ATOM   666  C CE2 . TRP A 1 82 ? 13.477  -2.982  -15.093 1.00 39.52 ? 82  TRP A CE2 1 
ATOM   667  C CE3 . TRP A 1 82 ? 12.400  -3.172  -12.930 1.00 39.52 ? 82  TRP A CE3 1 
ATOM   668  C CZ2 . TRP A 1 82 ? 14.319  -4.069  -14.825 1.00 50.50 ? 82  TRP A CZ2 1 
ATOM   669  C CZ3 . TRP A 1 82 ? 13.239  -4.256  -12.662 1.00 50.50 ? 82  TRP A CZ3 1 
ATOM   670  C CH2 . TRP A 1 82 ? 14.186  -4.690  -13.610 1.00 61.48 ? 82  TRP A CH2 1 
ATOM   671  N N   . MET A 1 83 ? 7.689   -1.192  -12.698 1.00 6.58  ? 83  MET A N   1 
ATOM   672  C CA  . MET A 1 83 ? 6.553   -0.648  -11.960 1.00 6.58  ? 83  MET A CA  1 
ATOM   673  C C   . MET A 1 83 ? 6.704   0.670   -11.197 1.00 6.58  ? 83  MET A C   1 
ATOM   674  O O   . MET A 1 83 ? 5.698   1.302   -10.879 1.00 6.58  ? 83  MET A O   1 
ATOM   675  C CB  . MET A 1 83 ? 5.993   -1.735  -11.038 1.00 6.58  ? 83  MET A CB  1 
ATOM   676  C CG  . MET A 1 83 ? 5.187   -2.789  -11.797 1.00 17.56 ? 83  MET A CG  1 
ATOM   677  S SD  . MET A 1 83 ? 4.957   -4.345  -10.902 1.00 28.54 ? 83  MET A SD  1 
ATOM   678  C CE  . MET A 1 83 ? 3.544   -3.946  -9.879  1.00 39.52 ? 83  MET A CE  1 
ATOM   679  N N   . ASP A 1 84 ? 7.928   1.100   -10.906 1.00 6.58  ? 84  ASP A N   1 
ATOM   680  C CA  . ASP A 1 84 ? 8.106   2.373   -10.201 1.00 6.58  ? 84  ASP A CA  1 
ATOM   681  C C   . ASP A 1 84 ? 7.691   3.563   -11.075 1.00 6.58  ? 84  ASP A C   1 
ATOM   682  O O   . ASP A 1 84 ? 7.643   4.704   -10.614 1.00 6.58  ? 84  ASP A O   1 
ATOM   683  C CB  . ASP A 1 84 ? 9.563   2.561   -9.763  1.00 6.58  ? 84  ASP A CB  1 
ATOM   684  C CG  . ASP A 1 84 ? 10.551  2.439   -10.915 1.00 17.56 ? 84  ASP A CG  1 
ATOM   685  O OD1 . ASP A 1 84 ? 11.710  2.873   -10.746 1.00 28.54 ? 84  ASP A OD1 1 
ATOM   686  O OD2 . ASP A 1 84 ? 10.176  1.908   -11.979 1.00 28.54 ? 84  ASP A OD2 1 
ATOM   687  N N   . ARG A 1 85 ? 7.387   3.292   -12.337 1.00 6.58  ? 85  ARG A N   1 
ATOM   688  C CA  . ARG A 1 85 ? 6.985   4.335   -13.279 1.00 6.58  ? 85  ARG A CA  1 
ATOM   689  C C   . ARG A 1 85 ? 5.471   4.589   -13.278 1.00 6.58  ? 85  ARG A C   1 
ATOM   690  O O   . ARG A 1 85 ? 4.990   5.523   -13.925 1.00 6.58  ? 85  ARG A O   1 
ATOM   691  C CB  . ARG A 1 85 ? 7.427   3.951   -14.694 1.00 6.58  ? 85  ARG A CB  1 
ATOM   692  C CG  . ARG A 1 85 ? 8.888   3.520   -14.812 1.00 17.56 ? 85  ARG A CG  1 
ATOM   693  C CD  . ARG A 1 85 ? 9.874   4.688   -14.692 1.00 28.54 ? 85  ARG A CD  1 
ATOM   694  N NE  . ARG A 1 85 ? 9.868   5.320   -13.373 1.00 39.52 ? 85  ARG A NE  1 
ATOM   695  C CZ  . ARG A 1 85 ? 10.651  6.338   -13.028 1.00 50.50 ? 85  ARG A CZ  1 
ATOM   696  N NH1 . ARG A 1 85 ? 11.510  6.844   -13.903 1.00 61.48 ? 85  ARG A NH1 1 
ATOM   697  N NH2 . ARG A 1 85 ? 10.576  6.852   -11.809 1.00 61.48 ? 85  ARG A NH2 1 
ATOM   698  N N   . ILE A 1 86 ? 4.723   3.766   -12.549 1.00 2.75  ? 86  ILE A N   1 
ATOM   699  C CA  . ILE A 1 86 ? 3.263   3.892   -12.500 1.00 2.75  ? 86  ILE A CA  1 
ATOM   700  C C   . ILE A 1 86 ? 2.718   4.938   -11.544 1.00 2.75  ? 86  ILE A C   1 
ATOM   701  O O   . ILE A 1 86 ? 3.175   5.051   -10.416 1.00 6.58  ? 86  ILE A O   1 
ATOM   702  C CB  . ILE A 1 86 ? 2.603   2.542   -12.151 1.00 2.75  ? 86  ILE A CB  1 
ATOM   703  C CG1 . ILE A 1 86 ? 2.835   1.568   -13.310 1.00 2.75  ? 86  ILE A CG1 1 
ATOM   704  C CG2 . ILE A 1 86 ? 1.110   2.749   -11.836 1.00 2.75  ? 86  ILE A CG2 1 
ATOM   705  C CD1 . ILE A 1 86 ? 2.377   0.146   -13.061 1.00 2.75  ? 86  ILE A CD1 1 
ATOM   706  N N   . VAL A 1 87 ? 1.704   5.664   -12.011 1.00 6.58  ? 87  VAL A N   1 
ATOM   707  C CA  . VAL A 1 87 ? 1.047   6.721   -11.244 1.00 6.58  ? 87  VAL A CA  1 
ATOM   708  C C   . VAL A 1 87 ? -0.426  6.394   -10.954 1.00 6.58  ? 87  VAL A C   1 
ATOM   709  O O   . VAL A 1 87 ? -1.003  6.874   -9.973  1.00 6.58  ? 87  VAL A O   1 
ATOM   710  C CB  . VAL A 1 87 ? 1.121   8.055   -12.016 1.00 6.58  ? 87  VAL A CB  1 
ATOM   711  C CG1 . VAL A 1 87 ? 0.530   9.176   -11.192 1.00 17.56 ? 87  VAL A CG1 1 
ATOM   712  C CG2 . VAL A 1 87 ? 2.559   8.357   -12.373 1.00 17.56 ? 87  VAL A CG2 1 
ATOM   713  N N   . ALA A 1 88 ? -1.035  5.575   -11.803 1.00 6.58  ? 88  ALA A N   1 
ATOM   714  C CA  . ALA A 1 88 ? -2.434  5.209   -11.611 1.00 6.58  ? 88  ALA A CA  1 
ATOM   715  C C   . ALA A 1 88 ? -2.798  3.959   -12.408 1.00 6.58  ? 88  ALA A C   1 
ATOM   716  O O   . ALA A 1 88 ? -2.209  3.689   -13.450 1.00 6.58  ? 88  ALA A O   1 
ATOM   717  C CB  . ALA A 1 88 ? -3.339  6.372   -12.028 1.00 6.58  ? 88  ALA A CB  1 
ATOM   718  N N   . VAL A 1 89 ? -3.771  3.206   -11.904 1.00 6.58  ? 89  VAL A N   1 
ATOM   719  C CA  . VAL A 1 89 ? -4.234  1.990   -12.563 1.00 6.58  ? 89  VAL A CA  1 
ATOM   720  C C   . VAL A 1 89 ? -5.750  1.932   -12.457 1.00 6.58  ? 89  VAL A C   1 
ATOM   721  O O   . VAL A 1 89 ? -6.291  1.865   -11.354 1.00 6.58  ? 89  VAL A O   1 
ATOM   722  C CB  . VAL A 1 89 ? -3.658  0.721   -11.897 1.00 6.58  ? 89  VAL A CB  1 
ATOM   723  C CG1 . VAL A 1 89 ? -4.242  -0.516  -12.558 1.00 17.56 ? 89  VAL A CG1 1 
ATOM   724  C CG2 . VAL A 1 89 ? -2.136  0.713   -12.000 1.00 17.56 ? 89  VAL A CG2 1 
ATOM   725  N N   . HIS A 1 90 ? -6.434  1.969   -13.597 1.00 6.58  ? 90  HIS A N   1 
ATOM   726  C CA  . HIS A 1 90 ? -7.892  1.912   -13.602 1.00 6.58  ? 90  HIS A CA  1 
ATOM   727  C C   . HIS A 1 90 ? -8.392  0.724   -14.426 1.00 6.58  ? 90  HIS A C   1 
ATOM   728  O O   . HIS A 1 90 ? -7.840  0.408   -15.478 1.00 6.58  ? 90  HIS A O   1 
ATOM   729  C CB  . HIS A 1 90 ? -8.450  3.236   -14.124 1.00 6.58  ? 90  HIS A CB  1 
ATOM   730  C CG  . HIS A 1 90 ? -8.165  4.397   -13.219 1.00 17.56 ? 90  HIS A CG  1 
ATOM   731  N ND1 . HIS A 1 90 ? -8.724  4.517   -11.965 1.00 28.54 ? 90  HIS A ND1 1 
ATOM   732  C CD2 . HIS A 1 90 ? -7.338  5.459   -13.363 1.00 28.54 ? 90  HIS A CD2 1 
ATOM   733  C CE1 . HIS A 1 90 ? -8.254  5.601   -11.376 1.00 39.52 ? 90  HIS A CE1 1 
ATOM   734  N NE2 . HIS A 1 90 ? -7.410  6.192   -12.204 1.00 39.52 ? 90  HIS A NE2 1 
ATOM   735  N N   . PRO A 1 91 ? -9.437  0.040   -13.947 1.00 6.58  ? 91  PRO A N   1 
ATOM   736  C CA  . PRO A 1 91 ? -10.010 -1.122  -14.634 1.00 6.58  ? 91  PRO A CA  1 
ATOM   737  C C   . PRO A 1 91 ? -10.924 -0.764  -15.809 1.00 6.58  ? 91  PRO A C   1 
ATOM   738  O O   . PRO A 1 91 ? -11.221 0.407   -16.019 1.00 6.58  ? 91  PRO A O   1 
ATOM   739  C CB  . PRO A 1 91 ? -10.777 -1.808  -13.521 1.00 6.58  ? 91  PRO A CB  1 
ATOM   740  C CG  . PRO A 1 91 ? -11.356 -0.625  -12.795 1.00 17.56 ? 91  PRO A CG  1 
ATOM   741  C CD  . PRO A 1 91 ? -10.175 0.325   -12.703 1.00 28.54 ? 91  PRO A CD  1 
ATOM   742  N N   . MET A 1 92 ? -11.338 -1.786  -16.566 1.00 2.75  ? 92  MET A N   1 
ATOM   743  C CA  . MET A 1 92 ? -12.259 -1.673  -17.709 1.00 2.75  ? 92  MET A CA  1 
ATOM   744  C C   . MET A 1 92 ? -11.666 -1.503  -19.119 1.00 2.75  ? 92  MET A C   1 
ATOM   745  O O   . MET A 1 92 ? -12.213 -2.039  -20.094 1.00 2.75  ? 92  MET A O   1 
ATOM   746  C CB  . MET A 1 92 ? -13.300 -0.574  -17.449 1.00 2.75  ? 92  MET A CB  1 
ATOM   747  C CG  . MET A 1 92 ? -14.465 -0.561  -18.433 1.00 2.75  ? 92  MET A CG  1 
ATOM   748  S SD  . MET A 1 92 ? -15.372 -2.111  -18.498 1.00 2.75  ? 92  MET A SD  1 
ATOM   749  C CE  . MET A 1 92 ? -16.799 -1.710  -17.547 1.00 2.75  ? 92  MET A CE  1 
ATOM   750  N N   . PRO A 1 93 ? -10.559 -0.754  -19.264 1.00 1.02  ? 93  PRO A N   1 
ATOM   751  C CA  . PRO A 1 93 ? -10.002 -0.601  -20.611 1.00 1.02  ? 93  PRO A CA  1 
ATOM   752  C C   . PRO A 1 93 ? -9.076  -1.757  -20.986 1.00 1.02  ? 93  PRO A C   1 
ATOM   753  O O   . PRO A 1 93 ? -8.023  -1.499  -21.601 1.00 1.02  ? 93  PRO A O   1 
ATOM   754  C CB  . PRO A 1 93 ? -9.262  0.726   -20.522 1.00 1.02  ? 93  PRO A CB  1 
ATOM   755  C CG  . PRO A 1 93 ? -8.791  0.720   -19.116 1.00 1.02  ? 93  PRO A CG  1 
ATOM   756  C CD  . PRO A 1 93 ? -9.991  0.260   -18.358 1.00 1.02  ? 93  PRO A CD  1 
ATOM   757  N N   . MET B 1 1  ? -27.149 -0.670  11.196  1.00 2.75  ? 1   MET B N   1 
ATOM   758  C CA  . MET B 1 1  ? -26.922 0.765   11.514  1.00 2.75  ? 1   MET B CA  1 
ATOM   759  C C   . MET B 1 1  ? -25.641 1.229   10.821  1.00 2.75  ? 1   MET B C   1 
ATOM   760  O O   . MET B 1 1  ? -24.613 0.554   10.876  1.00 2.75  ? 1   MET B O   1 
ATOM   761  C CB  . MET B 1 1  ? -26.811 0.938   13.044  1.00 2.75  ? 1   MET B CB  1 
ATOM   762  C CG  . MET B 1 1  ? -27.765 1.984   13.657  1.00 2.75  ? 1   MET B CG  1 
ATOM   763  S SD  . MET B 1 1  ? -28.275 1.695   15.399  1.00 2.75  ? 1   MET B SD  1 
ATOM   764  C CE  . MET B 1 1  ? -26.714 1.854   16.215  1.00 2.75  ? 1   MET B CE  1 
ATOM   765  N N   . PRO B 1 2  ? -25.696 2.379   10.127  1.00 6.58  ? 2   PRO B N   1 
ATOM   766  C CA  . PRO B 1 2  ? -24.501 2.882   9.445   1.00 6.58  ? 2   PRO B CA  1 
ATOM   767  C C   . PRO B 1 2  ? -23.449 3.221   10.491  1.00 6.58  ? 2   PRO B C   1 
ATOM   768  O O   . PRO B 1 2  ? -23.782 3.747   11.560  1.00 6.58  ? 2   PRO B O   1 
ATOM   769  C CB  . PRO B 1 2  ? -25.015 4.125   8.724   1.00 6.58  ? 2   PRO B CB  1 
ATOM   770  C CG  . PRO B 1 2  ? -26.445 3.787   8.446   1.00 17.56 ? 2   PRO B CG  1 
ATOM   771  C CD  . PRO B 1 2  ? -26.878 3.181   9.759   1.00 28.54 ? 2   PRO B CD  1 
ATOM   772  N N   . LYS B 1 3  ? -22.188 2.914   10.189  1.00 6.58  ? 3   LYS B N   1 
ATOM   773  C CA  . LYS B 1 3  ? -21.087 3.192   11.111  1.00 6.58  ? 3   LYS B CA  1 
ATOM   774  C C   . LYS B 1 3  ? -20.462 4.544   10.816  1.00 6.58  ? 3   LYS B C   1 
ATOM   775  O O   . LYS B 1 3  ? -20.021 4.804   9.696   1.00 6.58  ? 3   LYS B O   1 
ATOM   776  C CB  . LYS B 1 3  ? -20.006 2.111   11.016  1.00 6.58  ? 3   LYS B CB  1 
ATOM   777  C CG  . LYS B 1 3  ? -20.457 0.725   11.454  1.00 17.56 ? 3   LYS B CG  1 
ATOM   778  C CD  . LYS B 1 3  ? -19.318 -0.276  11.376  1.00 28.54 ? 3   LYS B CD  1 
ATOM   779  C CE  . LYS B 1 3  ? -19.733 -1.631  11.931  1.00 39.52 ? 3   LYS B CE  1 
ATOM   780  N NZ  . LYS B 1 3  ? -18.613 -2.620  11.914  1.00 50.50 ? 3   LYS B NZ  1 
ATOM   781  N N   . TYR B 1 4  ? -20.431 5.407   11.825  1.00 2.75  ? 4   TYR B N   1 
ATOM   782  C CA  . TYR B 1 4  ? -19.850 6.741   11.684  1.00 2.75  ? 4   TYR B CA  1 
ATOM   783  C C   . TYR B 1 4  ? -18.348 6.729   11.976  1.00 2.75  ? 4   TYR B C   1 
ATOM   784  O O   . TYR B 1 4  ? -17.848 5.859   12.683  1.00 6.58  ? 4   TYR B O   1 
ATOM   785  C CB  . TYR B 1 4  ? -20.559 7.705   12.647  1.00 2.75  ? 4   TYR B CB  1 
ATOM   786  C CG  . TYR B 1 4  ? -19.846 9.021   12.885  1.00 2.75  ? 4   TYR B CG  1 
ATOM   787  C CD1 . TYR B 1 4  ? -20.085 10.134  12.070  1.00 2.75  ? 4   TYR B CD1 1 
ATOM   788  C CD2 . TYR B 1 4  ? -18.922 9.154   13.925  1.00 2.75  ? 4   TYR B CD2 1 
ATOM   789  C CE1 . TYR B 1 4  ? -19.421 11.349  12.289  1.00 2.75  ? 4   TYR B CE1 1 
ATOM   790  C CE2 . TYR B 1 4  ? -18.252 10.357  14.148  1.00 2.75  ? 4   TYR B CE2 1 
ATOM   791  C CZ  . TYR B 1 4  ? -18.513 11.453  13.324  1.00 2.75  ? 4   TYR B CZ  1 
ATOM   792  O OH  . TYR B 1 4  ? -17.859 12.655  13.551  1.00 2.75  ? 4   TYR B OH  1 
ATOM   793  N N   . ALA B 1 5  ? -17.641 7.712   11.424  1.00 6.58  ? 5   ALA B N   1 
ATOM   794  C CA  . ALA B 1 5  ? -16.212 7.859   11.627  1.00 6.58  ? 5   ALA B CA  1 
ATOM   795  C C   . ALA B 1 5  ? -15.867 9.323   11.436  1.00 6.58  ? 5   ALA B C   1 
ATOM   796  O O   . ALA B 1 5  ? -16.383 9.975   10.536  1.00 6.58  ? 5   ALA B O   1 
ATOM   797  C CB  . ALA B 1 5  ? -15.439 7.010   10.628  1.00 6.58  ? 5   ALA B CB  1 
ATOM   798  N N   . PRO B 1 6  ? -15.000 9.874   12.297  1.00 2.75  ? 6   PRO B N   1 
ATOM   799  C CA  . PRO B 1 6  ? -14.638 11.284  12.146  1.00 2.75  ? 6   PRO B CA  1 
ATOM   800  C C   . PRO B 1 6  ? -14.036 11.649  10.780  1.00 2.75  ? 6   PRO B C   1 
ATOM   801  O O   . PRO B 1 6  ? -14.150 12.791  10.347  1.00 6.58  ? 6   PRO B O   1 
ATOM   802  C CB  . PRO B 1 6  ? -13.664 11.507  13.303  1.00 2.75  ? 6   PRO B CB  1 
ATOM   803  C CG  . PRO B 1 6  ? -14.201 10.593  14.363  1.00 2.75  ? 6   PRO B CG  1 
ATOM   804  C CD  . PRO B 1 6  ? -14.518 9.335   13.586  1.00 2.75  ? 6   PRO B CD  1 
ATOM   805  N N   . HIS B 1 7  ? -13.397 10.689  10.110  1.00 6.58  ? 7   HIS B N   1 
ATOM   806  C CA  . HIS B 1 7  ? -12.795 10.939  8.789   1.00 6.58  ? 7   HIS B CA  1 
ATOM   807  C C   . HIS B 1 7  ? -12.782 9.687   7.905   1.00 6.58  ? 7   HIS B C   1 
ATOM   808  O O   . HIS B 1 7  ? -12.636 8.576   8.405   1.00 6.58  ? 7   HIS B O   1 
ATOM   809  C CB  . HIS B 1 7  ? -11.344 11.434  8.922   1.00 6.58  ? 7   HIS B CB  1 
ATOM   810  C CG  . HIS B 1 7  ? -11.190 12.678  9.742   1.00 17.56 ? 7   HIS B CG  1 
ATOM   811  N ND1 . HIS B 1 7  ? -11.304 12.684  11.114  1.00 28.54 ? 7   HIS B ND1 1 
ATOM   812  C CD2 . HIS B 1 7  ? -10.913 13.952  9.381   1.00 28.54 ? 7   HIS B CD2 1 
ATOM   813  C CE1 . HIS B 1 7  ? -11.102 13.909  11.566  1.00 39.52 ? 7   HIS B CE1 1 
ATOM   814  N NE2 . HIS B 1 7  ? -10.861 14.697  10.534  1.00 39.52 ? 7   HIS B NE2 1 
ATOM   815  N N   . VAL B 1 8  ? -12.917 9.880   6.591   1.00 6.58  ? 8   VAL B N   1 
ATOM   816  C CA  . VAL B 1 8  ? -12.908 8.775   5.625   1.00 6.58  ? 8   VAL B CA  1 
ATOM   817  C C   . VAL B 1 8  ? -12.007 9.120   4.426   1.00 6.58  ? 8   VAL B C   1 
ATOM   818  O O   . VAL B 1 8  ? -11.658 10.287  4.234   1.00 6.58  ? 8   VAL B O   1 
ATOM   819  C CB  . VAL B 1 8  ? -14.340 8.458   5.109   1.00 6.58  ? 8   VAL B CB  1 
ATOM   820  C CG1 . VAL B 1 8  ? -15.210 7.939   6.264   1.00 17.56 ? 8   VAL B CG1 1 
ATOM   821  C CG2 . VAL B 1 8  ? -14.968 9.698   4.491   1.00 17.56 ? 8   VAL B CG2 1 
ATOM   822  N N   . TYR B 1 9  ? -11.645 8.117   3.622   1.00 6.58  ? 9   TYR B N   1 
ATOM   823  C CA  . TYR B 1 9  ? -10.761 8.337   2.466   1.00 6.58  ? 9   TYR B CA  1 
ATOM   824  C C   . TYR B 1 9  ? -11.025 7.417   1.267   1.00 6.58  ? 9   TYR B C   1 
ATOM   825  O O   . TYR B 1 9  ? -11.357 6.246   1.439   1.00 6.58  ? 9   TYR B O   1 
ATOM   826  C CB  . TYR B 1 9  ? -9.303  8.154   2.897   1.00 6.58  ? 9   TYR B CB  1 
ATOM   827  C CG  . TYR B 1 9  ? -8.898  9.014   4.070   1.00 17.56 ? 9   TYR B CG  1 
ATOM   828  C CD1 . TYR B 1 9  ? -8.496  10.337  3.888   1.00 28.54 ? 9   TYR B CD1 1 
ATOM   829  C CD2 . TYR B 1 9  ? -8.943  8.510   5.369   1.00 28.54 ? 9   TYR B CD2 1 
ATOM   830  C CE1 . TYR B 1 9  ? -8.144  11.136  4.975   1.00 39.52 ? 9   TYR B CE1 1 
ATOM   831  C CE2 . TYR B 1 9  ? -8.600  9.298   6.457   1.00 39.52 ? 9   TYR B CE2 1 
ATOM   832  C CZ  . TYR B 1 9  ? -8.200  10.607  6.258   1.00 50.50 ? 9   TYR B CZ  1 
ATOM   833  O OH  . TYR B 1 9  ? -7.850  11.377  7.343   1.00 61.48 ? 9   TYR B OH  1 
ATOM   834  N N   . THR B 1 10 ? -10.856 7.944   0.050   1.00 6.58  ? 10  THR B N   1 
ATOM   835  C CA  . THR B 1 10 ? -11.066 7.141   -1.163  1.00 6.58  ? 10  THR B CA  1 
ATOM   836  C C   . THR B 1 10 ? -9.958  7.232   -2.221  1.00 6.58  ? 10  THR B C   1 
ATOM   837  O O   . THR B 1 10 ? -10.061 6.597   -3.258  1.00 6.58  ? 10  THR B O   1 
ATOM   838  C CB  . THR B 1 10 ? -12.401 7.496   -1.871  1.00 6.58  ? 10  THR B CB  1 
ATOM   839  O OG1 . THR B 1 10 ? -12.373 8.865   -2.281  1.00 17.56 ? 10  THR B OG1 1 
ATOM   840  C CG2 . THR B 1 10 ? -13.585 7.272   -0.934  1.00 17.56 ? 10  THR B CG2 1 
ATOM   841  N N   . GLU B 1 11 ? -8.898  7.995   -1.974  1.00 6.58  ? 11  GLU B N   1 
ATOM   842  C CA  . GLU B 1 11 ? -7.830  8.103   -2.976  1.00 6.58  ? 11  GLU B CA  1 
ATOM   843  C C   . GLU B 1 11 ? -6.909  6.883   -2.959  1.00 6.58  ? 11  GLU B C   1 
ATOM   844  O O   . GLU B 1 11 ? -6.515  6.437   -1.898  1.00 6.58  ? 11  GLU B O   1 
ATOM   845  C CB  . GLU B 1 11 ? -7.009  9.376   -2.751  1.00 6.58  ? 11  GLU B CB  1 
ATOM   846  C CG  . GLU B 1 11 ? -7.645  10.638  -3.317  1.00 17.56 ? 11  GLU B CG  1 
ATOM   847  C CD  . GLU B 1 11 ? -6.702  11.823  -3.290  1.00 28.54 ? 11  GLU B CD  1 
ATOM   848  O OE1 . GLU B 1 11 ? -6.436  12.354  -2.191  1.00 39.52 ? 11  GLU B OE1 1 
ATOM   849  O OE2 . GLU B 1 11 ? -6.217  12.218  -4.373  1.00 39.52 ? 11  GLU B OE2 1 
ATOM   850  N N   . GLN B 1 12 ? -6.566  6.350   -4.132  1.00 6.58  ? 12  GLN B N   1 
ATOM   851  C CA  . GLN B 1 12 ? -5.696  5.170   -4.221  1.00 6.58  ? 12  GLN B CA  1 
ATOM   852  C C   . GLN B 1 12 ? -4.429  5.228   -3.361  1.00 6.58  ? 12  GLN B C   1 
ATOM   853  O O   . GLN B 1 12 ? -4.070  4.236   -2.717  1.00 6.58  ? 12  GLN B O   1 
ATOM   854  C CB  . GLN B 1 12 ? -5.300  4.911   -5.682  1.00 6.58  ? 12  GLN B CB  1 
ATOM   855  C CG  . GLN B 1 12 ? -6.475  4.580   -6.587  1.00 17.56 ? 12  GLN B CG  1 
ATOM   856  C CD  . GLN B 1 12 ? -7.250  3.375   -6.095  1.00 28.54 ? 12  GLN B CD  1 
ATOM   857  O OE1 . GLN B 1 12 ? -6.691  2.293   -5.927  1.00 39.52 ? 12  GLN B OE1 1 
ATOM   858  N NE2 . GLN B 1 12 ? -8.543  3.558   -5.858  1.00 39.52 ? 12  GLN B NE2 1 
ATOM   859  N N   . ALA B 1 13 ? -3.737  6.367   -3.367  1.00 6.58  ? 13  ALA B N   1 
ATOM   860  C CA  . ALA B 1 13 ? -2.523  6.519   -2.563  1.00 6.58  ? 13  ALA B CA  1 
ATOM   861  C C   . ALA B 1 13 ? -2.900  6.357   -1.098  1.00 6.58  ? 13  ALA B C   1 
ATOM   862  O O   . ALA B 1 13 ? -2.216  5.668   -0.346  1.00 6.58  ? 13  ALA B O   1 
ATOM   863  C CB  . ALA B 1 13 ? -1.901  7.888   -2.789  1.00 6.58  ? 13  ALA B CB  1 
ATOM   864  N N   . GLN B 1 14 ? -3.999  6.993   -0.701  1.00 6.58  ? 14  GLN B N   1 
ATOM   865  C CA  . GLN B 1 14 ? -4.469  6.892   0.675   1.00 6.58  ? 14  GLN B CA  1 
ATOM   866  C C   . GLN B 1 14 ? -4.748  5.437   1.021   1.00 6.58  ? 14  GLN B C   1 
ATOM   867  O O   . GLN B 1 14 ? -4.349  4.962   2.076   1.00 6.58  ? 14  GLN B O   1 
ATOM   868  C CB  . GLN B 1 14 ? -5.738  7.712   0.874   1.00 6.58  ? 14  GLN B CB  1 
ATOM   869  C CG  . GLN B 1 14 ? -5.585  9.177   0.503   1.00 17.56 ? 14  GLN B CG  1 
ATOM   870  C CD  . GLN B 1 14 ? -6.851  9.968   0.749   1.00 28.54 ? 14  GLN B CD  1 
ATOM   871  O OE1 . GLN B 1 14 ? -7.939  9.575   0.321   1.00 39.52 ? 14  GLN B OE1 1 
ATOM   872  N NE2 . GLN B 1 14 ? -6.717  11.096  1.440   1.00 39.52 ? 14  GLN B NE2 1 
ATOM   873  N N   . ILE B 1 15 ? -5.448  4.748   0.128   1.00 6.58  ? 15  ILE B N   1 
ATOM   874  C CA  . ILE B 1 15 ? -5.771  3.343   0.318   1.00 6.58  ? 15  ILE B CA  1 
ATOM   875  C C   . ILE B 1 15 ? -4.464  2.554   0.466   1.00 6.58  ? 15  ILE B C   1 
ATOM   876  O O   . ILE B 1 15 ? -4.342  1.704   1.344   1.00 6.58  ? 15  ILE B O   1 
ATOM   877  C CB  . ILE B 1 15 ? -6.581  2.787   -0.892  1.00 6.58  ? 15  ILE B CB  1 
ATOM   878  C CG1 . ILE B 1 15 ? -7.927  3.506   -1.000  1.00 17.56 ? 15  ILE B CG1 1 
ATOM   879  C CG2 . ILE B 1 15 ? -6.792  1.286   -0.740  1.00 17.56 ? 15  ILE B CG2 1 
ATOM   880  C CD1 . ILE B 1 15 ? -8.793  3.036   -2.168  1.00 28.54 ? 15  ILE B CD1 1 
ATOM   881  N N   . ALA B 1 16 ? -3.494  2.861   -0.395  1.00 6.58  ? 16  ALA B N   1 
ATOM   882  C CA  . ALA B 1 16 ? -2.185  2.207   -0.390  1.00 6.58  ? 16  ALA B CA  1 
ATOM   883  C C   . ALA B 1 16 ? -1.556  2.254   0.996   1.00 6.58  ? 16  ALA B C   1 
ATOM   884  O O   . ALA B 1 16 ? -1.009  1.263   1.472   1.00 6.58  ? 16  ALA B O   1 
ATOM   885  C CB  . ALA B 1 16 ? -1.255  2.887   -1.410  1.00 6.58  ? 16  ALA B CB  1 
ATOM   886  N N   . THR B 1 17 ? -1.644  3.420   1.625   1.00 6.58  ? 17  THR B N   1 
ATOM   887  C CA  . THR B 1 17 ? -1.106  3.656   2.963   1.00 6.58  ? 17  THR B CA  1 
ATOM   888  C C   . THR B 1 17 ? -1.807  2.799   4.020   1.00 6.58  ? 17  THR B C   1 
ATOM   889  O O   . THR B 1 17 ? -1.154  2.155   4.850   1.00 6.58  ? 17  THR B O   1 
ATOM   890  C CB  . THR B 1 17 ? -1.273  5.149   3.370   1.00 6.58  ? 17  THR B CB  1 
ATOM   891  O OG1 . THR B 1 17 ? -0.507  5.984   2.490   1.00 17.56 ? 17  THR B OG1 1 
ATOM   892  C CG2 . THR B 1 17 ? -0.817  5.374   4.815   1.00 17.56 ? 17  THR B CG2 1 
ATOM   893  N N   . LEU B 1 18 ? -3.135  2.793   3.985   1.00 6.58  ? 18  LEU B N   1 
ATOM   894  C CA  . LEU B 1 18 ? -3.921  2.033   4.955   1.00 6.58  ? 18  LEU B CA  1 
ATOM   895  C C   . LEU B 1 18 ? -3.670  0.537   4.857   1.00 6.58  ? 18  LEU B C   1 
ATOM   896  O O   . LEU B 1 18 ? -3.591  -0.158  5.866   1.00 6.58  ? 18  LEU B O   1 
ATOM   897  C CB  . LEU B 1 18 ? -5.419  2.330   4.784   1.00 6.58  ? 18  LEU B CB  1 
ATOM   898  C CG  . LEU B 1 18 ? -5.872  3.756   5.110   1.00 17.56 ? 18  LEU B CG  1 
ATOM   899  C CD1 . LEU B 1 18 ? -7.382  3.847   4.974   1.00 28.54 ? 18  LEU B CD1 1 
ATOM   900  C CD2 . LEU B 1 18 ? -5.452  4.136   6.518   1.00 28.54 ? 18  LEU B CD2 1 
ATOM   901  N N   . GLU B 1 19 ? -3.538  0.042   3.633   1.00 6.58  ? 19  GLU B N   1 
ATOM   902  C CA  . GLU B 1 19 ? -3.295  -1.368  3.402   1.00 6.58  ? 19  GLU B CA  1 
ATOM   903  C C   . GLU B 1 19 ? -1.885  -1.749  3.842   1.00 6.58  ? 19  GLU B C   1 
ATOM   904  O O   . GLU B 1 19 ? -1.636  -2.896  4.197   1.00 6.58  ? 19  GLU B O   1 
ATOM   905  C CB  . GLU B 1 19 ? -3.461  -1.699  1.916   1.00 6.58  ? 19  GLU B CB  1 
ATOM   906  C CG  . GLU B 1 19 ? -4.842  -1.418  1.335   1.00 17.56 ? 19  GLU B CG  1 
ATOM   907  C CD  . GLU B 1 19 ? -4.895  -1.640  -0.173  1.00 28.54 ? 19  GLU B CD  1 
ATOM   908  O OE1 . GLU B 1 19 ? -5.999  -1.557  -0.752  1.00 39.52 ? 19  GLU B OE1 1 
ATOM   909  O OE2 . GLU B 1 19 ? -3.831  -1.889  -0.780  1.00 39.52 ? 19  GLU B OE2 1 
ATOM   910  N N   . HIS B 1 20 ? -0.954  -0.800  3.795   1.00 6.58  ? 20  HIS B N   1 
ATOM   911  C CA  . HIS B 1 20 ? 0.410   -1.113  4.194   1.00 6.58  ? 20  HIS B CA  1 
ATOM   912  C C   . HIS B 1 20 ? 0.481   -1.171  5.710   1.00 6.58  ? 20  HIS B C   1 
ATOM   913  O O   . HIS B 1 20 ? 1.271   -1.930  6.278   1.00 6.58  ? 20  HIS B O   1 
ATOM   914  C CB  . HIS B 1 20 ? 1.390   -0.076  3.647   1.00 6.58  ? 20  HIS B CB  1 
ATOM   915  C CG  . HIS B 1 20 ? 2.826   -0.411  3.907   1.00 17.56 ? 20  HIS B CG  1 
ATOM   916  N ND1 . HIS B 1 20 ? 3.405   -1.585  3.477   1.00 28.54 ? 20  HIS B ND1 1 
ATOM   917  C CD2 . HIS B 1 20 ? 3.798   0.270   4.559   1.00 28.54 ? 20  HIS B CD2 1 
ATOM   918  C CE1 . HIS B 1 20 ? 4.671   -1.614  3.854   1.00 39.52 ? 20  HIS B CE1 1 
ATOM   919  N NE2 . HIS B 1 20 ? 4.935   -0.499  4.512   1.00 39.52 ? 20  HIS B NE2 1 
ATOM   920  N N   . TRP B 1 21 ? -0.371  -0.383  6.358   1.00 6.58  ? 21  TRP B N   1 
ATOM   921  C CA  . TRP B 1 21 ? -0.429  -0.344  7.811   1.00 6.58  ? 21  TRP B CA  1 
ATOM   922  C C   . TRP B 1 21 ? -0.973  -1.667  8.332   1.00 6.58  ? 21  TRP B C   1 
ATOM   923  O O   . TRP B 1 21 ? -0.457  -2.214  9.298   1.00 6.58  ? 21  TRP B O   1 
ATOM   924  C CB  . TRP B 1 21 ? -1.319  0.809   8.283   1.00 6.58  ? 21  TRP B CB  1 
ATOM   925  C CG  . TRP B 1 21 ? -0.651  2.144   8.277   1.00 17.56 ? 21  TRP B CG  1 
ATOM   926  C CD1 . TRP B 1 21 ? -1.261  3.362   8.204   1.00 28.54 ? 21  TRP B CD1 1 
ATOM   927  C CD2 . TRP B 1 21 ? 0.754   2.404   8.392   1.00 28.54 ? 21  TRP B CD2 1 
ATOM   928  N NE1 . TRP B 1 21 ? -0.324  4.366   8.266   1.00 39.52 ? 21  TRP B NE1 1 
ATOM   929  C CE2 . TRP B 1 21 ? 0.921   3.804   8.381   1.00 39.52 ? 21  TRP B CE2 1 
ATOM   930  C CE3 . TRP B 1 21 ? 1.891   1.589   8.503   1.00 39.52 ? 21  TRP B CE3 1 
ATOM   931  C CZ2 . TRP B 1 21 ? 2.178   4.411   8.478   1.00 50.50 ? 21  TRP B CZ2 1 
ATOM   932  C CZ3 . TRP B 1 21 ? 3.140   2.189   8.600   1.00 50.50 ? 21  TRP B CZ3 1 
ATOM   933  C CH2 . TRP B 1 21 ? 3.273   3.588   8.586   1.00 61.48 ? 21  TRP B CH2 1 
ATOM   934  N N   . VAL B 1 22 ? -2.008  -2.174  7.673   1.00 6.58  ? 22  VAL B N   1 
ATOM   935  C CA  . VAL B 1 22 ? -2.615  -3.441  8.056   1.00 6.58  ? 22  VAL B CA  1 
ATOM   936  C C   . VAL B 1 22 ? -1.610  -4.579  7.906   1.00 6.58  ? 22  VAL B C   1 
ATOM   937  O O   . VAL B 1 22 ? -1.719  -5.607  8.577   1.00 6.58  ? 22  VAL B O   1 
ATOM   938  C CB  . VAL B 1 22 ? -3.850  -3.765  7.182   1.00 6.58  ? 22  VAL B CB  1 
ATOM   939  C CG1 . VAL B 1 22 ? -4.405  -5.139  7.550   1.00 17.56 ? 22  VAL B CG1 1 
ATOM   940  C CG2 . VAL B 1 22 ? -4.922  -2.694  7.373   1.00 17.56 ? 22  VAL B CG2 1 
ATOM   941  N N   . LYS B 1 23 ? -0.635  -4.398  7.022   1.00 6.58  ? 23  LYS B N   1 
ATOM   942  C CA  . LYS B 1 23 ? 0.371   -5.427  6.803   1.00 6.58  ? 23  LYS B CA  1 
ATOM   943  C C   . LYS B 1 23 ? 1.417   -5.433  7.918   1.00 6.58  ? 23  LYS B C   1 
ATOM   944  O O   . LYS B 1 23 ? 1.757   -6.497  8.441   1.00 6.58  ? 23  LYS B O   1 
ATOM   945  C CB  . LYS B 1 23 ? 1.046   -5.220  5.445   1.00 6.58  ? 23  LYS B CB  1 
ATOM   946  C CG  . LYS B 1 23 ? 1.983   -6.354  5.029   1.00 17.56 ? 23  LYS B CG  1 
ATOM   947  C CD  . LYS B 1 23 ? 2.434   -6.204  3.580   1.00 28.54 ? 23  LYS B CD  1 
ATOM   948  C CE  . LYS B 1 23 ? 1.246   -6.250  2.630   1.00 39.52 ? 23  LYS B CE  1 
ATOM   949  N NZ  . LYS B 1 23 ? 1.658   -6.216  1.202   1.00 50.50 ? 23  LYS B NZ  1 
ATOM   950  N N   . LEU B 1 24 ? 1.932   -4.258  8.282   1.00 6.58  ? 24  LEU B N   1 
ATOM   951  C CA  . LEU B 1 24 ? 2.941   -4.183  9.344   1.00 6.58  ? 24  LEU B CA  1 
ATOM   952  C C   . LEU B 1 24 ? 2.342   -4.604  10.681  1.00 6.58  ? 24  LEU B C   1 
ATOM   953  O O   . LEU B 1 24 ? 2.891   -5.457  11.385  1.00 6.58  ? 24  LEU B O   1 
ATOM   954  C CB  . LEU B 1 24 ? 3.518   -2.766  9.471   1.00 6.58  ? 24  LEU B CB  1 
ATOM   955  C CG  . LEU B 1 24 ? 4.301   -2.193  8.292   1.00 17.56 ? 24  LEU B CG  1 
ATOM   956  C CD1 . LEU B 1 24 ? 4.947   -0.889  8.717   1.00 28.54 ? 24  LEU B CD1 1 
ATOM   957  C CD2 . LEU B 1 24 ? 5.362   -3.189  7.827   1.00 28.54 ? 24  LEU B CD2 1 
ATOM   958  N N   . LEU B 1 25 ? 1.216   -3.995  11.031  1.00 6.58  ? 25  LEU B N   1 
ATOM   959  C CA  . LEU B 1 25 ? 0.531   -4.319  12.272  1.00 6.58  ? 25  LEU B CA  1 
ATOM   960  C C   . LEU B 1 25 ? -0.228  -5.633  12.061  1.00 6.58  ? 25  LEU B C   1 
ATOM   961  O O   . LEU B 1 25 ? -1.342  -5.800  12.563  1.00 6.58  ? 25  LEU B O   1 
ATOM   962  C CB  . LEU B 1 25 ? -0.463  -3.215  12.621  1.00 6.58  ? 25  LEU B CB  1 
ATOM   963  C CG  . LEU B 1 25 ? 0.088   -1.790  12.671  1.00 17.56 ? 25  LEU B CG  1 
ATOM   964  C CD1 . LEU B 1 25 ? -1.070  -0.824  12.861  1.00 28.54 ? 25  LEU B CD1 1 
ATOM   965  C CD2 . LEU B 1 25 ? 1.099   -1.651  13.799  1.00 28.54 ? 25  LEU B CD2 1 
ATOM   966  N N   . ASP B 1 26 ? 0.387   -6.543  11.309  1.00 2.75  ? 26  ASP B N   1 
ATOM   967  C CA  . ASP B 1 26 ? -0.194  -7.849  10.976  1.00 2.75  ? 26  ASP B CA  1 
ATOM   968  C C   . ASP B 1 26 ? 0.499   -8.989  11.700  1.00 2.75  ? 26  ASP B C   1 
ATOM   969  O O   . ASP B 1 26 ? -0.155  -9.954  12.130  1.00 2.75  ? 26  ASP B O   1 
ATOM   970  C CB  . ASP B 1 26 ? -0.120  -8.090  9.459   1.00 2.75  ? 26  ASP B CB  1 
ATOM   971  C CG  . ASP B 1 26 ? 0.273   -9.521  9.099   1.00 2.75  ? 26  ASP B CG  1 
ATOM   972  O OD1 . ASP B 1 26 ? -0.489  -10.459 9.413   1.00 2.75  ? 26  ASP B OD1 1 
ATOM   973  O OD2 . ASP B 1 26 ? 1.357   -9.714  8.499   1.00 2.75  ? 26  ASP B OD2 1 
ATOM   974  N N   . GLY B 1 27 ? 1.821   -8.894  11.817  1.00 2.75  ? 27  GLY B N   1 
ATOM   975  C CA  . GLY B 1 27 ? 2.565   -9.919  12.516  1.00 2.75  ? 27  GLY B CA  1 
ATOM   976  C C   . GLY B 1 27 ? 2.299   -9.777  14.002  1.00 2.75  ? 27  GLY B C   1 
ATOM   977  O O   . GLY B 1 27 ? 3.033   -10.310 14.829  1.00 2.75  ? 27  GLY B O   1 
ATOM   978  N N   . GLN B 1 28 ? 1.237   -9.045  14.329  1.00 2.75  ? 28  GLN B N   1 
ATOM   979  C CA  . GLN B 1 28 ? 0.848   -8.814  15.712  1.00 2.75  ? 28  GLN B CA  1 
ATOM   980  C C   . GLN B 1 28 ? 2.054   -8.747  16.642  1.00 2.75  ? 28  GLN B C   1 
ATOM   981  O O   . GLN B 1 28 ? 2.001   -9.218  17.779  1.00 2.75  ? 28  GLN B O   1 
ATOM   982  C CB  . GLN B 1 28 ? -0.108  -9.921  16.163  1.00 2.75  ? 28  GLN B CB  1 
ATOM   983  C CG  . GLN B 1 28 ? -0.870  -9.652  17.472  1.00 2.75  ? 28  GLN B CG  1 
ATOM   984  C CD  . GLN B 1 28 ? -0.136  -10.132 18.712  1.00 2.75  ? 28  GLN B CD  1 
ATOM   985  O OE1 . GLN B 1 28 ? 0.331   -11.279 18.775  1.00 2.75  ? 28  GLN B OE1 1 
ATOM   986  N NE2 . GLN B 1 28 ? -0.040  -9.269  19.712  1.00 2.75  ? 28  GLN B NE2 1 
ATOM   987  N N   . GLU B 1 29 ? 3.149   -8.163  16.173  1.00 2.75  ? 29  GLU B N   1 
ATOM   988  C CA  . GLU B 1 29 ? 4.336   -8.079  17.018  1.00 2.75  ? 29  GLU B CA  1 
ATOM   989  C C   . GLU B 1 29 ? 4.514   -6.686  17.645  1.00 2.75  ? 29  GLU B C   1 
ATOM   990  O O   . GLU B 1 29 ? 4.288   -5.668  16.983  1.00 2.75  ? 29  GLU B O   1 
ATOM   991  C CB  . GLU B 1 29 ? 5.561   -8.503  16.208  1.00 2.75  ? 29  GLU B CB  1 
ATOM   992  C CG  . GLU B 1 29 ? 6.882   -8.147  16.820  1.00 2.75  ? 29  GLU B CG  1 
ATOM   993  C CD  . GLU B 1 29 ? 7.395   -6.831  16.293  1.00 2.75  ? 29  GLU B CD  1 
ATOM   994  O OE1 . GLU B 1 29 ? 6.584   -5.875  16.246  1.00 2.75  ? 29  GLU B OE1 1 
ATOM   995  O OE2 . GLU B 1 29 ? 8.594   -6.751  15.914  1.00 2.75  ? 29  GLU B OE2 1 
ATOM   996  N N   . ARG B 1 30 ? 4.926   -6.641  18.911  1.00 2.75  ? 30  ARG B N   1 
ATOM   997  C CA  . ARG B 1 30 ? 5.076   -5.367  19.632  1.00 2.75  ? 30  ARG B CA  1 
ATOM   998  C C   . ARG B 1 30 ? 5.594   -4.230  18.774  1.00 2.75  ? 30  ARG B C   1 
ATOM   999  O O   . ARG B 1 30 ? 6.577   -4.380  18.054  1.00 2.75  ? 30  ARG B O   1 
ATOM   1000 C CB  . ARG B 1 30 ? 5.973   -5.532  20.863  1.00 2.75  ? 30  ARG B CB  1 
ATOM   1001 C CG  . ARG B 1 30 ? 7.174   -6.422  20.637  1.00 2.75  ? 30  ARG B CG  1 
ATOM   1002 C CD  . ARG B 1 30 ? 6.885   -7.802  21.203  1.00 2.75  ? 30  ARG B CD  1 
ATOM   1003 N NE  . ARG B 1 30 ? 6.748   -7.755  22.661  1.00 2.75  ? 30  ARG B NE  1 
ATOM   1004 C CZ  . ARG B 1 30 ? 6.362   -8.777  23.418  1.00 2.75  ? 30  ARG B CZ  1 
ATOM   1005 N NH1 . ARG B 1 30 ? 6.071   -9.944  22.859  1.00 2.75  ? 30  ARG B NH1 1 
ATOM   1006 N NH2 . ARG B 1 30 ? 6.258   -8.624  24.734  1.00 2.75  ? 30  ARG B NH2 1 
ATOM   1007 N N   . VAL B 1 31 ? 4.920   -3.083  18.874  1.00 6.58  ? 31  VAL B N   1 
ATOM   1008 C CA  . VAL B 1 31 ? 5.266   -1.916  18.074  1.00 6.58  ? 31  VAL B CA  1 
ATOM   1009 C C   . VAL B 1 31 ? 5.184   -0.587  18.801  1.00 6.58  ? 31  VAL B C   1 
ATOM   1010 O O   . VAL B 1 31 ? 4.709   -0.500  19.939  1.00 6.58  ? 31  VAL B O   1 
ATOM   1011 C CB  . VAL B 1 31 ? 4.351   -1.810  16.832  1.00 6.58  ? 31  VAL B CB  1 
ATOM   1012 C CG1 . VAL B 1 31 ? 4.639   -2.948  15.862  1.00 17.56 ? 31  VAL B CG1 1 
ATOM   1013 C CG2 . VAL B 1 31 ? 2.898   -1.815  17.268  1.00 17.56 ? 31  VAL B CG2 1 
ATOM   1014 N N   . ARG B 1 32 ? 5.642   0.449   18.100  1.00 6.58  ? 32  ARG B N   1 
ATOM   1015 C CA  . ARG B 1 32 ? 5.649   1.818   18.595  1.00 6.58  ? 32  ARG B CA  1 
ATOM   1016 C C   . ARG B 1 32 ? 5.037   2.718   17.519  1.00 6.58  ? 32  ARG B C   1 
ATOM   1017 O O   . ARG B 1 32 ? 5.733   3.167   16.602  1.00 6.58  ? 32  ARG B O   1 
ATOM   1018 C CB  . ARG B 1 32 ? 7.087   2.256   18.886  1.00 6.58  ? 32  ARG B CB  1 
ATOM   1019 C CG  . ARG B 1 32 ? 7.202   3.606   19.573  1.00 17.56 ? 32  ARG B CG  1 
ATOM   1020 C CD  . ARG B 1 32 ? 8.646   3.902   19.941  1.00 28.54 ? 32  ARG B CD  1 
ATOM   1021 N NE  . ARG B 1 32 ? 8.779   5.117   20.737  1.00 39.52 ? 32  ARG B NE  1 
ATOM   1022 C CZ  . ARG B 1 32 ? 9.928   5.547   21.253  1.00 50.50 ? 32  ARG B CZ  1 
ATOM   1023 N NH1 . ARG B 1 32 ? 11.045  4.857   21.056  1.00 61.48 ? 32  ARG B NH1 1 
ATOM   1024 N NH2 . ARG B 1 32 ? 9.960   6.664   21.967  1.00 61.48 ? 32  ARG B NH2 1 
ATOM   1025 N N   . ILE B 1 33 ? 3.740   2.984   17.640  1.00 6.58  ? 33  ILE B N   1 
ATOM   1026 C CA  . ILE B 1 33 ? 3.023   3.809   16.671  1.00 6.58  ? 33  ILE B CA  1 
ATOM   1027 C C   . ILE B 1 33 ? 3.119   5.322   16.908  1.00 6.58  ? 33  ILE B C   1 
ATOM   1028 O O   . ILE B 1 33 ? 2.921   5.807   18.021  1.00 6.58  ? 33  ILE B O   1 
ATOM   1029 C CB  . ILE B 1 33 ? 1.519   3.397   16.636  1.00 6.58  ? 33  ILE B CB  1 
ATOM   1030 C CG1 . ILE B 1 33 ? 1.401   1.893   16.355  1.00 17.56 ? 33  ILE B CG1 1 
ATOM   1031 C CG2 . ILE B 1 33 ? 0.765   4.214   15.584  1.00 17.56 ? 33  ILE B CG2 1 
ATOM   1032 C CD1 . ILE B 1 33 ? -0.017  1.362   16.371  1.00 28.54 ? 33  ILE B CD1 1 
ATOM   1033 N N   . GLU B 1 34 ? 3.419   6.065   15.845  1.00 6.58  ? 34  GLU B N   1 
ATOM   1034 C CA  . GLU B 1 34 ? 3.505   7.519   15.930  1.00 6.58  ? 34  GLU B CA  1 
ATOM   1035 C C   . GLU B 1 34 ? 2.345   8.099   15.118  1.00 6.58  ? 34  GLU B C   1 
ATOM   1036 O O   . GLU B 1 34 ? 2.146   7.703   13.963  1.00 6.58  ? 34  GLU B O   1 
ATOM   1037 C CB  . GLU B 1 34 ? 4.833   8.017   15.351  1.00 6.58  ? 34  GLU B CB  1 
ATOM   1038 C CG  . GLU B 1 34 ? 5.081   9.511   15.588  1.00 17.56 ? 34  GLU B CG  1 
ATOM   1039 C CD  . GLU B 1 34 ? 6.281   10.062  14.829  1.00 28.54 ? 34  GLU B CD  1 
ATOM   1040 O OE1 . GLU B 1 34 ? 6.628   11.240  15.055  1.00 39.52 ? 34  GLU B OE1 1 
ATOM   1041 O OE2 . GLU B 1 34 ? 6.872   9.328   14.006  1.00 39.52 ? 34  GLU B OE2 1 
ATOM   1042 N N   . LEU B 1 35 ? 1.595   9.032   15.708  1.00 6.58  ? 35  LEU B N   1 
ATOM   1043 C CA  . LEU B 1 35 ? 0.451   9.644   15.035  1.00 6.58  ? 35  LEU B CA  1 
ATOM   1044 C C   . LEU B 1 35 ? 0.740   11.042  14.501  1.00 6.58  ? 35  LEU B C   1 
ATOM   1045 O O   . LEU B 1 35 ? 1.865   11.539  14.612  1.00 6.58  ? 35  LEU B O   1 
ATOM   1046 C CB  . LEU B 1 35 ? -0.755  9.708   15.976  1.00 6.58  ? 35  LEU B CB  1 
ATOM   1047 C CG  . LEU B 1 35 ? -1.102  8.453   16.780  1.00 17.56 ? 35  LEU B CG  1 
ATOM   1048 C CD1 . LEU B 1 35 ? -2.432  8.669   17.493  1.00 28.54 ? 35  LEU B CD1 1 
ATOM   1049 C CD2 . LEU B 1 35 ? -1.182  7.241   15.864  1.00 28.54 ? 35  LEU B CD2 1 
ATOM   1050 N N   . ASP B 1 36 ? -0.297  11.668  13.939  1.00 6.58  ? 36  ASP B N   1 
ATOM   1051 C CA  . ASP B 1 36 ? -0.186  13.004  13.358  1.00 6.58  ? 36  ASP B CA  1 
ATOM   1052 C C   . ASP B 1 36 ? 0.201   14.119  14.316  1.00 6.58  ? 36  ASP B C   1 
ATOM   1053 O O   . ASP B 1 36 ? 1.085   14.919  13.997  1.00 6.58  ? 36  ASP B O   1 
ATOM   1054 C CB  . ASP B 1 36 ? -1.483  13.388  12.634  1.00 6.58  ? 36  ASP B CB  1 
ATOM   1055 C CG  . ASP B 1 36 ? -2.691  13.377  13.548  1.00 17.56 ? 36  ASP B CG  1 
ATOM   1056 O OD1 . ASP B 1 36 ? -3.134  12.277  13.937  1.00 28.54 ? 36  ASP B OD1 1 
ATOM   1057 O OD2 . ASP B 1 36 ? -3.193  14.472  13.884  1.00 28.54 ? 36  ASP B OD2 1 
ATOM   1058 N N   . ASP B 1 37 ? -0.446  14.188  15.479  1.00 6.58  ? 37  ASP B N   1 
ATOM   1059 C CA  . ASP B 1 37 ? -0.140  15.245  16.445  1.00 6.58  ? 37  ASP B CA  1 
ATOM   1060 C C   . ASP B 1 37 ? 1.217   15.088  17.140  1.00 6.58  ? 37  ASP B C   1 
ATOM   1061 O O   . ASP B 1 37 ? 1.638   15.973  17.886  1.00 6.58  ? 37  ASP B O   1 
ATOM   1062 C CB  . ASP B 1 37 ? -1.257  15.350  17.493  1.00 6.58  ? 37  ASP B CB  1 
ATOM   1063 C CG  . ASP B 1 37 ? -1.589  14.014  18.130  1.00 17.56 ? 37  ASP B CG  1 
ATOM   1064 O OD1 . ASP B 1 37 ? -0.839  13.042  17.901  1.00 28.54 ? 37  ASP B OD1 1 
ATOM   1065 O OD2 . ASP B 1 37 ? -2.598  13.942  18.865  1.00 28.54 ? 37  ASP B OD2 1 
ATOM   1066 N N   . GLY B 1 38 ? 1.906   13.981  16.878  1.00 6.58  ? 38  GLY B N   1 
ATOM   1067 C CA  . GLY B 1 38 ? 3.204   13.740  17.488  1.00 6.58  ? 38  GLY B CA  1 
ATOM   1068 C C   . GLY B 1 38 ? 3.112   12.739  18.624  1.00 6.58  ? 38  GLY B C   1 
ATOM   1069 O O   . GLY B 1 38 ? 4.121   12.368  19.245  1.00 6.58  ? 38  GLY B O   1 
ATOM   1070 N N   . SER B 1 39 ? 1.892   12.298  18.901  1.00 6.58  ? 39  SER B N   1 
ATOM   1071 C CA  . SER B 1 39 ? 1.671   11.334  19.965  1.00 6.58  ? 39  SER B CA  1 
ATOM   1072 C C   . SER B 1 39 ? 2.465   10.077  19.633  1.00 6.58  ? 39  SER B C   1 
ATOM   1073 O O   . SER B 1 39 ? 2.755   9.788   18.469  1.00 6.58  ? 39  SER B O   1 
ATOM   1074 C CB  . SER B 1 39 ? 0.191   10.978  20.079  1.00 6.58  ? 39  SER B CB  1 
ATOM   1075 O OG  . SER B 1 39 ? -0.090  9.797   19.352  1.00 17.56 ? 39  SER B OG  1 
ATOM   1076 N N   . MET B 1 40 ? 2.835   9.348   20.675  1.00 6.58  ? 40  MET B N   1 
ATOM   1077 C CA  . MET B 1 40 ? 3.573   8.112   20.529  1.00 6.58  ? 40  MET B CA  1 
ATOM   1078 C C   . MET B 1 40 ? 2.848   7.075   21.370  1.00 6.58  ? 40  MET B C   1 
ATOM   1079 O O   . MET B 1 40 ? 2.627   7.273   22.568  1.00 6.58  ? 40  MET B O   1 
ATOM   1080 C CB  . MET B 1 40 ? 5.017   8.286   21.013  1.00 6.58  ? 40  MET B CB  1 
ATOM   1081 C CG  . MET B 1 40 ? 5.882   9.160   20.113  1.00 17.56 ? 40  MET B CG  1 
ATOM   1082 S SD  . MET B 1 40 ? 6.150   8.394   18.511  1.00 28.54 ? 40  MET B SD  1 
ATOM   1083 C CE  . MET B 1 40 ? 7.230   7.050   18.968  1.00 39.52 ? 40  MET B CE  1 
ATOM   1084 N N   . ILE B 1 41 ? 2.461   5.981   20.726  1.00 6.58  ? 41  ILE B N   1 
ATOM   1085 C CA  . ILE B 1 41 ? 1.750   4.897   21.384  1.00 6.58  ? 41  ILE B CA  1 
ATOM   1086 C C   . ILE B 1 41 ? 2.491   3.575   21.183  1.00 6.58  ? 41  ILE B C   1 
ATOM   1087 O O   . ILE B 1 41 ? 2.633   3.094   20.062  1.00 6.58  ? 41  ILE B O   1 
ATOM   1088 C CB  . ILE B 1 41 ? 0.295   4.786   20.834  1.00 6.58  ? 41  ILE B CB  1 
ATOM   1089 C CG1 . ILE B 1 41 ? -0.381  3.509   21.344  1.00 17.56 ? 41  ILE B CG1 1 
ATOM   1090 C CG2 . ILE B 1 41 ? 0.317   4.784   19.313  1.00 17.56 ? 41  ILE B CG2 1 
ATOM   1091 C CD1 . ILE B 1 41 ? -0.403  3.366   22.837  1.00 28.54 ? 41  ILE B CD1 1 
ATOM   1092 N N   . ALA B 1 42 ? 2.976   3.003   22.280  1.00 6.58  ? 42  ALA B N   1 
ATOM   1093 C CA  . ALA B 1 42 ? 3.696   1.735   22.235  1.00 6.58  ? 42  ALA B CA  1 
ATOM   1094 C C   . ALA B 1 42 ? 2.921   0.637   22.953  1.00 6.58  ? 42  ALA B C   1 
ATOM   1095 O O   . ALA B 1 42 ? 2.189   0.894   23.920  1.00 6.58  ? 42  ALA B O   1 
ATOM   1096 C CB  . ALA B 1 42 ? 5.073   1.890   22.869  1.00 6.58  ? 42  ALA B CB  1 
ATOM   1097 N N   . GLY B 1 43 ? 3.082   -0.592  22.473  1.00 6.58  ? 43  GLY B N   1 
ATOM   1098 C CA  . GLY B 1 43 ? 2.400   -1.706  23.097  1.00 6.58  ? 43  GLY B CA  1 
ATOM   1099 C C   . GLY B 1 43 ? 2.197   -2.900  22.187  1.00 6.58  ? 43  GLY B C   1 
ATOM   1100 O O   . GLY B 1 43 ? 2.857   -3.043  21.160  1.00 6.58  ? 43  GLY B O   1 
ATOM   1101 N N   . THR B 1 44 ? 1.260   -3.757  22.571  1.00 2.75  ? 44  THR B N   1 
ATOM   1102 C CA  . THR B 1 44 ? 0.937   -4.957  21.821  1.00 2.75  ? 44  THR B CA  1 
ATOM   1103 C C   . THR B 1 44 ? -0.330  -4.785  20.969  1.00 2.75  ? 44  THR B C   1 
ATOM   1104 O O   . THR B 1 44 ? -1.314  -4.207  21.416  1.00 2.75  ? 44  THR B O   1 
ATOM   1105 C CB  . THR B 1 44 ? 0.723   -6.139  22.785  1.00 2.75  ? 44  THR B CB  1 
ATOM   1106 O OG1 . THR B 1 44 ? 1.758   -6.130  23.782  1.00 2.75  ? 44  THR B OG1 1 
ATOM   1107 C CG2 . THR B 1 44 ? 0.756   -7.445  22.037  1.00 2.75  ? 44  THR B CG2 1 
ATOM   1108 N N   . VAL B 1 45 ? -0.296  -5.284  19.741  1.00 2.75  ? 45  VAL B N   1 
ATOM   1109 C CA  . VAL B 1 45 ? -1.460  -5.207  18.857  1.00 2.75  ? 45  VAL B CA  1 
ATOM   1110 C C   . VAL B 1 45 ? -2.455  -6.232  19.401  1.00 2.75  ? 45  VAL B C   1 
ATOM   1111 O O   . VAL B 1 45 ? -2.284  -7.434  19.221  1.00 2.75  ? 45  VAL B O   1 
ATOM   1112 C CB  . VAL B 1 45 ? -1.091  -5.563  17.403  1.00 2.75  ? 45  VAL B CB  1 
ATOM   1113 C CG1 . VAL B 1 45 ? -2.345  -5.566  16.530  1.00 2.75  ? 45  VAL B CG1 1 
ATOM   1114 C CG2 . VAL B 1 45 ? -0.068  -4.548  16.859  1.00 2.75  ? 45  VAL B CG2 1 
ATOM   1115 N N   . ALA B 1 46 ? -3.497  -5.751  20.067  1.00 2.75  ? 46  ALA B N   1 
ATOM   1116 C CA  . ALA B 1 46 ? -4.488  -6.631  20.693  1.00 2.75  ? 46  ALA B CA  1 
ATOM   1117 C C   . ALA B 1 46 ? -5.709  -6.948  19.837  1.00 2.75  ? 46  ALA B C   1 
ATOM   1118 O O   . ALA B 1 46 ? -6.342  -7.988  19.994  1.00 2.75  ? 46  ALA B O   1 
ATOM   1119 C CB  . ALA B 1 46 ? -4.918  -6.031  22.041  1.00 2.75  ? 46  ALA B CB  1 
ATOM   1120 N N   . VAL B 1 47 ? -6.055  -6.027  18.956  1.00 2.75  ? 47  VAL B N   1 
ATOM   1121 C CA  . VAL B 1 47 ? -7.167  -6.215  18.035  1.00 2.75  ? 47  VAL B CA  1 
ATOM   1122 C C   . VAL B 1 47 ? -6.582  -5.648  16.759  1.00 2.75  ? 47  VAL B C   1 
ATOM   1123 O O   . VAL B 1 47 ? -6.274  -4.460  16.701  1.00 2.75  ? 47  VAL B O   1 
ATOM   1124 C CB  . VAL B 1 47 ? -8.431  -5.420  18.467  1.00 2.75  ? 47  VAL B CB  1 
ATOM   1125 C CG1 . VAL B 1 47 ? -9.529  -5.583  17.440  1.00 2.75  ? 47  VAL B CG1 1 
ATOM   1126 C CG2 . VAL B 1 47 ? -8.907  -5.901  19.833  1.00 2.75  ? 47  VAL B CG2 1 
ATOM   1127 N N   . ARG B 1 48 ? -6.398  -6.504  15.757  1.00 6.58  ? 48  ARG B N   1 
ATOM   1128 C CA  . ARG B 1 48 ? -5.800  -6.109  14.485  1.00 6.58  ? 48  ARG B CA  1 
ATOM   1129 C C   . ARG B 1 48 ? -6.649  -5.163  13.671  1.00 6.58  ? 48  ARG B C   1 
ATOM   1130 O O   . ARG B 1 48 ? -7.880  -5.218  13.714  1.00 6.58  ? 48  ARG B O   1 
ATOM   1131 C CB  . ARG B 1 48 ? -5.488  -7.351  13.643  1.00 6.58  ? 48  ARG B CB  1 
ATOM   1132 C CG  . ARG B 1 48 ? -4.176  -8.026  14.009  1.00 17.56 ? 48  ARG B CG  1 
ATOM   1133 C CD  . ARG B 1 48 ? -4.033  -9.381  13.337  1.00 28.54 ? 48  ARG B CD  1 
ATOM   1134 N NE  . ARG B 1 48 ? -5.118  -10.281 13.716  1.00 39.52 ? 48  ARG B NE  1 
ATOM   1135 C CZ  . ARG B 1 48 ? -5.082  -11.602 13.576  1.00 50.50 ? 48  ARG B CZ  1 
ATOM   1136 N NH1 . ARG B 1 48 ? -4.009  -12.186 13.063  1.00 61.48 ? 48  ARG B NH1 1 
ATOM   1137 N NH2 . ARG B 1 48 ? -6.122  -12.337 13.946  1.00 61.48 ? 48  ARG B NH2 1 
ATOM   1138 N N   . PRO B 1 49 ? -5.999  -4.273  12.904  1.00 6.58  ? 49  PRO B N   1 
ATOM   1139 C CA  . PRO B 1 49 ? -6.736  -3.321  12.074  1.00 6.58  ? 49  PRO B CA  1 
ATOM   1140 C C   . PRO B 1 49 ? -7.348  -4.001  10.850  1.00 6.58  ? 49  PRO B C   1 
ATOM   1141 O O   . PRO B 1 49 ? -6.768  -4.935  10.281  1.00 6.58  ? 49  PRO B O   1 
ATOM   1142 C CB  . PRO B 1 49 ? -5.659  -2.304  11.694  1.00 6.58  ? 49  PRO B CB  1 
ATOM   1143 C CG  . PRO B 1 49 ? -4.457  -3.157  11.557  1.00 17.56 ? 49  PRO B CG  1 
ATOM   1144 C CD  . PRO B 1 49 ? -4.546  -4.064  12.770  1.00 28.54 ? 49  PRO B CD  1 
ATOM   1145 N N   . THR B 1 50 ? -8.534  -3.553  10.467  1.00 6.58  ? 50  THR B N   1 
ATOM   1146 C CA  . THR B 1 50 ? -9.204  -4.094  9.295   1.00 6.58  ? 50  THR B CA  1 
ATOM   1147 C C   . THR B 1 50 ? -9.856  -2.902  8.635   1.00 6.58  ? 50  THR B C   1 
ATOM   1148 O O   . THR B 1 50 ? -10.581 -2.167  9.296   1.00 6.58  ? 50  THR B O   1 
ATOM   1149 C CB  . THR B 1 50 ? -10.323 -5.088  9.651   1.00 6.58  ? 50  THR B CB  1 
ATOM   1150 O OG1 . THR B 1 50 ? -11.413 -4.384  10.256  1.00 17.56 ? 50  THR B OG1 1 
ATOM   1151 C CG2 . THR B 1 50 ? -9.811  -6.155  10.609  1.00 17.56 ? 50  THR B CG2 1 
ATOM   1152 N N   . ILE B 1 51 ? -9.620  -2.711  7.345   1.00 6.58  ? 51  ILE B N   1 
ATOM   1153 C CA  . ILE B 1 51 ? -10.219 -1.573  6.664   1.00 6.58  ? 51  ILE B CA  1 
ATOM   1154 C C   . ILE B 1 51 ? -11.708 -1.836  6.463   1.00 6.58  ? 51  ILE B C   1 
ATOM   1155 O O   . ILE B 1 51 ? -12.105 -2.950  6.133   1.00 6.58  ? 51  ILE B O   1 
ATOM   1156 C CB  . ILE B 1 51 ? -9.549  -1.321  5.301   1.00 6.58  ? 51  ILE B CB  1 
ATOM   1157 C CG1 . ILE B 1 51 ? -8.032  -1.179  5.483   1.00 17.56 ? 51  ILE B CG1 1 
ATOM   1158 C CG2 . ILE B 1 51 ? -10.108 -0.041  4.681   1.00 17.56 ? 51  ILE B CG2 1 
ATOM   1159 C CD1 . ILE B 1 51 ? -7.263  -0.989  4.191   1.00 28.54 ? 51  ILE B CD1 1 
ATOM   1160 N N   . GLN B 1 52 ? -12.532 -0.816  6.685   1.00 6.58  ? 52  GLN B N   1 
ATOM   1161 C CA  . GLN B 1 52 ? -13.979 -0.957  6.516   1.00 6.58  ? 52  GLN B CA  1 
ATOM   1162 C C   . GLN B 1 52 ? -14.612 0.305   5.933   1.00 6.58  ? 52  GLN B C   1 
ATOM   1163 O O   . GLN B 1 52 ? -13.944 1.335   5.792   1.00 6.58  ? 52  GLN B O   1 
ATOM   1164 C CB  . GLN B 1 52 ? -14.628 -1.295  7.862   1.00 6.58  ? 52  GLN B CB  1 
ATOM   1165 C CG  . GLN B 1 52 ? -14.339 -2.708  8.356   1.00 17.56 ? 52  GLN B CG  1 
ATOM   1166 C CD  . GLN B 1 52 ? -15.105 -3.051  9.628   1.00 28.54 ? 52  GLN B CD  1 
ATOM   1167 O OE1 . GLN B 1 52 ? -16.333 -2.980  9.662   1.00 39.52 ? 52  GLN B OE1 1 
ATOM   1168 N NE2 . GLN B 1 52 ? -14.382 -3.424  10.675  1.00 39.52 ? 52  GLN B NE2 1 
ATOM   1169 N N   . THR B 1 53 ? -15.893 0.229   5.571   1.00 6.58  ? 53  THR B N   1 
ATOM   1170 C CA  . THR B 1 53 ? -16.580 1.398   5.020   1.00 6.58  ? 53  THR B CA  1 
ATOM   1171 C C   . THR B 1 53 ? -17.286 2.183   6.129   1.00 6.58  ? 53  THR B C   1 
ATOM   1172 O O   . THR B 1 53 ? -17.939 1.607   7.004   1.00 6.58  ? 53  THR B O   1 
ATOM   1173 C CB  . THR B 1 53 ? -17.605 0.995   3.942   1.00 6.58  ? 53  THR B CB  1 
ATOM   1174 O OG1 . THR B 1 53 ? -18.575 0.109   4.510   1.00 17.56 ? 53  THR B OG1 1 
ATOM   1175 C CG2 . THR B 1 53 ? -16.905 0.292   2.775   1.00 17.56 ? 53  THR B CG2 1 
ATOM   1176 N N   . TYR B 1 54 ? -17.128 3.504   6.087   1.00 6.58  ? 54  TYR B N   1 
ATOM   1177 C CA  . TYR B 1 54 ? -17.707 4.413   7.077   1.00 6.58  ? 54  TYR B CA  1 
ATOM   1178 C C   . TYR B 1 54 ? -18.296 5.647   6.401   1.00 6.58  ? 54  TYR B C   1 
ATOM   1179 O O   . TYR B 1 54 ? -18.119 5.863   5.207   1.00 6.58  ? 54  TYR B O   1 
ATOM   1180 C CB  . TYR B 1 54 ? -16.639 4.881   8.066   1.00 6.58  ? 54  TYR B CB  1 
ATOM   1181 C CG  . TYR B 1 54 ? -16.057 3.796   8.938   1.00 17.56 ? 54  TYR B CG  1 
ATOM   1182 C CD1 . TYR B 1 54 ? -16.756 3.307   10.040  1.00 28.54 ? 54  TYR B CD1 1 
ATOM   1183 C CD2 . TYR B 1 54 ? -14.792 3.270   8.670   1.00 28.54 ? 54  TYR B CD2 1 
ATOM   1184 C CE1 . TYR B 1 54 ? -16.206 2.324   10.859  1.00 39.52 ? 54  TYR B CE1 1 
ATOM   1185 C CE2 . TYR B 1 54 ? -14.235 2.288   9.480   1.00 39.52 ? 54  TYR B CE2 1 
ATOM   1186 C CZ  . TYR B 1 54 ? -14.946 1.820   10.573  1.00 50.50 ? 54  TYR B CZ  1 
ATOM   1187 O OH  . TYR B 1 54 ? -14.391 0.853   11.379  1.00 61.48 ? 54  TYR B OH  1 
ATOM   1188 N N   . ARG B 1 55 ? -18.989 6.454   7.192   1.00 2.75  ? 55  ARG B N   1 
ATOM   1189 C CA  . ARG B 1 55 ? -19.618 7.681   6.725   1.00 2.75  ? 55  ARG B CA  1 
ATOM   1190 C C   . ARG B 1 55 ? -19.235 8.747   7.755   1.00 2.75  ? 55  ARG B C   1 
ATOM   1191 O O   . ARG B 1 55 ? -19.111 8.431   8.936   1.00 2.75  ? 55  ARG B O   1 
ATOM   1192 C CB  . ARG B 1 55 ? -21.144 7.510   6.705   1.00 2.75  ? 55  ARG B CB  1 
ATOM   1193 C CG  . ARG B 1 55 ? -21.642 6.366   5.812   1.00 2.75  ? 55  ARG B CG  1 
ATOM   1194 C CD  . ARG B 1 55 ? -23.072 5.938   6.115   1.00 2.75  ? 55  ARG B CD  1 
ATOM   1195 N NE  . ARG B 1 55 ? -24.025 7.041   6.020   1.00 2.75  ? 55  ARG B NE  1 
ATOM   1196 C CZ  . ARG B 1 55 ? -25.324 6.883   5.791   1.00 2.75  ? 55  ARG B CZ  1 
ATOM   1197 N NH1 . ARG B 1 55 ? -25.844 5.668   5.625   1.00 2.75  ? 55  ARG B NH1 1 
ATOM   1198 N NH2 . ARG B 1 55 ? -26.112 7.946   5.724   1.00 2.75  ? 55  ARG B NH2 1 
ATOM   1199 N N   . ASP B 1 56 ? -19.058 9.995   7.322   1.00 2.75  ? 56  ASP B N   1 
ATOM   1200 C CA  . ASP B 1 56 ? -18.701 11.059  8.262   1.00 2.75  ? 56  ASP B CA  1 
ATOM   1201 C C   . ASP B 1 56 ? -19.917 11.945  8.535   1.00 2.75  ? 56  ASP B C   1 
ATOM   1202 O O   . ASP B 1 56 ? -20.991 11.689  8.009   1.00 2.75  ? 56  ASP B O   1 
ATOM   1203 C CB  . ASP B 1 56 ? -17.504 11.880  7.743   1.00 2.75  ? 56  ASP B CB  1 
ATOM   1204 C CG  . ASP B 1 56 ? -17.762 12.539  6.389   1.00 2.75  ? 56  ASP B CG  1 
ATOM   1205 O OD1 . ASP B 1 56 ? -18.920 12.547  5.930   1.00 2.75  ? 56  ASP B OD1 1 
ATOM   1206 O OD2 . ASP B 1 56 ? -16.795 13.051  5.789   1.00 2.75  ? 56  ASP B OD2 1 
ATOM   1207 N N   . GLU B 1 57 ? -19.755 12.968  9.367   1.00 2.75  ? 57  GLU B N   1 
ATOM   1208 C CA  . GLU B 1 57 ? -20.868 13.850  9.707   1.00 2.75  ? 57  GLU B CA  1 
ATOM   1209 C C   . GLU B 1 57 ? -21.451 14.566  8.500   1.00 2.75  ? 57  GLU B C   1 
ATOM   1210 O O   . GLU B 1 57 ? -22.597 15.015  8.529   1.00 2.75  ? 57  GLU B O   1 
ATOM   1211 C CB  . GLU B 1 57 ? -20.439 14.901  10.733  1.00 2.75  ? 57  GLU B CB  1 
ATOM   1212 C CG  . GLU B 1 57 ? -21.627 15.714  11.231  1.00 2.75  ? 57  GLU B CG  1 
ATOM   1213 C CD  . GLU B 1 57 ? -21.230 16.930  12.026  1.00 2.75  ? 57  GLU B CD  1 
ATOM   1214 O OE1 . GLU B 1 57 ? -20.241 17.592  11.639  1.00 2.75  ? 57  GLU B OE1 1 
ATOM   1215 O OE2 . GLU B 1 57 ? -21.925 17.231  13.021  1.00 2.75  ? 57  GLU B OE2 1 
ATOM   1216 N N   . GLN B 1 58 ? -20.648 14.695  7.452   1.00 2.75  ? 58  GLN B N   1 
ATOM   1217 C CA  . GLN B 1 58 ? -21.097 15.356  6.242   1.00 2.75  ? 58  GLN B CA  1 
ATOM   1218 C C   . GLN B 1 58 ? -21.671 14.286  5.308   1.00 2.75  ? 58  GLN B C   1 
ATOM   1219 O O   . GLN B 1 58 ? -21.955 14.540  4.129   1.00 2.75  ? 58  GLN B O   1 
ATOM   1220 C CB  . GLN B 1 58 ? -19.929 16.090  5.581   1.00 2.75  ? 58  GLN B CB  1 
ATOM   1221 C CG  . GLN B 1 58 ? -19.075 16.951  6.549   1.00 2.75  ? 58  GLN B CG  1 
ATOM   1222 C CD  . GLN B 1 58 ? -19.897 17.916  7.406   1.00 2.75  ? 58  GLN B CD  1 
ATOM   1223 O OE1 . GLN B 1 58 ? -20.650 17.496  8.276   1.00 2.75  ? 58  GLN B OE1 1 
ATOM   1224 N NE2 . GLN B 1 58 ? -19.752 19.216  7.151   1.00 2.75  ? 58  GLN B NE2 1 
ATOM   1225 N N   . GLU B 1 59 ? -21.837 13.082  5.847   1.00 2.75  ? 59  GLU B N   1 
ATOM   1226 C CA  . GLU B 1 59 ? -22.401 11.958  5.099   1.00 2.75  ? 59  GLU B CA  1 
ATOM   1227 C C   . GLU B 1 59 ? -21.605 11.426  3.909   1.00 2.75  ? 59  GLU B C   1 
ATOM   1228 O O   . GLU B 1 59 ? -22.172 10.766  3.027   1.00 2.75  ? 59  GLU B O   1 
ATOM   1229 C CB  . GLU B 1 59 ? -23.809 12.316  4.640   1.00 2.75  ? 59  GLU B CB  1 
ATOM   1230 C CG  . GLU B 1 59 ? -24.752 12.580  5.785   1.00 2.75  ? 59  GLU B CG  1 
ATOM   1231 C CD  . GLU B 1 59 ? -25.719 11.441  5.986   1.00 2.75  ? 59  GLU B CD  1 
ATOM   1232 O OE1 . GLU B 1 59 ? -25.275 10.285  6.154   1.00 2.75  ? 59  GLU B OE1 1 
ATOM   1233 O OE2 . GLU B 1 59 ? -26.932 11.707  5.970   1.00 2.75  ? 59  GLU B OE2 1 
ATOM   1234 N N   . ARG B 1 60 ? -20.304 11.719  3.875   1.00 2.75  ? 60  ARG B N   1 
ATOM   1235 C CA  . ARG B 1 60 ? -19.422 11.240  2.810   1.00 2.75  ? 60  ARG B CA  1 
ATOM   1236 C C   . ARG B 1 60 ? -19.053 9.798   3.155   1.00 2.75  ? 60  ARG B C   1 
ATOM   1237 O O   . ARG B 1 60 ? -18.892 9.469   4.332   1.00 2.75  ? 60  ARG B O   1 
ATOM   1238 C CB  . ARG B 1 60 ? -18.142 12.076  2.736   1.00 2.75  ? 60  ARG B CB  1 
ATOM   1239 C CG  . ARG B 1 60 ? -18.197 13.305  1.854   1.00 2.75  ? 60  ARG B CG  1 
ATOM   1240 C CD  . ARG B 1 60 ? -16.842 14.013  1.856   1.00 2.75  ? 60  ARG B CD  1 
ATOM   1241 N NE  . ARG B 1 60 ? -16.759 15.120  0.901   1.00 2.75  ? 60  ARG B NE  1 
ATOM   1242 C CZ  . ARG B 1 60 ? -16.381 15.000  -0.370  1.00 2.75  ? 60  ARG B CZ  1 
ATOM   1243 N NH1 . ARG B 1 60 ? -16.033 13.816  -0.866  1.00 2.75  ? 60  ARG B NH1 1 
ATOM   1244 N NH2 . ARG B 1 60 ? -16.372 16.065  -1.153  1.00 2.75  ? 60  ARG B NH2 1 
ATOM   1245 N N   . GLU B 1 61 ? -18.929 8.951   2.135   1.00 2.75  ? 61  GLU B N   1 
ATOM   1246 C CA  . GLU B 1 61 ? -18.574 7.544   2.342   1.00 2.75  ? 61  GLU B CA  1 
ATOM   1247 C C   . GLU B 1 61 ? -17.124 7.250   1.923   1.00 2.75  ? 61  GLU B C   1 
ATOM   1248 O O   . GLU B 1 61 ? -16.672 7.667   0.849   1.00 2.75  ? 61  GLU B O   1 
ATOM   1249 C CB  . GLU B 1 61 ? -19.536 6.636   1.570   1.00 2.75  ? 61  GLU B CB  1 
ATOM   1250 C CG  . GLU B 1 61 ? -19.202 5.143   1.671   1.00 2.75  ? 61  GLU B CG  1 
ATOM   1251 C CD  . GLU B 1 61 ? -20.263 4.230   1.039   1.00 2.75  ? 61  GLU B CD  1 
ATOM   1252 O OE1 . GLU B 1 61 ? -21.185 3.760   1.761   1.00 2.75  ? 61  GLU B OE1 1 
ATOM   1253 O OE2 . GLU B 1 61 ? -20.174 3.986   -0.186  1.00 2.75  ? 61  GLU B OE2 1 
ATOM   1254 N N   . GLY B 1 62 ? -16.395 6.543   2.783   1.00 2.75  ? 62  GLY B N   1 
ATOM   1255 C CA  . GLY B 1 62 ? -15.006 6.228   2.481   1.00 2.75  ? 62  GLY B CA  1 
ATOM   1256 C C   . GLY B 1 62 ? -14.420 5.127   3.354   1.00 2.75  ? 62  GLY B C   1 
ATOM   1257 O O   . GLY B 1 62 ? -15.130 4.514   4.146   1.00 2.75  ? 62  GLY B O   1 
ATOM   1258 N N   . SER B 1 63 ? -13.121 4.878   3.200   1.00 2.75  ? 63  SER B N   1 
ATOM   1259 C CA  . SER B 1 63 ? -12.415 3.842   3.958   1.00 2.75  ? 63  SER B CA  1 
ATOM   1260 C C   . SER B 1 63 ? -11.643 4.393   5.164   1.00 2.75  ? 63  SER B C   1 
ATOM   1261 O O   . SER B 1 63 ? -11.193 5.544   5.171   1.00 2.75  ? 63  SER B O   1 
ATOM   1262 C CB  . SER B 1 63 ? -11.421 3.111   3.051   1.00 2.75  ? 63  SER B CB  1 
ATOM   1263 O OG  . SER B 1 63 ? -12.037 2.551   1.903   1.00 2.75  ? 63  SER B OG  1 
ATOM   1264 N N   . ASN B 1 64 ? -11.472 3.535   6.166   1.00 2.75  ? 64  ASN B N   1 
ATOM   1265 C CA  . ASN B 1 64 ? -10.747 3.863   7.390   1.00 2.75  ? 64  ASN B CA  1 
ATOM   1266 C C   . ASN B 1 64 ? -10.719 2.564   8.190   1.00 2.75  ? 64  ASN B C   1 
ATOM   1267 O O   . ASN B 1 64 ? -11.126 1.507   7.696   1.00 2.75  ? 64  ASN B O   1 
ATOM   1268 C CB  . ASN B 1 64 ? -11.497 4.935   8.188   1.00 2.75  ? 64  ASN B CB  1 
ATOM   1269 C CG  . ASN B 1 64 ? -10.588 5.741   9.073   1.00 2.75  ? 64  ASN B CG  1 
ATOM   1270 O OD1 . ASN B 1 64 ? -9.524  5.278   9.488   1.00 2.75  ? 64  ASN B OD1 1 
ATOM   1271 N ND2 . ASN B 1 64 ? -11.007 6.965   9.387   1.00 2.75  ? 64  ASN B ND2 1 
ATOM   1272 N N   . GLY B 1 65 ? -10.240 2.626   9.423   1.00 2.75  ? 65  GLY B N   1 
ATOM   1273 C CA  . GLY B 1 65 ? -10.210 1.432   10.244  1.00 2.75  ? 65  GLY B CA  1 
ATOM   1274 C C   . GLY B 1 65 ? -9.708  1.719   11.647  1.00 2.75  ? 65  GLY B C   1 
ATOM   1275 O O   . GLY B 1 65 ? -9.105  2.756   11.893  1.00 2.75  ? 65  GLY B O   1 
ATOM   1276 N N   . GLN B 1 66 ? -9.947  0.794   12.566  1.00 2.75  ? 66  GLN B N   1 
ATOM   1277 C CA  . GLN B 1 66 ? -9.517  0.964   13.950  1.00 2.75  ? 66  GLN B CA  1 
ATOM   1278 C C   . GLN B 1 66 ? -8.775  -0.283  14.434  1.00 2.75  ? 66  GLN B C   1 
ATOM   1279 O O   . GLN B 1 66 ? -9.040  -1.391  13.965  1.00 6.58  ? 66  GLN B O   1 
ATOM   1280 C CB  . GLN B 1 66 ? -10.744 1.199   14.851  1.00 2.75  ? 66  GLN B CB  1 
ATOM   1281 C CG  . GLN B 1 66 ? -11.796 2.138   14.259  1.00 2.75  ? 66  GLN B CG  1 
ATOM   1282 C CD  . GLN B 1 66 ? -13.111 2.192   15.056  1.00 2.75  ? 66  GLN B CD  1 
ATOM   1283 O OE1 . GLN B 1 66 ? -13.169 2.704   16.179  1.00 2.75  ? 66  GLN B OE1 1 
ATOM   1284 N NE2 . GLN B 1 66 ? -14.175 1.674   14.458  1.00 2.75  ? 66  GLN B NE2 1 
ATOM   1285 N N   . LEU B 1 67 ? -7.834  -0.092  15.358  1.00 2.75  ? 67  LEU B N   1 
ATOM   1286 C CA  . LEU B 1 67 ? -7.091  -1.207  15.957  1.00 2.75  ? 67  LEU B CA  1 
ATOM   1287 C C   . LEU B 1 67 ? -6.992  -0.860  17.436  1.00 2.75  ? 67  LEU B C   1 
ATOM   1288 O O   . LEU B 1 67 ? -7.123  0.310   17.817  1.00 6.58  ? 67  LEU B O   1 
ATOM   1289 C CB  . LEU B 1 67 ? -5.677  -1.361  15.367  1.00 2.75  ? 67  LEU B CB  1 
ATOM   1290 C CG  . LEU B 1 67 ? -4.585  -0.372  15.813  1.00 2.75  ? 67  LEU B CG  1 
ATOM   1291 C CD1 . LEU B 1 67 ? -3.261  -1.091  16.082  1.00 2.75  ? 67  LEU B CD1 1 
ATOM   1292 C CD2 . LEU B 1 67 ? -4.404  0.686   14.735  1.00 2.75  ? 67  LEU B CD2 1 
ATOM   1293 N N   . ARG B 1 68 ? -6.795  -1.865  18.279  1.00 2.75  ? 68  ARG B N   1 
ATOM   1294 C CA  . ARG B 1 68 ? -6.669  -1.597  19.704  1.00 2.75  ? 68  ARG B CA  1 
ATOM   1295 C C   . ARG B 1 68 ? -5.269  -2.005  20.108  1.00 2.75  ? 68  ARG B C   1 
ATOM   1296 O O   . ARG B 1 68 ? -4.807  -3.100  19.768  1.00 6.58  ? 68  ARG B O   1 
ATOM   1297 C CB  . ARG B 1 68 ? -7.689  -2.390  20.525  1.00 2.75  ? 68  ARG B CB  1 
ATOM   1298 C CG  . ARG B 1 68 ? -7.915  -1.841  21.950  1.00 2.75  ? 68  ARG B CG  1 
ATOM   1299 C CD  . ARG B 1 68 ? -8.771  -2.777  22.801  1.00 2.75  ? 68  ARG B CD  1 
ATOM   1300 N NE  . ARG B 1 68 ? -8.027  -3.915  23.337  1.00 2.75  ? 68  ARG B NE  1 
ATOM   1301 C CZ  . ARG B 1 68 ? -8.590  -5.069  23.682  1.00 2.75  ? 68  ARG B CZ  1 
ATOM   1302 N NH1 . ARG B 1 68 ? -9.899  -5.230  23.540  1.00 2.75  ? 68  ARG B NH1 1 
ATOM   1303 N NH2 . ARG B 1 68 ? -7.848  -6.063  24.165  1.00 2.75  ? 68  ARG B NH2 1 
ATOM   1304 N N   . ILE B 1 69 ? -4.582  -1.098  20.792  1.00 2.75  ? 69  ILE B N   1 
ATOM   1305 C CA  . ILE B 1 69 ? -3.245  -1.367  21.279  1.00 2.75  ? 69  ILE B CA  1 
ATOM   1306 C C   . ILE B 1 69 ? -3.335  -1.339  22.799  1.00 2.75  ? 69  ILE B C   1 
ATOM   1307 O O   . ILE B 1 69 ? -3.827  -0.373  23.385  1.00 6.58  ? 69  ILE B O   1 
ATOM   1308 C CB  . ILE B 1 69 ? -2.225  -0.299  20.795  1.00 2.75  ? 69  ILE B CB  1 
ATOM   1309 C CG1 . ILE B 1 69 ? -0.824  -0.635  21.323  1.00 2.75  ? 69  ILE B CG1 1 
ATOM   1310 C CG2 . ILE B 1 69 ? -2.622  1.083   21.304  1.00 2.75  ? 69  ILE B CG2 1 
ATOM   1311 C CD1 . ILE B 1 69 ? 0.271   0.202   20.687  1.00 2.75  ? 69  ILE B CD1 1 
ATOM   1312 N N   . ASP B 1 70 ? -2.884  -2.414  23.438  1.00 2.75  ? 70  ASP B N   1 
ATOM   1313 C CA  . ASP B 1 70 ? -2.900  -2.492  24.891  1.00 2.75  ? 70  ASP B CA  1 
ATOM   1314 C C   . ASP B 1 70 ? -1.522  -2.051  25.362  1.00 2.75  ? 70  ASP B C   1 
ATOM   1315 O O   . ASP B 1 70 ? -0.505  -2.621  24.957  1.00 6.58  ? 70  ASP B O   1 
ATOM   1316 C CB  . ASP B 1 70 ? -3.198  -3.927  25.353  1.00 2.75  ? 70  ASP B CB  1 
ATOM   1317 C CG  . ASP B 1 70 ? -4.653  -4.335  25.111  1.00 2.75  ? 70  ASP B CG  1 
ATOM   1318 O OD1 . ASP B 1 70 ? -5.001  -5.503  25.380  1.00 2.75  ? 70  ASP B OD1 1 
ATOM   1319 O OD2 . ASP B 1 70 ? -5.455  -3.487  24.669  1.00 2.75  ? 70  ASP B OD2 1 
ATOM   1320 N N   . HIS B 1 71 ? -1.487  -1.025  26.205  1.00 6.58  ? 71  HIS B N   1 
ATOM   1321 C CA  . HIS B 1 71 ? -0.219  -0.493  26.693  1.00 6.58  ? 71  HIS B CA  1 
ATOM   1322 C C   . HIS B 1 71 ? 0.609   -1.525  27.441  1.00 6.58  ? 71  HIS B C   1 
ATOM   1323 O O   . HIS B 1 71 ? 0.116   -2.587  27.811  1.00 6.58  ? 71  HIS B O   1 
ATOM   1324 C CB  . HIS B 1 71 ? -0.468  0.730   27.570  1.00 6.58  ? 71  HIS B CB  1 
ATOM   1325 C CG  . HIS B 1 71 ? -0.964  1.925   26.813  1.00 17.56 ? 71  HIS B CG  1 
ATOM   1326 N ND1 . HIS B 1 71 ? -0.197  3.053   26.620  1.00 28.54 ? 71  HIS B ND1 1 
ATOM   1327 C CD2 . HIS B 1 71 ? -2.149  2.169   26.206  1.00 28.54 ? 71  HIS B CD2 1 
ATOM   1328 C CE1 . HIS B 1 71 ? -0.888  3.942   25.929  1.00 39.52 ? 71  HIS B CE1 1 
ATOM   1329 N NE2 . HIS B 1 71 ? -2.076  3.430   25.665  1.00 39.52 ? 71  HIS B NE2 1 
ATOM   1330 N N   . LEU B 1 72 ? 1.875   -1.193  27.672  1.00 6.58  ? 72  LEU B N   1 
ATOM   1331 C CA  . LEU B 1 72 ? 2.799   -2.099  28.335  1.00 6.58  ? 72  LEU B CA  1 
ATOM   1332 C C   . LEU B 1 72 ? 2.842   -2.016  29.857  1.00 6.58  ? 72  LEU B C   1 
ATOM   1333 O O   . LEU B 1 72 ? 3.797   -2.482  30.489  1.00 6.58  ? 72  LEU B O   1 
ATOM   1334 C CB  . LEU B 1 72 ? 4.203   -1.898  27.746  1.00 6.58  ? 72  LEU B CB  1 
ATOM   1335 C CG  . LEU B 1 72 ? 4.253   -2.068  26.220  1.00 17.56 ? 72  LEU B CG  1 
ATOM   1336 C CD1 . LEU B 1 72 ? 5.585   -1.591  25.673  1.00 28.54 ? 72  LEU B CD1 1 
ATOM   1337 C CD2 . LEU B 1 72 ? 4.013   -3.525  25.861  1.00 28.54 ? 72  LEU B CD2 1 
ATOM   1338 N N   . ASP B 1 73 ? 1.805   -1.439  30.454  1.00 6.58  ? 73  ASP B N   1 
ATOM   1339 C CA  . ASP B 1 73 ? 1.749   -1.334  31.906  1.00 6.58  ? 73  ASP B CA  1 
ATOM   1340 C C   . ASP B 1 73 ? 1.111   -2.601  32.462  1.00 6.58  ? 73  ASP B C   1 
ATOM   1341 O O   . ASP B 1 73 ? 0.520   -3.392  31.718  1.00 6.58  ? 73  ASP B O   1 
ATOM   1342 C CB  . ASP B 1 73 ? 0.961   -0.087  32.357  1.00 6.58  ? 73  ASP B CB  1 
ATOM   1343 C CG  . ASP B 1 73 ? -0.502  -0.128  31.952  1.00 17.56 ? 73  ASP B CG  1 
ATOM   1344 O OD1 . ASP B 1 73 ? -0.800  0.031   30.751  1.00 28.54 ? 73  ASP B OD1 1 
ATOM   1345 O OD2 . ASP B 1 73 ? -1.353  -0.321  32.844  1.00 28.54 ? 73  ASP B OD2 1 
ATOM   1346 N N   . ALA B 1 74 ? 1.242   -2.795  33.769  1.00 6.58  ? 74  ALA B N   1 
ATOM   1347 C CA  . ALA B 1 74 ? 0.708   -3.985  34.439  1.00 6.58  ? 74  ALA B CA  1 
ATOM   1348 C C   . ALA B 1 74 ? -0.758  -4.296  34.142  1.00 6.58  ? 74  ALA B C   1 
ATOM   1349 O O   . ALA B 1 74 ? -1.126  -5.464  33.973  1.00 6.58  ? 74  ALA B O   1 
ATOM   1350 C CB  . ALA B 1 74 ? 0.921   -3.857  35.953  1.00 6.58  ? 74  ALA B CB  1 
ATOM   1351 N N   . SER B 1 75 ? -1.600  -3.267  34.084  1.00 6.58  ? 75  SER B N   1 
ATOM   1352 C CA  . SER B 1 75 ? -3.022  -3.493  33.825  1.00 6.58  ? 75  SER B CA  1 
ATOM   1353 C C   . SER B 1 75 ? -3.393  -3.313  32.350  1.00 6.58  ? 75  SER B C   1 
ATOM   1354 O O   . SER B 1 75 ? -4.567  -3.174  32.012  1.00 6.58  ? 75  SER B O   1 
ATOM   1355 C CB  . SER B 1 75 ? -3.879  -2.577  34.711  1.00 6.58  ? 75  SER B CB  1 
ATOM   1356 O OG  . SER B 1 75 ? -3.619  -2.822  36.086  1.00 17.56 ? 75  SER B OG  1 
ATOM   1357 N N   . GLN B 1 76 ? -2.376  -3.339  31.489  1.00 6.58  ? 76  GLN B N   1 
ATOM   1358 C CA  . GLN B 1 76 ? -2.530  -3.215  30.031  1.00 6.58  ? 76  GLN B CA  1 
ATOM   1359 C C   . GLN B 1 76 ? -3.654  -2.297  29.558  1.00 6.58  ? 76  GLN B C   1 
ATOM   1360 O O   . GLN B 1 76 ? -4.631  -2.748  28.966  1.00 6.58  ? 76  GLN B O   1 
ATOM   1361 C CB  . GLN B 1 76 ? -2.711  -4.607  29.409  1.00 6.58  ? 76  GLN B CB  1 
ATOM   1362 C CG  . GLN B 1 76 ? -1.470  -5.498  29.519  1.00 17.56 ? 76  GLN B CG  1 
ATOM   1363 C CD  . GLN B 1 76 ? -1.682  -6.881  28.938  1.00 28.54 ? 76  GLN B CD  1 
ATOM   1364 O OE1 . GLN B 1 76 ? -2.422  -7.693  29.491  1.00 39.52 ? 76  GLN B OE1 1 
ATOM   1365 N NE2 . GLN B 1 76 ? -1.033  -7.155  27.814  1.00 39.52 ? 76  GLN B NE2 1 
ATOM   1366 N N   . GLU B 1 77 ? -3.493  -1.001  29.807  1.00 6.58  ? 77  GLU B N   1 
ATOM   1367 C CA  . GLU B 1 77 ? -4.495  -0.017  29.427  1.00 6.58  ? 77  GLU B CA  1 
ATOM   1368 C C   . GLU B 1 77 ? -4.851  -0.126  27.955  1.00 6.58  ? 77  GLU B C   1 
ATOM   1369 O O   . GLU B 1 77 ? -3.975  -0.052  27.099  1.00 6.58  ? 77  GLU B O   1 
ATOM   1370 C CB  . GLU B 1 77 ? -3.982  1.391   29.730  1.00 6.58  ? 77  GLU B CB  1 
ATOM   1371 C CG  . GLU B 1 77 ? -4.992  2.481   29.450  1.00 17.56 ? 77  GLU B CG  1 
ATOM   1372 C CD  . GLU B 1 77 ? -4.603  3.807   30.070  1.00 28.54 ? 77  GLU B CD  1 
ATOM   1373 O OE1 . GLU B 1 77 ? -4.554  3.886   31.315  1.00 39.52 ? 77  GLU B OE1 1 
ATOM   1374 O OE2 . GLU B 1 77 ? -4.349  4.767   29.312  1.00 39.52 ? 77  GLU B OE2 1 
ATOM   1375 N N   . PRO B 1 78 ? -6.148  -0.305  27.646  1.00 6.58  ? 78  PRO B N   1 
ATOM   1376 C CA  . PRO B 1 78 ? -6.635  -0.427  26.270  1.00 6.58  ? 78  PRO B CA  1 
ATOM   1377 C C   . PRO B 1 78 ? -6.795  0.922   25.583  1.00 6.58  ? 78  PRO B C   1 
ATOM   1378 O O   . PRO B 1 78 ? -7.308  1.874   26.180  1.00 6.58  ? 78  PRO B O   1 
ATOM   1379 C CB  . PRO B 1 78 ? -7.973  -1.133  26.447  1.00 6.58  ? 78  PRO B CB  1 
ATOM   1380 C CG  . PRO B 1 78 ? -8.471  -0.517  27.709  1.00 17.56 ? 78  PRO B CG  1 
ATOM   1381 C CD  . PRO B 1 78 ? -7.244  -0.538  28.604  1.00 28.54 ? 78  PRO B CD  1 
ATOM   1382 N N   . GLN B 1 79 ? -6.347  1.001   24.333  1.00 2.75  ? 79  GLN B N   1 
ATOM   1383 C CA  . GLN B 1 79 ? -6.464  2.236   23.564  1.00 2.75  ? 79  GLN B CA  1 
ATOM   1384 C C   . GLN B 1 79 ? -6.790  1.968   22.109  1.00 2.75  ? 79  GLN B C   1 
ATOM   1385 O O   . GLN B 1 79 ? -6.002  1.354   21.384  1.00 2.75  ? 79  GLN B O   1 
ATOM   1386 C CB  . GLN B 1 79 ? -5.171  3.069   23.648  1.00 2.75  ? 79  GLN B CB  1 
ATOM   1387 C CG  . GLN B 1 79 ? -5.181  4.335   22.770  1.00 2.75  ? 79  GLN B CG  1 
ATOM   1388 C CD  . GLN B 1 79 ? -4.085  5.322   23.140  1.00 2.75  ? 79  GLN B CD  1 
ATOM   1389 O OE1 . GLN B 1 79 ? -2.971  4.929   23.496  1.00 2.75  ? 79  GLN B OE1 1 
ATOM   1390 N NE2 . GLN B 1 79 ? -4.394  6.619   23.044  1.00 2.75  ? 79  GLN B NE2 1 
ATOM   1391 N N   . TRP B 1 80 ? -7.965  2.433   21.693  1.00 6.58  ? 80  TRP B N   1 
ATOM   1392 C CA  . TRP B 1 80 ? -8.398  2.280   20.315  1.00 6.58  ? 80  TRP B CA  1 
ATOM   1393 C C   . TRP B 1 80 ? -7.901  3.498   19.554  1.00 6.58  ? 80  TRP B C   1 
ATOM   1394 O O   . TRP B 1 80 ? -7.926  4.618   20.076  1.00 6.58  ? 80  TRP B O   1 
ATOM   1395 C CB  . TRP B 1 80 ? -9.926  2.194   20.232  1.00 6.58  ? 80  TRP B CB  1 
ATOM   1396 C CG  . TRP B 1 80 ? -10.493 0.976   20.910  1.00 17.56 ? 80  TRP B CG  1 
ATOM   1397 C CD1 . TRP B 1 80 ? -10.720 0.811   22.246  1.00 28.54 ? 80  TRP B CD1 1 
ATOM   1398 C CD2 . TRP B 1 80 ? -10.868 -0.260  20.286  1.00 28.54 ? 80  TRP B CD2 1 
ATOM   1399 N NE1 . TRP B 1 80 ? -11.211 -0.450  22.495  1.00 39.52 ? 80  TRP B NE1 1 
ATOM   1400 C CE2 . TRP B 1 80 ? -11.311 -1.128  21.309  1.00 39.52 ? 80  TRP B CE2 1 
ATOM   1401 C CE3 . TRP B 1 80 ? -10.871 -0.720  18.961  1.00 39.52 ? 80  TRP B CE3 1 
ATOM   1402 C CZ2 . TRP B 1 80 ? -11.753 -2.431  21.050  1.00 50.50 ? 80  TRP B CZ2 1 
ATOM   1403 C CZ3 . TRP B 1 80 ? -11.310 -2.018  18.705  1.00 50.50 ? 80  TRP B CZ3 1 
ATOM   1404 C CH2 . TRP B 1 80 ? -11.745 -2.857  19.747  1.00 61.48 ? 80  TRP B CH2 1 
ATOM   1405 N N   . ILE B 1 81 ? -7.430  3.270   18.332  1.00 6.58  ? 81  ILE B N   1 
ATOM   1406 C CA  . ILE B 1 81 ? -6.919  4.342   17.490  1.00 6.58  ? 81  ILE B CA  1 
ATOM   1407 C C   . ILE B 1 81 ? -7.475  4.214   16.060  1.00 6.58  ? 81  ILE B C   1 
ATOM   1408 O O   . ILE B 1 81 ? -7.810  3.120   15.615  1.00 6.58  ? 81  ILE B O   1 
ATOM   1409 C CB  . ILE B 1 81 ? -5.376  4.284   17.426  1.00 6.58  ? 81  ILE B CB  1 
ATOM   1410 C CG1 . ILE B 1 81 ? -4.796  4.313   18.839  1.00 17.56 ? 81  ILE B CG1 1 
ATOM   1411 C CG2 . ILE B 1 81 ? -4.837  5.459   16.615  1.00 17.56 ? 81  ILE B CG2 1 
ATOM   1412 C CD1 . ILE B 1 81 ? -3.283  4.253   18.887  1.00 28.54 ? 81  ILE B CD1 1 
ATOM   1413 N N   . TRP B 1 82 ? -7.575  5.338   15.359  1.00 6.58  ? 82  TRP B N   1 
ATOM   1414 C CA  . TRP B 1 82 ? -8.042  5.357   13.982  1.00 6.58  ? 82  TRP B CA  1 
ATOM   1415 C C   . TRP B 1 82 ? -6.801  5.314   13.088  1.00 6.58  ? 82  TRP B C   1 
ATOM   1416 O O   . TRP B 1 82 ? -5.846  6.053   13.322  1.00 6.58  ? 82  TRP B O   1 
ATOM   1417 C CB  . TRP B 1 82 ? -8.841  6.636   13.692  1.00 6.58  ? 82  TRP B CB  1 
ATOM   1418 C CG  . TRP B 1 82 ? -10.219 6.648   14.292  1.00 17.56 ? 82  TRP B CG  1 
ATOM   1419 C CD1 . TRP B 1 82 ? -10.593 7.197   15.482  1.00 28.54 ? 82  TRP B CD1 1 
ATOM   1420 C CD2 . TRP B 1 82 ? -11.401 6.076   13.723  1.00 28.54 ? 82  TRP B CD2 1 
ATOM   1421 N NE1 . TRP B 1 82 ? -11.939 7.007   15.690  1.00 39.52 ? 82  TRP B NE1 1 
ATOM   1422 C CE2 . TRP B 1 82 ? -12.460 6.321   14.626  1.00 39.52 ? 82  TRP B CE2 1 
ATOM   1423 C CE3 . TRP B 1 82 ? -11.671 5.380   12.535  1.00 39.52 ? 82  TRP B CE3 1 
ATOM   1424 C CZ2 . TRP B 1 82 ? -13.771 5.894   14.381  1.00 50.50 ? 82  TRP B CZ2 1 
ATOM   1425 C CZ3 . TRP B 1 82 ? -12.976 4.955   12.290  1.00 50.50 ? 82  TRP B CZ3 1 
ATOM   1426 C CH2 . TRP B 1 82 ? -14.009 5.215   13.211  1.00 61.48 ? 82  TRP B CH2 1 
ATOM   1427 N N   . MET B 1 83 ? -6.831  4.470   12.057  1.00 6.58  ? 83  MET B N   1 
ATOM   1428 C CA  . MET B 1 83 ? -5.696  4.315   11.149  1.00 6.58  ? 83  MET B CA  1 
ATOM   1429 C C   . MET B 1 83 ? -5.238  5.556   10.396  1.00 6.58  ? 83  MET B C   1 
ATOM   1430 O O   . MET B 1 83 ? -4.052  5.701   10.106  1.00 6.58  ? 83  MET B O   1 
ATOM   1431 C CB  . MET B 1 83 ? -5.972  3.209   10.128  1.00 6.58  ? 83  MET B CB  1 
ATOM   1432 C CG  . MET B 1 83 ? -5.847  1.789   10.669  1.00 17.56 ? 83  MET B CG  1 
ATOM   1433 S SD  . MET B 1 83 ? -5.618  0.566   9.340   1.00 28.54 ? 83  MET B SD  1 
ATOM   1434 C CE  . MET B 1 83 ? -3.999  0.025   9.689   1.00 39.52 ? 83  MET B CE  1 
ATOM   1435 N N   . ASP B 1 84 ? -6.163  6.454   10.076  1.00 6.58  ? 84  ASP B N   1 
ATOM   1436 C CA  . ASP B 1 84 ? -5.785  7.651   9.339   1.00 6.58  ? 84  ASP B CA  1 
ATOM   1437 C C   . ASP B 1 84 ? -4.825  8.537   10.128  1.00 6.58  ? 84  ASP B C   1 
ATOM   1438 O O   . ASP B 1 84 ? -4.077  9.325   9.558   1.00 6.58  ? 84  ASP B O   1 
ATOM   1439 C CB  . ASP B 1 84 ? -7.033  8.439   8.938   1.00 6.58  ? 84  ASP B CB  1 
ATOM   1440 C CG  . ASP B 1 84 ? -7.837  8.915   10.127  1.00 17.56 ? 84  ASP B CG  1 
ATOM   1441 O OD1 . ASP B 1 84 ? -8.258  8.071   10.939  1.00 28.54 ? 84  ASP B OD1 1 
ATOM   1442 O OD2 . ASP B 1 84 ? -8.053  10.140  10.237  1.00 28.54 ? 84  ASP B OD2 1 
ATOM   1443 N N   . ARG B 1 85 ? -4.822  8.374   11.444  1.00 6.58  ? 85  ARG B N   1 
ATOM   1444 C CA  . ARG B 1 85 ? -3.964  9.161   12.316  1.00 6.58  ? 85  ARG B CA  1 
ATOM   1445 C C   . ARG B 1 85 ? -2.499  8.725   12.338  1.00 6.58  ? 85  ARG B C   1 
ATOM   1446 O O   . ARG B 1 85 ? -1.652  9.448   12.856  1.00 6.58  ? 85  ARG B O   1 
ATOM   1447 C CB  . ARG B 1 85 ? -4.519  9.106   13.744  1.00 6.58  ? 85  ARG B CB  1 
ATOM   1448 C CG  . ARG B 1 85 ? -5.959  9.578   13.854  1.00 17.56 ? 85  ARG B CG  1 
ATOM   1449 C CD  . ARG B 1 85 ? -6.117  10.968  13.261  1.00 28.54 ? 85  ARG B CD  1 
ATOM   1450 N NE  . ARG B 1 85 ? -7.473  11.487  13.410  1.00 39.52 ? 85  ARG B NE  1 
ATOM   1451 C CZ  . ARG B 1 85 ? -8.040  11.780  14.577  1.00 50.50 ? 85  ARG B CZ  1 
ATOM   1452 N NH1 . ARG B 1 85 ? -7.369  11.607  15.709  1.00 61.48 ? 85  ARG B NH1 1 
ATOM   1453 N NH2 . ARG B 1 85 ? -9.281  12.246  14.613  1.00 61.48 ? 85  ARG B NH2 1 
ATOM   1454 N N   . ILE B 1 86 ? -2.201  7.564   11.762  1.00 2.75  ? 86  ILE B N   1 
ATOM   1455 C CA  . ILE B 1 86 ? -0.844  7.020   11.792  1.00 2.75  ? 86  ILE B CA  1 
ATOM   1456 C C   . ILE B 1 86 ? 0.125   7.512   10.727  1.00 2.75  ? 86  ILE B C   1 
ATOM   1457 O O   . ILE B 1 86 ? -0.191  7.509   9.543   1.00 6.58  ? 86  ILE B O   1 
ATOM   1458 C CB  . ILE B 1 86 ? -0.887  5.490   11.711  1.00 2.75  ? 86  ILE B CB  1 
ATOM   1459 C CG1 . ILE B 1 86 ? -1.810  4.943   12.802  1.00 2.75  ? 86  ILE B CG1 1 
ATOM   1460 C CG2 . ILE B 1 86 ? 0.523   4.909   11.832  1.00 2.75  ? 86  ILE B CG2 1 
ATOM   1461 C CD1 . ILE B 1 86 ? -2.151  3.490   12.626  1.00 2.75  ? 86  ILE B CD1 1 
ATOM   1462 N N   . VAL B 1 87 ? 1.316   7.918   11.152  1.00 6.58  ? 87  VAL B N   1 
ATOM   1463 C CA  . VAL B 1 87 ? 2.317   8.387   10.203  1.00 6.58  ? 87  VAL B CA  1 
ATOM   1464 C C   . VAL B 1 87 ? 3.548   7.475   10.151  1.00 6.58  ? 87  VAL B C   1 
ATOM   1465 O O   . VAL B 1 87 ? 4.393   7.615   9.263   1.00 6.58  ? 87  VAL B O   1 
ATOM   1466 C CB  . VAL B 1 87 ? 2.760   9.837   10.520  1.00 6.58  ? 87  VAL B CB  1 
ATOM   1467 C CG1 . VAL B 1 87 ? 1.562   10.761  10.437  1.00 17.56 ? 87  VAL B CG1 1 
ATOM   1468 C CG2 . VAL B 1 87 ? 3.386   9.909   11.911  1.00 17.56 ? 87  VAL B CG2 1 
ATOM   1469 N N   . ALA B 1 88 ? 3.650   6.541   11.097  1.00 6.58  ? 88  ALA B N   1 
ATOM   1470 C CA  . ALA B 1 88 ? 4.773   5.612   11.126  1.00 6.58  ? 88  ALA B CA  1 
ATOM   1471 C C   . ALA B 1 88 ? 4.559   4.472   12.125  1.00 6.58  ? 88  ALA B C   1 
ATOM   1472 O O   . ALA B 1 88 ? 3.769   4.584   13.072  1.00 6.58  ? 88  ALA B O   1 
ATOM   1473 C CB  . ALA B 1 88 ? 6.065   6.353   11.457  1.00 6.58  ? 88  ALA B CB  1 
ATOM   1474 N N   . VAL B 1 89 ? 5.282   3.378   11.907  1.00 6.58  ? 89  VAL B N   1 
ATOM   1475 C CA  . VAL B 1 89 ? 5.203   2.200   12.768  1.00 6.58  ? 89  VAL B CA  1 
ATOM   1476 C C   . VAL B 1 89 ? 6.567   1.499   12.795  1.00 6.58  ? 89  VAL B C   1 
ATOM   1477 O O   . VAL B 1 89 ? 6.993   0.919   11.803  1.00 6.58  ? 89  VAL B O   1 
ATOM   1478 C CB  . VAL B 1 89 ? 4.138   1.193   12.255  1.00 6.58  ? 89  VAL B CB  1 
ATOM   1479 C CG1 . VAL B 1 89 ? 4.074   -0.016  13.180  1.00 17.56 ? 89  VAL B CG1 1 
ATOM   1480 C CG2 . VAL B 1 89 ? 2.777   1.870   12.167  1.00 17.56 ? 89  VAL B CG2 1 
ATOM   1481 N N   . HIS B 1 90 ? 7.257   1.573   13.926  1.00 6.58  ? 90  HIS B N   1 
ATOM   1482 C CA  . HIS B 1 90 ? 8.564   0.929   14.063  1.00 6.58  ? 90  HIS B CA  1 
ATOM   1483 C C   . HIS B 1 90 ? 8.441   -0.196  15.102  1.00 6.58  ? 90  HIS B C   1 
ATOM   1484 O O   . HIS B 1 90 ? 7.581   -0.141  15.974  1.00 6.58  ? 90  HIS B O   1 
ATOM   1485 C CB  . HIS B 1 90 ? 9.609   1.956   14.511  1.00 6.58  ? 90  HIS B CB  1 
ATOM   1486 C CG  . HIS B 1 90 ? 9.348   3.349   14.018  1.00 17.56 ? 90  HIS B CG  1 
ATOM   1487 N ND1 . HIS B 1 90 ? 8.316   4.127   14.497  1.00 28.54 ? 90  HIS B ND1 1 
ATOM   1488 C CD2 . HIS B 1 90 ? 9.991   4.105   13.096  1.00 28.54 ? 90  HIS B CD2 1 
ATOM   1489 C CE1 . HIS B 1 90 ? 8.335   5.301   13.892  1.00 39.52 ? 90  HIS B CE1 1 
ATOM   1490 N NE2 . HIS B 1 90 ? 9.341   5.314   13.036  1.00 39.52 ? 90  HIS B NE2 1 
ATOM   1491 N N   . PRO B 1 91 ? 9.293   -1.231  15.019  1.00 6.58  ? 91  PRO B N   1 
ATOM   1492 C CA  . PRO B 1 91 ? 9.237   -2.347  15.973  1.00 6.58  ? 91  PRO B CA  1 
ATOM   1493 C C   . PRO B 1 91 ? 9.175   -1.972  17.461  1.00 6.58  ? 91  PRO B C   1 
ATOM   1494 O O   . PRO B 1 91 ? 8.744   -0.879  17.845  1.00 6.58  ? 91  PRO B O   1 
ATOM   1495 C CB  . PRO B 1 91 ? 10.493  -3.145  15.643  1.00 6.58  ? 91  PRO B CB  1 
ATOM   1496 C CG  . PRO B 1 91 ? 10.623  -2.939  14.161  1.00 17.56 ? 91  PRO B CG  1 
ATOM   1497 C CD  . PRO B 1 91 ? 10.345  -1.452  14.013  1.00 28.54 ? 91  PRO B CD  1 
ATOM   1498 N N   . MET B 1 92 ? 9.599   -2.918  18.286  1.00 6.58  ? 92  MET B N   1 
ATOM   1499 C CA  . MET B 1 92 ? 9.636   -2.790  19.743  1.00 6.58  ? 92  MET B CA  1 
ATOM   1500 C C   . MET B 1 92 ? 10.593  -3.817  20.337  1.00 6.58  ? 92  MET B C   1 
ATOM   1501 O O   . MET B 1 92 ? 11.294  -3.518  21.311  1.00 6.58  ? 92  MET B O   1 
ATOM   1502 C CB  . MET B 1 92 ? 8.254   -3.018  20.352  1.00 6.58  ? 92  MET B CB  1 
ATOM   1503 C CG  . MET B 1 92 ? 7.425   -1.764  20.511  1.00 17.56 ? 92  MET B CG  1 
ATOM   1504 S SD  . MET B 1 92 ? 8.213   -0.552  21.597  1.00 28.54 ? 92  MET B SD  1 
ATOM   1505 C CE  . MET B 1 92 ? 7.944   -1.287  23.214  1.00 39.52 ? 92  MET B CE  1 
ATOM   1506 N N   . PRO B 1 93 ? 10.630  -5.044  19.761  1.00 1.02  ? 93  PRO B N   1 
ATOM   1507 C CA  . PRO B 1 93 ? 11.493  -6.143  20.219  1.00 1.02  ? 93  PRO B CA  1 
ATOM   1508 C C   . PRO B 1 93 ? 12.805  -5.749  20.904  1.00 1.02  ? 93  PRO B C   1 
ATOM   1509 O O   . PRO B 1 93 ? 12.908  -5.957  22.138  1.00 1.02  ? 93  PRO B O   1 
ATOM   1510 C CB  . PRO B 1 93 ? 11.732  -6.931  18.943  1.00 1.02  ? 93  PRO B CB  1 
ATOM   1511 C CG  . PRO B 1 93 ? 10.406  -6.843  18.269  1.00 1.02  ? 93  PRO B CG  1 
ATOM   1512 C CD  . PRO B 1 93 ? 10.040  -5.379  18.447  1.00 1.02  ? 93  PRO B CD  1 
HETATM 1513 O O   . HOH C 2 .  ? 28.630  -1.137  -10.705 1.00 1.02  ? 102 HOH A O   1 
HETATM 1514 O O   . HOH C 2 .  ? 3.871   -9.065  -15.300 1.00 2.13  ? 103 HOH A O   1 
HETATM 1515 O O   . HOH C 2 .  ? 2.667   -11.087 -6.524  1.00 2.13  ? 104 HOH A O   1 
HETATM 1516 O O   . HOH C 2 .  ? -1.786  3.220   -24.702 1.00 2.13  ? 105 HOH A O   1 
HETATM 1517 O O   . HOH C 2 .  ? -11.269 8.998   -17.347 1.00 2.13  ? 106 HOH A O   1 
HETATM 1518 O O   . HOH C 2 .  ? 1.543   5.038   -24.135 1.00 2.13  ? 107 HOH A O   1 
HETATM 1519 O O   . HOH C 2 .  ? 1.883   -15.564 -23.957 1.00 2.13  ? 108 HOH A O   1 
HETATM 1520 O O   . HOH C 2 .  ? -8.524  -10.858 -20.064 1.00 2.13  ? 109 HOH A O   1 
HETATM 1521 O O   . HOH C 2 .  ? 6.380   7.161   -16.879 1.00 2.13  ? 110 HOH A O   1 
HETATM 1522 O O   . HOH C 2 .  ? 10.519  4.037   5.430   1.00 2.13  ? 111 HOH A O   1 
HETATM 1523 O O   . HOH C 2 .  ? 24.767  -4.123  -2.007  1.00 2.13  ? 112 HOH A O   1 
HETATM 1524 O O   . HOH C 2 .  ? 3.982   8.479   -2.600  1.00 2.13  ? 113 HOH A O   1 
HETATM 1525 O O   . HOH C 2 .  ? 13.945  3.695   5.749   1.00 2.13  ? 114 HOH A O   1 
HETATM 1526 O O   . HOH C 2 .  ? 12.613  -2.272  1.515   1.00 2.13  ? 115 HOH A O   1 
HETATM 1527 O O   . HOH C 2 .  ? 19.337  -19.725 -5.594  1.00 2.13  ? 116 HOH A O   1 
HETATM 1528 O O   . HOH C 2 .  ? 11.467  -4.613  -17.217 1.00 2.13  ? 117 HOH A O   1 
HETATM 1529 O O   . HOH C 2 .  ? 17.876  -1.942  1.296   1.00 2.13  ? 118 HOH A O   1 
HETATM 1530 O O   . HOH C 2 .  ? 16.213  5.442   0.442   1.00 2.13  ? 119 HOH A O   1 
HETATM 1531 O O   . HOH C 2 .  ? 15.939  4.824   7.022   1.00 2.13  ? 120 HOH A O   1 
HETATM 1532 O O   . HOH C 2 .  ? 12.016  -14.743 -6.461  1.00 2.13  ? 121 HOH A O   1 
HETATM 1533 O O   . HOH C 2 .  ? 27.494  -4.333  -0.942  1.00 2.13  ? 122 HOH A O   1 
HETATM 1534 O O   . HOH C 2 .  ? 14.066  6.235   6.719   1.00 2.13  ? 123 HOH A O   1 
HETATM 1535 O O   . HOH C 2 .  ? -14.013 -3.669  -9.752  1.00 2.13  ? 124 HOH A O   1 
HETATM 1536 O O   . HOH C 2 .  ? 0.607   4.956   -3.496  1.00 2.13  ? 125 HOH A O   1 
HETATM 1537 O O   . HOH C 2 .  ? -7.678  -2.836  -11.539 1.00 2.13  ? 126 HOH A O   1 
HETATM 1538 O O   . HOH C 2 .  ? -5.368  -3.716  -26.703 1.00 2.13  ? 127 HOH A O   1 
HETATM 1539 O O   . HOH C 2 .  ? 11.525  -4.064  3.757   1.00 2.13  ? 128 HOH A O   1 
HETATM 1540 O O   . HOH C 2 .  ? 14.115  0.384   -17.373 1.00 2.13  ? 129 HOH A O   1 
HETATM 1541 O O   . HOH C 2 .  ? 23.821  -6.285  0.534   1.00 2.13  ? 130 HOH A O   1 
HETATM 1542 O O   . HOH C 2 .  ? -4.133  -9.847  -7.165  1.00 2.13  ? 131 HOH A O   1 
HETATM 1543 O O   . HOH C 2 .  ? -6.805  -6.576  -9.636  1.00 2.13  ? 132 HOH A O   1 
HETATM 1544 O O   . HOH C 2 .  ? -13.206 -4.798  -18.161 1.00 2.13  ? 133 HOH A O   1 
HETATM 1545 O O   . HOH C 2 .  ? 7.077   -9.680  -12.147 1.00 2.13  ? 134 HOH A O   1 
HETATM 1546 O O   . HOH C 2 .  ? 29.367  -5.384  -10.062 1.00 2.13  ? 135 HOH A O   1 
HETATM 1547 O O   . HOH C 2 .  ? 0.228   -3.956  -23.650 1.00 2.13  ? 136 HOH A O   1 
HETATM 1548 O O   . HOH C 2 .  ? 9.313   -8.369  -10.959 1.00 1.02  ? 137 HOH A O   1 
HETATM 1549 O O   . HOH C 2 .  ? 15.306  -9.051  -14.253 1.00 1.02  ? 138 HOH A O   1 
HETATM 1550 O O   . HOH C 2 .  ? 20.129  4.331   -10.018 1.00 1.02  ? 139 HOH A O   1 
HETATM 1551 O O   . HOH C 2 .  ? 18.279  3.028   -7.326  1.00 1.02  ? 140 HOH A O   1 
HETATM 1552 O O   . HOH C 2 .  ? 12.068  2.812   -15.622 1.00 1.02  ? 141 HOH A O   1 
HETATM 1553 O O   . HOH C 2 .  ? 14.797  -3.290  -19.050 1.00 1.02  ? 142 HOH A O   1 
HETATM 1554 O O   . HOH C 2 .  ? 12.886  5.188   -11.454 1.00 1.02  ? 143 HOH A O   1 
HETATM 1555 O O   . HOH C 2 .  ? 9.467   8.684   -9.235  1.00 1.02  ? 144 HOH A O   1 
HETATM 1556 O O   . HOH C 2 .  ? 22.429  -18.653 0.762   1.00 1.02  ? 145 HOH A O   1 
HETATM 1557 O O   . HOH C 2 .  ? 22.312  -2.899  -0.211  1.00 1.02  ? 146 HOH A O   1 
HETATM 1558 O O   . HOH C 2 .  ? 0.110   2.503   -4.985  1.00 1.02  ? 147 HOH A O   1 
HETATM 1559 O O   . HOH C 2 .  ? -14.009 -8.016  -25.703 1.00 1.02  ? 148 HOH A O   1 
HETATM 1560 O O   . HOH C 2 .  ? -4.794  -4.198  -24.797 1.00 1.02  ? 149 HOH A O   1 
HETATM 1561 O O   . HOH C 2 .  ? 20.236  -18.914 -11.081 1.00 1.02  ? 150 HOH A O   1 
HETATM 1562 O O   . HOH C 2 .  ? 11.082  9.232   -6.680  1.00 1.02  ? 151 HOH A O   1 
HETATM 1563 O O   . HOH C 2 .  ? 6.526   4.420   -7.342  1.00 1.02  ? 152 HOH A O   1 
HETATM 1564 O O   . HOH C 2 .  ? -3.094  -11.695 -22.057 1.00 1.02  ? 153 HOH A O   1 
HETATM 1565 O O   . HOH C 2 .  ? -8.258  9.140   -17.602 1.00 1.02  ? 154 HOH A O   1 
HETATM 1566 O O   . HOH C 2 .  ? 8.781   -5.599  -0.287  1.00 1.02  ? 155 HOH A O   1 
HETATM 1567 O O   . HOH C 2 .  ? 18.798  -9.495  -7.340  1.00 1.02  ? 156 HOH A O   1 
HETATM 1568 O O   . HOH C 2 .  ? 29.006  -8.307  -5.659  1.00 1.02  ? 157 HOH A O   1 
HETATM 1569 O O   . HOH D 2 .  ? -11.161 3.489   17.070  1.00 1.02  ? 102 HOH B O   1 
HETATM 1570 O O   . HOH D 2 .  ? 4.410   -6.613  25.838  1.00 1.02  ? 103 HOH B O   1 
HETATM 1571 O O   . HOH D 2 .  ? -1.863  7.509   24.348  1.00 1.02  ? 104 HOH B O   1 
HETATM 1572 O O   . HOH D 2 .  ? -13.532 0.138   3.131   1.00 1.02  ? 105 HOH B O   1 
HETATM 1573 O O   . HOH D 2 .  ? -17.484 5.635   -1.586  1.00 1.02  ? 106 HOH B O   1 
HETATM 1574 O O   . HOH D 2 .  ? -26.980 6.343   2.467   1.00 1.02  ? 107 HOH B O   1 
HETATM 1575 O O   . HOH D 2 .  ? -10.950 -3.859  25.637  1.00 2.13  ? 108 HOH B O   1 
HETATM 1576 O O   . HOH D 2 .  ? -28.346 -1.555  13.647  1.00 2.13  ? 109 HOH B O   1 
HETATM 1577 O O   . HOH D 2 .  ? 0.555   -5.137  26.639  1.00 2.13  ? 110 HOH B O   1 
HETATM 1578 O O   . HOH D 2 .  ? 0.939   5.778   -0.535  1.00 2.13  ? 111 HOH B O   1 
HETATM 1579 O O   . HOH D 2 .  ? -8.297  1.270   -4.506  1.00 2.13  ? 112 HOH B O   1 
HETATM 1580 O O   . HOH D 2 .  ? -20.971 1.837   7.530   1.00 2.13  ? 113 HOH B O   1 
HETATM 1581 O O   . HOH D 2 .  ? -0.805  11.893  7.484   1.00 2.13  ? 114 HOH B O   1 
HETATM 1582 O O   . HOH D 2 .  ? -26.010 -0.565  -0.364  1.00 2.13  ? 115 HOH B O   1 
HETATM 1583 O O   . HOH D 2 .  ? 8.543   -11.679 26.792  1.00 2.13  ? 116 HOH B O   1 
HETATM 1584 O O   . HOH D 2 .  ? -13.929 12.396  5.767   1.00 2.13  ? 117 HOH B O   1 
HETATM 1585 O O   . HOH D 2 .  ? -7.545  7.544   17.121  1.00 2.13  ? 118 HOH B O   1 
HETATM 1586 O O   . HOH D 2 .  ? -6.477  -4.474  3.425   1.00 2.13  ? 119 HOH B O   1 
HETATM 1587 O O   . HOH D 2 .  ? 4.045   -10.258 4.946   1.00 2.13  ? 120 HOH B O   1 
HETATM 1588 O O   . HOH D 2 .  ? 11.622  -0.217  9.708   1.00 2.13  ? 121 HOH B O   1 
HETATM 1589 O O   . HOH D 2 .  ? 15.910  -5.905  21.886  1.00 2.13  ? 122 HOH B O   1 
HETATM 1590 O O   . HOH D 2 .  ? 6.468   -10.358 10.058  1.00 2.13  ? 123 HOH B O   1 
HETATM 1591 O O   . HOH D 2 .  ? -10.306 -1.750  30.285  1.00 2.13  ? 124 HOH B O   1 
HETATM 1592 O O   . HOH D 2 .  ? 14.068  -8.619  21.262  1.00 2.13  ? 125 HOH B O   1 
HETATM 1593 O O   . HOH D 2 .  ? -22.686 15.202  1.259   1.00 2.13  ? 126 HOH B O   1 
HETATM 1594 O O   . HOH D 2 .  ? -20.388 1.318   -3.842  1.00 2.13  ? 127 HOH B O   1 
HETATM 1595 O O   . HOH D 2 .  ? -11.794 -0.464  25.886  1.00 2.13  ? 128 HOH B O   1 
HETATM 1596 O O   . HOH D 2 .  ? -17.439 18.036  12.284  1.00 2.13  ? 129 HOH B O   1 
HETATM 1597 O O   . HOH D 2 .  ? -16.973 12.879  10.519  1.00 2.13  ? 130 HOH B O   1 
HETATM 1598 O O   . HOH D 2 .  ? -4.985  9.073   6.249   1.00 2.13  ? 131 HOH B O   1 
HETATM 1599 O O   . HOH D 2 .  ? -15.170 18.532  13.669  1.00 2.13  ? 132 HOH B O   1 
HETATM 1600 O O   . HOH D 2 .  ? -10.720 -3.866  13.928  1.00 2.13  ? 133 HOH B O   1 
HETATM 1601 O O   . HOH D 2 .  ? 4.921   -16.485 11.521  1.00 2.13  ? 134 HOH B O   1 
HETATM 1602 O O   . HOH D 2 .  ? -29.286 8.486   5.390   1.00 2.13  ? 135 HOH B O   1 
HETATM 1603 O O   . HOH D 2 .  ? -1.650  9.687   24.925  1.00 2.13  ? 136 HOH B O   1 
HETATM 1604 O O   . HOH D 2 .  ? 12.708  3.746   16.092  1.00 2.13  ? 137 HOH B O   1 
HETATM 1605 O O   . HOH D 2 .  ? -6.364  7.027   25.751  1.00 2.13  ? 138 HOH B O   1 
HETATM 1606 O O   . HOH D 2 .  ? -6.655  7.330   20.726  1.00 2.13  ? 139 HOH B O   1 
HETATM 1607 O O   . HOH D 2 .  ? -6.059  16.318  5.583   1.00 2.13  ? 140 HOH B O   1 
HETATM 1608 O O   . HOH D 2 .  ? -15.713 -0.627  -1.517  1.00 2.13  ? 141 HOH B O   1 
HETATM 1609 O O   . HOH D 2 .  ? 5.700   17.042  9.791   1.00 2.13  ? 142 HOH B O   1 
HETATM 1610 O O   . HOH D 2 .  ? -27.918 -3.796  4.547   1.00 2.13  ? 143 HOH B O   1 
HETATM 1611 O O   . HOH D 2 .  ? 5.319   -7.289  8.158   1.00 2.13  ? 144 HOH B O   1 
HETATM 1612 O O   . HOH D 2 .  ? -17.359 -1.364  7.299   1.00 2.13  ? 145 HOH B O   1 
HETATM 1613 O O   . HOH D 2 .  ? 7.015   2.860   9.121   1.00 2.13  ? 146 HOH B O   1 
HETATM 1614 O O   . HOH D 2 .  ? -20.065 9.374   -0.429  1.00 2.13  ? 147 HOH B O   1 
HETATM 1615 O O   . HOH D 2 .  ? 4.227   14.029  14.433  1.00 2.13  ? 148 HOH B O   1 
HETATM 1616 O O   . HOH D 2 .  ? -3.795  18.417  13.633  1.00 2.13  ? 149 HOH B O   1 
HETATM 1617 O O   . HOH D 2 .  ? -25.196 8.683   1.798   1.00 2.13  ? 150 HOH B O   1 
HETATM 1618 O O   . HOH D 2 .  ? -19.595 -7.072  10.130  1.00 2.13  ? 151 HOH B O   1 
HETATM 1619 O O   . HOH D 2 .  ? -0.785  19.979  14.860  1.00 2.13  ? 152 HOH B O   1 
HETATM 1620 O O   . HOH D 2 .  ? -5.648  23.127  17.727  1.00 2.13  ? 153 HOH B O   1 
HETATM 1621 O O   . HOH D 2 .  ? 7.375   -17.868 18.130  1.00 2.13  ? 154 HOH B O   1 
HETATM 1622 O O   . HOH D 2 .  ? -12.603 19.705  11.598  1.00 2.13  ? 155 HOH B O   1 
HETATM 1623 O O   . HOH D 2 .  ? -9.062  -7.801  13.961  1.00 2.13  ? 156 HOH B O   1 
HETATM 1624 O O   . HOH D 2 .  ? -28.973 -1.923  8.754   1.00 1.02  ? 157 HOH B O   1 
HETATM 1625 O O   . HOH D 2 .  ? 4.492   -12.011 13.264  1.00 1.02  ? 158 HOH B O   1 
HETATM 1626 O O   . HOH D 2 .  ? 2.091   -6.537  19.235  1.00 1.02  ? 159 HOH B O   1 
HETATM 1627 O O   . HOH D 2 .  ? 2.180   14.024  12.311  1.00 1.02  ? 160 HOH B O   1 
HETATM 1628 O O   . HOH D 2 .  ? 2.726   -6.517  28.179  1.00 1.02  ? 161 HOH B O   1 
HETATM 1629 O O   . HOH D 2 .  ? -5.791  -5.795  31.431  1.00 1.02  ? 162 HOH B O   1 
HETATM 1630 O O   . HOH D 2 .  ? -2.199  13.578  1.232   1.00 1.02  ? 163 HOH B O   1 
HETATM 1631 O O   . HOH D 2 .  ? -8.357  -5.414  6.230   1.00 1.02  ? 164 HOH B O   1 
HETATM 1632 O O   . HOH D 2 .  ? 2.148   2.717   5.337   1.00 1.02  ? 165 HOH B O   1 
HETATM 1633 O O   . HOH D 2 .  ? -20.362 22.189  6.121   1.00 1.02  ? 166 HOH B O   1 
HETATM 1634 O O   . HOH D 2 .  ? -4.021  8.161   -5.452  1.00 1.02  ? 167 HOH B O   1 
# 
